data_7LA1
#
_entry.id   7LA1
#
_cell.length_a   77.840
_cell.length_b   111.170
_cell.length_c   99.270
_cell.angle_alpha   90.000
_cell.angle_beta   101.870
_cell.angle_gamma   90.000
#
_symmetry.space_group_name_H-M   'P 1 21 1'
#
loop_
_entity.id
_entity.type
_entity.pdbx_description
1 polymer 'Phosphoglycerate kinase'
2 non-polymer 1,2-ETHANEDIOL
3 water water
#
_entity_poly.entity_id   1
_entity_poly.type   'polypeptide(L)'
_entity_poly.pdbx_seq_one_letter_code
;MVAVHNLKDLLAEGVSGRGVLVRSDLNVPLDSDGEQGRITDPGRITASVPTLSALVEAGAKVVVAAHLGRPKNGPDPALS
LAPVAAALGEQLGRHVQLASDVVGTDALARAEGLTDGDVLLLENIRFDARETSKDDAERLALARQLAELVGPTGAFVSDG
FGVVHRKQASVYDVATLLPHYAGTLVAEEIAVLEQLTGSTKRPYAVVLGGSKVSDKLGVIESLATKADSIVIGGGMCFTF
LAAQGFSVGKSLLETEMVDTCRRLLDTYVDVLRLPVDIVAADRFAADAAPQTVPADAIPDDLMGLDIGPGSVKRFTALLS
NAETIFWNGPMGVFEFPAFAAGTKGLAEAIAAATGKGAFSVVGGGDSAAAVRALGIPESGFSHISTGGGASLEYLEGKAL
PGIEVLGRPQPTGGAAGHHHHHH
;
_entity_poly.pdbx_strand_id   A,B,C,D
#
# COMPACT_ATOMS: atom_id res chain seq x y z
N MET A 1 24.96 46.74 4.14
CA MET A 1 25.04 45.92 5.34
C MET A 1 25.26 44.45 5.02
N VAL A 2 26.17 44.15 4.09
CA VAL A 2 26.42 42.79 3.61
C VAL A 2 27.84 42.40 3.98
N ALA A 3 27.97 41.36 4.81
CA ALA A 3 29.28 40.86 5.19
C ALA A 3 29.12 39.37 5.47
N VAL A 4 29.79 38.54 4.68
CA VAL A 4 29.78 37.10 4.90
C VAL A 4 30.95 36.81 5.84
N HIS A 5 30.63 36.59 7.11
CA HIS A 5 31.67 36.28 8.06
C HIS A 5 32.11 34.84 7.88
N ASN A 6 33.34 34.56 8.27
CA ASN A 6 33.96 33.27 7.98
C ASN A 6 34.23 32.53 9.30
N LEU A 7 34.90 31.39 9.20
CA LEU A 7 35.11 30.57 10.39
C LEU A 7 36.09 31.26 11.35
N LYS A 8 37.09 31.96 10.82
CA LYS A 8 37.98 32.73 11.69
C LYS A 8 37.21 33.74 12.50
N ASP A 9 36.20 34.38 11.89
CA ASP A 9 35.37 35.33 12.63
C ASP A 9 34.62 34.64 13.77
N LEU A 10 34.07 33.45 13.50
CA LEU A 10 33.32 32.74 14.54
C LEU A 10 34.24 32.33 15.67
N LEU A 11 35.41 31.79 15.33
CA LEU A 11 36.37 31.39 16.35
C LEU A 11 36.78 32.57 17.22
N ALA A 12 36.87 33.77 16.63
CA ALA A 12 37.24 34.96 17.40
C ALA A 12 36.14 35.39 18.37
N GLU A 13 34.87 35.09 18.04
CA GLU A 13 33.78 35.32 18.98
C GLU A 13 33.85 34.35 20.15
N GLY A 14 34.39 33.16 19.92
CA GLY A 14 34.47 32.14 20.96
C GLY A 14 33.44 31.05 20.75
N VAL A 15 33.86 29.79 20.81
CA VAL A 15 32.94 28.67 20.64
C VAL A 15 33.16 27.62 21.72
N SER A 16 33.99 27.92 22.70
CA SER A 16 34.25 26.94 23.75
C SER A 16 32.97 26.67 24.55
N GLY A 17 32.54 25.42 24.55
CA GLY A 17 31.28 25.06 25.19
C GLY A 17 30.04 25.49 24.46
N ARG A 18 30.17 25.98 23.23
CA ARG A 18 29.07 26.53 22.46
C ARG A 18 28.58 25.52 21.43
N GLY A 19 27.26 25.42 21.28
CA GLY A 19 26.72 24.60 20.22
C GLY A 19 26.92 25.25 18.87
N VAL A 20 27.52 24.51 17.94
CA VAL A 20 27.73 25.02 16.59
C VAL A 20 27.13 24.02 15.61
N LEU A 21 26.12 24.45 14.87
CA LEU A 21 25.48 23.65 13.85
C LEU A 21 26.22 23.88 12.55
N VAL A 22 26.77 22.81 11.96
CA VAL A 22 27.54 22.90 10.72
C VAL A 22 26.77 22.15 9.65
N ARG A 23 26.47 22.83 8.55
CA ARG A 23 25.93 22.16 7.36
C ARG A 23 27.11 21.69 6.51
N SER A 24 27.35 20.39 6.47
CA SER A 24 28.47 19.87 5.70
C SER A 24 27.99 19.24 4.40
N ASP A 25 28.92 19.12 3.47
CA ASP A 25 28.74 18.34 2.25
C ASP A 25 29.30 16.95 2.50
N LEU A 26 28.42 15.99 2.79
CA LEU A 26 28.82 14.61 3.00
C LEU A 26 28.10 13.68 2.05
N ASN A 27 27.70 14.21 0.90
CA ASN A 27 26.91 13.46 -0.08
C ASN A 27 27.84 12.63 -0.98
N VAL A 28 28.46 11.63 -0.36
CA VAL A 28 29.46 10.80 -1.03
C VAL A 28 28.79 9.78 -1.93
N PRO A 29 29.42 9.40 -3.03
CA PRO A 29 28.86 8.33 -3.86
CA PRO A 29 28.88 8.32 -3.87
C PRO A 29 28.86 7.00 -3.12
N LEU A 30 27.79 6.25 -3.33
CA LEU A 30 27.61 4.93 -2.76
C LEU A 30 27.49 3.91 -3.89
N ASP A 31 27.93 2.68 -3.61
CA ASP A 31 27.62 1.55 -4.47
C ASP A 31 26.13 1.29 -4.40
N SER A 32 25.43 1.34 -5.53
CA SER A 32 24.04 0.90 -5.55
C SER A 32 23.82 -0.27 -6.51
N ASP A 33 24.90 -0.95 -6.91
CA ASP A 33 24.72 -2.24 -7.58
C ASP A 33 24.56 -3.34 -6.55
N GLY A 34 25.39 -3.34 -5.52
CA GLY A 34 25.40 -4.41 -4.53
C GLY A 34 24.88 -3.94 -3.18
N GLU A 35 25.41 -4.53 -2.12
CA GLU A 35 24.94 -4.28 -0.76
C GLU A 35 25.01 -2.80 -0.40
N GLN A 36 24.05 -2.36 0.42
CA GLN A 36 23.99 -0.96 0.77
CA GLN A 36 23.96 -0.96 0.81
C GLN A 36 25.10 -0.55 1.74
N GLY A 37 25.31 0.75 1.85
CA GLY A 37 26.22 1.29 2.83
C GLY A 37 27.69 1.32 2.48
N ARG A 38 28.05 1.19 1.20
CA ARG A 38 29.46 1.18 0.80
C ARG A 38 29.82 2.47 0.08
N ILE A 39 30.70 3.25 0.68
CA ILE A 39 31.16 4.51 0.09
C ILE A 39 32.21 4.20 -0.97
N THR A 40 32.05 4.78 -2.17
CA THR A 40 33.00 4.53 -3.24
C THR A 40 33.96 5.68 -3.48
N ASP A 41 33.71 6.85 -2.89
CA ASP A 41 34.65 7.97 -2.94
C ASP A 41 34.42 8.84 -1.71
N PRO A 42 35.35 8.82 -0.75
CA PRO A 42 35.18 9.62 0.46
C PRO A 42 35.70 11.05 0.36
N GLY A 43 35.98 11.52 -0.86
CA GLY A 43 36.54 12.86 -1.02
C GLY A 43 35.79 13.95 -0.27
N ARG A 44 34.45 13.89 -0.30
CA ARG A 44 33.69 14.96 0.36
C ARG A 44 33.82 14.88 1.87
N ILE A 45 33.98 13.69 2.41
CA ILE A 45 34.24 13.56 3.84
C ILE A 45 35.60 14.17 4.18
N THR A 46 36.63 13.83 3.39
CA THR A 46 37.94 14.44 3.61
C THR A 46 37.86 15.96 3.56
N ALA A 47 37.12 16.49 2.58
CA ALA A 47 37.03 17.94 2.42
C ALA A 47 36.33 18.62 3.58
N SER A 48 35.45 17.90 4.28
CA SER A 48 34.65 18.49 5.35
C SER A 48 35.46 18.68 6.63
N VAL A 49 36.63 18.05 6.74
CA VAL A 49 37.35 17.94 8.01
C VAL A 49 37.89 19.28 8.51
N PRO A 50 38.50 20.14 7.69
CA PRO A 50 39.10 21.37 8.24
C PRO A 50 38.16 22.23 9.07
N THR A 51 36.94 22.47 8.57
CA THR A 51 35.98 23.24 9.35
C THR A 51 35.64 22.53 10.65
N LEU A 52 35.38 21.23 10.58
CA LEU A 52 34.98 20.50 11.78
C LEU A 52 36.13 20.40 12.77
N SER A 53 37.33 20.14 12.28
CA SER A 53 38.49 20.04 13.17
CA SER A 53 38.49 20.04 13.17
C SER A 53 38.75 21.35 13.90
N ALA A 54 38.66 22.48 13.18
CA ALA A 54 38.89 23.78 13.81
C ALA A 54 37.90 24.03 14.94
N LEU A 55 36.63 23.67 14.74
CA LEU A 55 35.63 23.86 15.79
C LEU A 55 35.89 22.92 16.97
N VAL A 56 36.21 21.66 16.68
CA VAL A 56 36.51 20.69 17.74
C VAL A 56 37.65 21.18 18.62
N GLU A 57 38.74 21.61 17.99
CA GLU A 57 39.91 22.02 18.74
C GLU A 57 39.64 23.25 19.59
N ALA A 58 38.71 24.10 19.16
CA ALA A 58 38.34 25.28 19.91
C ALA A 58 37.28 25.01 20.97
N GLY A 59 36.87 23.76 21.17
CA GLY A 59 35.97 23.41 22.24
C GLY A 59 34.49 23.45 21.89
N ALA A 60 34.14 23.55 20.62
CA ALA A 60 32.73 23.63 20.24
C ALA A 60 32.02 22.31 20.47
N LYS A 61 30.73 22.38 20.73
CA LYS A 61 29.82 21.23 20.70
C LYS A 61 29.24 21.17 19.30
N VAL A 62 29.73 20.27 18.47
CA VAL A 62 29.48 20.32 17.03
C VAL A 62 28.34 19.40 16.65
N VAL A 63 27.31 19.97 16.02
CA VAL A 63 26.18 19.23 15.48
C VAL A 63 26.25 19.37 13.97
N VAL A 64 26.34 18.25 13.25
CA VAL A 64 26.52 18.27 11.80
C VAL A 64 25.21 17.85 11.12
N ALA A 65 24.78 18.66 10.17
CA ALA A 65 23.64 18.34 9.30
C ALA A 65 24.15 18.13 7.89
N ALA A 66 23.72 17.03 7.26
CA ALA A 66 24.15 16.74 5.90
C ALA A 66 23.14 15.81 5.26
N HIS A 67 23.18 15.73 3.93
CA HIS A 67 22.30 14.81 3.22
C HIS A 67 23.11 13.81 2.40
N LEU A 68 22.42 12.73 2.06
CA LEU A 68 22.94 11.68 1.21
C LEU A 68 21.86 11.36 0.19
N GLY A 69 22.16 11.54 -1.10
CA GLY A 69 21.19 11.28 -2.13
C GLY A 69 19.95 12.15 -2.03
N ARG A 70 18.83 11.65 -2.55
CA ARG A 70 17.56 12.37 -2.51
CA ARG A 70 17.55 12.36 -2.55
C ARG A 70 16.47 11.41 -2.06
N PRO A 71 16.34 11.23 -0.76
CA PRO A 71 15.26 10.38 -0.24
C PRO A 71 13.91 10.82 -0.80
N LYS A 72 13.12 9.84 -1.21
CA LYS A 72 11.86 10.13 -1.86
C LYS A 72 10.86 10.67 -0.86
N ASN A 73 10.70 9.99 0.27
CA ASN A 73 9.68 10.33 1.24
C ASN A 73 10.04 9.70 2.57
N GLY A 74 10.90 10.36 3.34
CA GLY A 74 11.25 9.88 4.65
C GLY A 74 12.46 8.98 4.65
N PRO A 75 12.75 8.39 5.81
CA PRO A 75 13.93 7.54 5.95
C PRO A 75 14.01 6.45 4.88
N ASP A 76 15.23 6.20 4.44
CA ASP A 76 15.59 5.24 3.41
C ASP A 76 16.89 4.61 3.88
N PRO A 77 16.90 3.32 4.23
CA PRO A 77 18.09 2.71 4.82
C PRO A 77 19.31 2.75 3.92
N ALA A 78 19.11 2.75 2.60
CA ALA A 78 20.26 2.85 1.69
C ALA A 78 20.92 4.21 1.78
N LEU A 79 20.23 5.21 2.33
CA LEU A 79 20.73 6.58 2.38
C LEU A 79 20.97 7.04 3.82
N SER A 80 21.08 6.10 4.75
CA SER A 80 21.48 6.44 6.11
C SER A 80 22.91 6.98 6.13
N LEU A 81 23.18 7.93 7.04
CA LEU A 81 24.54 8.45 7.20
C LEU A 81 25.42 7.56 8.06
N ALA A 82 24.97 6.37 8.48
CA ALA A 82 25.82 5.50 9.28
C ALA A 82 27.22 5.30 8.71
N PRO A 83 27.41 4.95 7.44
CA PRO A 83 28.80 4.77 6.96
C PRO A 83 29.57 6.08 6.90
N VAL A 84 28.88 7.20 6.74
CA VAL A 84 29.53 8.51 6.76
C VAL A 84 30.03 8.85 8.17
N ALA A 85 29.20 8.59 9.19
CA ALA A 85 29.64 8.81 10.56
C ALA A 85 30.90 8.01 10.88
N ALA A 86 30.94 6.74 10.46
CA ALA A 86 32.12 5.91 10.70
C ALA A 86 33.34 6.51 10.01
N ALA A 87 33.21 6.85 8.73
CA ALA A 87 34.34 7.34 7.97
C ALA A 87 34.78 8.71 8.45
N LEU A 88 33.82 9.58 8.79
CA LEU A 88 34.18 10.89 9.30
C LEU A 88 34.92 10.79 10.62
N GLY A 89 34.46 9.88 11.50
CA GLY A 89 35.15 9.69 12.77
C GLY A 89 36.59 9.23 12.57
N GLU A 90 36.81 8.32 11.61
CA GLU A 90 38.16 7.85 11.36
C GLU A 90 39.06 9.00 10.94
N GLN A 91 38.55 9.90 10.09
CA GLN A 91 39.36 11.03 9.65
C GLN A 91 39.56 12.06 10.75
N LEU A 92 38.58 12.23 11.64
CA LEU A 92 38.72 13.16 12.74
C LEU A 92 39.53 12.61 13.91
N GLY A 93 39.79 11.31 13.95
CA GLY A 93 40.43 10.71 15.11
C GLY A 93 39.59 10.78 16.36
N ARG A 94 38.27 10.78 16.22
CA ARG A 94 37.38 10.83 17.37
C ARG A 94 36.04 10.24 16.96
N HIS A 95 35.32 9.71 17.94
CA HIS A 95 34.02 9.12 17.65
C HIS A 95 33.06 10.17 17.13
N VAL A 96 32.32 9.83 16.08
CA VAL A 96 31.23 10.66 15.58
C VAL A 96 29.95 9.86 15.78
N GLN A 97 29.13 10.28 16.73
CA GLN A 97 27.88 9.59 17.01
C GLN A 97 26.84 9.98 15.96
N LEU A 98 26.12 8.97 15.45
CA LEU A 98 24.97 9.19 14.58
C LEU A 98 23.71 9.22 15.41
N ALA A 99 22.93 10.29 15.29
CA ALA A 99 21.60 10.28 15.89
C ALA A 99 20.69 9.38 15.07
N SER A 100 19.73 8.72 15.73
CA SER A 100 18.85 7.84 14.96
C SER A 100 17.70 8.59 14.31
N ASP A 101 17.60 9.90 14.51
CA ASP A 101 16.62 10.71 13.81
C ASP A 101 17.26 12.05 13.48
N VAL A 102 16.46 12.95 12.91
CA VAL A 102 16.98 14.21 12.39
C VAL A 102 16.84 15.29 13.45
N VAL A 103 15.62 15.51 13.93
CA VAL A 103 15.34 16.48 14.99
C VAL A 103 14.36 15.85 15.96
N GLY A 104 14.42 14.53 16.09
CA GLY A 104 13.51 13.80 16.95
C GLY A 104 14.04 13.61 18.35
N THR A 105 13.51 12.59 19.01
CA THR A 105 13.84 12.31 20.41
CA THR A 105 13.84 12.37 20.41
C THR A 105 15.33 12.08 20.60
N ASP A 106 15.94 11.33 19.69
CA ASP A 106 17.35 10.97 19.86
C ASP A 106 18.26 12.16 19.59
N ALA A 107 18.00 12.89 18.50
CA ALA A 107 18.78 14.10 18.21
C ALA A 107 18.71 15.09 19.36
N LEU A 108 17.51 15.30 19.90
CA LEU A 108 17.33 16.19 21.05
C LEU A 108 18.15 15.72 22.26
N ALA A 109 18.01 14.44 22.62
CA ALA A 109 18.73 13.92 23.77
C ALA A 109 20.24 14.05 23.59
N ARG A 110 20.74 13.70 22.40
CA ARG A 110 22.17 13.70 22.20
C ARG A 110 22.73 15.12 22.10
N ALA A 111 22.00 16.03 21.44
CA ALA A 111 22.45 17.43 21.39
C ALA A 111 22.52 18.02 22.79
N GLU A 112 21.50 17.76 23.62
CA GLU A 112 21.51 18.27 24.99
C GLU A 112 22.67 17.72 25.81
N GLY A 113 23.10 16.49 25.53
CA GLY A 113 24.18 15.87 26.28
C GLY A 113 25.58 16.14 25.77
N LEU A 114 25.73 16.85 24.66
CA LEU A 114 27.03 17.10 24.06
C LEU A 114 27.94 17.85 25.02
N THR A 115 29.23 17.55 24.95
CA THR A 115 30.27 18.20 25.73
C THR A 115 31.34 18.70 24.77
N ASP A 116 32.21 19.57 25.29
CA ASP A 116 33.16 20.30 24.45
C ASP A 116 33.99 19.34 23.59
N GLY A 117 34.02 19.61 22.28
CA GLY A 117 34.77 18.81 21.34
C GLY A 117 34.03 17.63 20.76
N ASP A 118 32.83 17.31 21.26
CA ASP A 118 32.07 16.19 20.72
C ASP A 118 31.46 16.56 19.37
N VAL A 119 31.32 15.56 18.49
CA VAL A 119 30.71 15.72 17.18
C VAL A 119 29.52 14.78 17.06
N LEU A 120 28.34 15.34 16.84
CA LEU A 120 27.10 14.60 16.60
C LEU A 120 26.69 14.81 15.16
N LEU A 121 26.53 13.70 14.43
CA LEU A 121 26.00 13.75 13.07
C LEU A 121 24.52 13.38 13.11
N LEU A 122 23.66 14.34 12.75
CA LEU A 122 22.24 14.02 12.63
C LEU A 122 22.03 13.02 11.50
N GLU A 123 20.96 12.26 11.59
CA GLU A 123 20.63 11.42 10.44
C GLU A 123 20.33 12.30 9.22
N ASN A 124 20.45 11.71 8.03
CA ASN A 124 20.23 12.35 6.74
C ASN A 124 19.15 13.42 6.81
N ILE A 125 19.54 14.69 6.65
CA ILE A 125 18.59 15.79 6.87
C ILE A 125 17.41 15.69 5.90
N ARG A 126 17.61 15.08 4.72
CA ARG A 126 16.52 14.94 3.75
C ARG A 126 15.55 13.81 4.11
N PHE A 127 15.78 13.07 5.20
CA PHE A 127 14.73 12.20 5.73
C PHE A 127 13.53 13.00 6.21
N ASP A 128 13.69 14.30 6.46
CA ASP A 128 12.60 15.18 6.81
C ASP A 128 12.15 15.89 5.54
N ALA A 129 10.91 15.66 5.15
CA ALA A 129 10.40 16.24 3.90
C ALA A 129 10.43 17.76 3.90
N ARG A 130 10.45 18.39 5.08
CA ARG A 130 10.47 19.85 5.11
C ARG A 130 11.79 20.44 4.63
N GLU A 131 12.88 19.65 4.66
CA GLU A 131 14.21 20.17 4.33
C GLU A 131 14.26 20.79 2.94
N THR A 132 13.61 20.16 1.94
CA THR A 132 13.67 20.62 0.57
C THR A 132 12.38 21.29 0.10
N SER A 133 11.44 21.57 1.02
CA SER A 133 10.13 22.06 0.61
C SER A 133 10.25 23.44 -0.01
N LYS A 134 9.43 23.69 -1.03
CA LYS A 134 9.34 25.05 -1.54
C LYS A 134 8.63 25.98 -0.58
N ASP A 135 7.89 25.42 0.39
CA ASP A 135 7.09 26.23 1.30
C ASP A 135 7.96 26.77 2.43
N ASP A 136 8.07 28.09 2.51
CA ASP A 136 8.95 28.70 3.52
C ASP A 136 8.55 28.29 4.93
N ALA A 137 7.24 28.25 5.23
CA ALA A 137 6.81 27.93 6.58
C ALA A 137 7.26 26.54 7.00
N GLU A 138 7.23 25.58 6.06
CA GLU A 138 7.67 24.23 6.37
CA GLU A 138 7.68 24.22 6.36
C GLU A 138 9.18 24.19 6.64
N ARG A 139 9.97 24.85 5.79
CA ARG A 139 11.41 24.89 6.03
C ARG A 139 11.73 25.58 7.34
N LEU A 140 11.03 26.69 7.64
CA LEU A 140 11.33 27.41 8.87
C LEU A 140 11.00 26.59 10.11
N ALA A 141 9.96 25.76 10.04
CA ALA A 141 9.62 24.93 11.19
C ALA A 141 10.72 23.92 11.48
N LEU A 142 11.25 23.28 10.42
CA LEU A 142 12.40 22.40 10.61
C LEU A 142 13.63 23.17 11.06
N ALA A 143 13.86 24.35 10.50
CA ALA A 143 15.02 25.15 10.87
C ALA A 143 14.98 25.51 12.35
N ARG A 144 13.79 25.79 12.88
CA ARG A 144 13.69 26.11 14.30
C ARG A 144 14.10 24.91 15.15
N GLN A 145 13.71 23.70 14.72
CA GLN A 145 14.10 22.50 15.46
C GLN A 145 15.60 22.25 15.37
N LEU A 146 16.22 22.49 14.19
CA LEU A 146 17.67 22.38 14.08
C LEU A 146 18.36 23.37 15.01
N ALA A 147 17.92 24.64 15.00
CA ALA A 147 18.56 25.65 15.84
C ALA A 147 18.40 25.33 17.32
N GLU A 148 17.29 24.67 17.69
CA GLU A 148 17.09 24.30 19.09
CA GLU A 148 17.07 24.28 19.08
C GLU A 148 18.14 23.32 19.56
N LEU A 149 18.72 22.53 18.64
CA LEU A 149 19.72 21.54 19.03
C LEU A 149 20.98 22.19 19.58
N VAL A 150 21.32 23.39 19.11
CA VAL A 150 22.51 24.08 19.60
C VAL A 150 22.18 25.19 20.57
N GLY A 151 20.91 25.53 20.77
CA GLY A 151 20.50 26.42 21.83
C GLY A 151 20.59 27.88 21.44
N PRO A 152 20.03 28.74 22.28
CA PRO A 152 19.98 30.17 21.93
C PRO A 152 21.34 30.83 21.79
N THR A 153 22.38 30.31 22.44
CA THR A 153 23.71 30.88 22.32
C THR A 153 24.53 30.27 21.18
N GLY A 154 23.92 29.40 20.38
CA GLY A 154 24.64 28.67 19.36
C GLY A 154 25.01 29.49 18.13
N ALA A 155 25.64 28.81 17.17
CA ALA A 155 26.00 29.44 15.90
C ALA A 155 25.79 28.45 14.77
N PHE A 156 25.73 28.99 13.55
CA PHE A 156 25.53 28.22 12.34
C PHE A 156 26.69 28.45 11.37
N VAL A 157 27.23 27.38 10.83
CA VAL A 157 28.30 27.41 9.84
C VAL A 157 27.82 26.69 8.59
N SER A 158 27.83 27.38 7.44
CA SER A 158 27.44 26.79 6.16
C SER A 158 28.68 26.32 5.42
N ASP A 159 28.84 24.98 5.25
CA ASP A 159 30.07 24.48 4.66
C ASP A 159 29.83 23.50 3.51
N GLY A 160 28.62 23.47 2.95
CA GLY A 160 28.31 22.68 1.77
C GLY A 160 27.92 23.56 0.60
N PHE A 161 28.86 23.83 -0.31
CA PHE A 161 28.58 24.81 -1.34
C PHE A 161 27.57 24.30 -2.36
N GLY A 162 27.60 23.00 -2.67
CA GLY A 162 26.74 22.46 -3.70
C GLY A 162 25.25 22.57 -3.43
N VAL A 163 24.84 22.98 -2.23
CA VAL A 163 23.43 23.15 -1.94
C VAL A 163 23.07 24.61 -1.69
N VAL A 164 23.98 25.55 -1.90
CA VAL A 164 23.60 26.93 -1.58
C VAL A 164 22.78 27.62 -2.66
N HIS A 165 22.55 26.99 -3.80
CA HIS A 165 21.78 27.64 -4.87
C HIS A 165 20.28 27.39 -4.77
N ARG A 166 19.84 26.56 -3.83
CA ARG A 166 18.42 26.31 -3.62
C ARG A 166 18.11 26.43 -2.14
N LYS A 167 16.95 26.96 -1.81
CA LYS A 167 16.57 27.11 -0.40
C LYS A 167 16.31 25.74 0.19
N GLN A 168 17.08 25.40 1.24
CA GLN A 168 16.86 24.21 2.06
C GLN A 168 16.96 24.61 3.51
N ALA A 169 16.19 23.91 4.37
CA ALA A 169 16.09 24.36 5.75
C ALA A 169 17.43 24.43 6.45
N SER A 170 18.27 23.41 6.26
CA SER A 170 19.57 23.32 6.93
C SER A 170 20.63 24.22 6.32
N VAL A 171 20.33 24.86 5.19
CA VAL A 171 21.29 25.68 4.46
C VAL A 171 20.91 27.15 4.53
N TYR A 172 19.62 27.44 4.41
CA TYR A 172 19.15 28.78 4.22
C TYR A 172 18.37 29.27 5.42
N ASP A 173 17.25 28.63 5.72
CA ASP A 173 16.36 29.17 6.74
C ASP A 173 16.99 29.15 8.12
N VAL A 174 17.77 28.12 8.44
CA VAL A 174 18.36 28.08 9.77
C VAL A 174 19.38 29.20 9.95
N ALA A 175 19.97 29.70 8.86
CA ALA A 175 20.91 30.80 8.97
C ALA A 175 20.24 32.10 9.40
N THR A 176 18.91 32.18 9.32
CA THR A 176 18.17 33.34 9.82
C THR A 176 17.92 33.26 11.32
N LEU A 177 18.21 32.14 11.96
CA LEU A 177 17.88 31.93 13.37
C LEU A 177 19.08 32.04 14.30
N LEU A 178 20.29 32.10 13.77
CA LEU A 178 21.50 32.04 14.56
C LEU A 178 22.56 32.93 13.93
N PRO A 179 23.54 33.40 14.73
CA PRO A 179 24.74 33.96 14.14
C PRO A 179 25.29 32.98 13.10
N HIS A 180 25.63 33.50 11.93
CA HIS A 180 25.81 32.67 10.75
C HIS A 180 27.12 33.01 10.04
N TYR A 181 27.77 31.97 9.51
CA TYR A 181 29.13 32.07 8.98
C TYR A 181 29.31 31.12 7.81
N ALA A 182 30.15 31.51 6.86
CA ALA A 182 30.60 30.57 5.84
C ALA A 182 31.76 29.74 6.38
N GLY A 183 31.68 28.42 6.23
CA GLY A 183 32.78 27.57 6.60
C GLY A 183 33.91 27.65 5.57
N THR A 184 34.97 26.91 5.84
CA THR A 184 36.19 27.07 5.05
C THR A 184 35.97 26.72 3.58
N LEU A 185 35.13 25.71 3.30
CA LEU A 185 34.90 25.31 1.91
C LEU A 185 34.06 26.32 1.16
N VAL A 186 33.00 26.82 1.80
CA VAL A 186 32.14 27.80 1.14
C VAL A 186 32.90 29.11 0.93
N ALA A 187 33.65 29.60 1.94
CA ALA A 187 34.44 30.80 1.75
C ALA A 187 35.46 30.63 0.63
N GLU A 188 36.10 29.45 0.54
CA GLU A 188 37.09 29.29 -0.51
CA GLU A 188 37.09 29.24 -0.51
C GLU A 188 36.45 29.22 -1.88
N GLU A 189 35.31 28.53 -2.02
CA GLU A 189 34.64 28.46 -3.31
C GLU A 189 34.19 29.84 -3.76
N ILE A 190 33.66 30.65 -2.84
CA ILE A 190 33.29 32.02 -3.20
C ILE A 190 34.49 32.79 -3.71
N ALA A 191 35.63 32.66 -3.03
CA ALA A 191 36.82 33.39 -3.45
C ALA A 191 37.26 32.96 -4.84
N VAL A 192 37.14 31.66 -5.12
CA VAL A 192 37.49 31.16 -6.44
C VAL A 192 36.54 31.70 -7.49
N LEU A 193 35.24 31.62 -7.22
CA LEU A 193 34.27 32.08 -8.21
C LEU A 193 34.38 33.59 -8.44
N GLU A 194 34.81 34.35 -7.42
CA GLU A 194 35.04 35.78 -7.61
C GLU A 194 36.14 36.05 -8.62
N GLN A 195 37.22 35.25 -8.57
CA GLN A 195 38.23 35.37 -9.60
C GLN A 195 37.67 35.06 -10.98
N LEU A 196 36.71 34.15 -11.07
CA LEU A 196 36.22 33.76 -12.39
C LEU A 196 35.15 34.71 -12.93
N THR A 197 34.62 35.60 -12.10
CA THR A 197 33.58 36.53 -12.53
C THR A 197 34.00 37.99 -12.46
N GLY A 198 34.73 38.38 -11.42
CA GLY A 198 35.04 39.78 -11.20
C GLY A 198 36.44 40.15 -11.63
N SER A 199 37.34 40.30 -10.65
CA SER A 199 38.70 40.70 -10.92
C SER A 199 39.60 39.46 -10.92
N THR A 200 40.38 39.31 -11.99
CA THR A 200 41.34 38.21 -12.07
C THR A 200 42.40 38.58 -13.10
N LYS A 201 43.59 38.00 -12.93
CA LYS A 201 44.67 38.24 -13.86
C LYS A 201 44.28 37.82 -15.27
N ARG A 202 44.63 38.66 -16.25
CA ARG A 202 44.40 38.41 -17.66
C ARG A 202 45.70 38.00 -18.33
N PRO A 203 45.64 37.29 -19.47
CA PRO A 203 44.42 36.81 -20.14
C PRO A 203 43.67 35.75 -19.35
N TYR A 204 42.35 35.76 -19.53
CA TYR A 204 41.42 34.86 -18.87
C TYR A 204 40.83 33.95 -19.93
N ALA A 205 41.18 32.66 -19.89
CA ALA A 205 40.75 31.69 -20.88
C ALA A 205 39.76 30.72 -20.25
N VAL A 206 38.63 30.51 -20.93
CA VAL A 206 37.60 29.58 -20.52
C VAL A 206 37.54 28.47 -21.56
N VAL A 207 37.40 27.22 -21.11
CA VAL A 207 37.28 26.07 -21.99
C VAL A 207 36.05 25.31 -21.57
N LEU A 208 35.08 25.17 -22.47
CA LEU A 208 33.84 24.47 -22.16
C LEU A 208 33.62 23.33 -23.14
N GLY A 209 33.32 22.14 -22.59
CA GLY A 209 33.06 20.95 -23.36
C GLY A 209 31.71 20.34 -22.96
N GLY A 210 31.62 19.02 -23.10
CA GLY A 210 30.36 18.35 -22.87
C GLY A 210 29.47 18.38 -24.11
N SER A 211 28.30 17.76 -23.99
CA SER A 211 27.46 17.41 -25.14
C SER A 211 26.45 18.48 -25.55
N LYS A 212 25.87 19.22 -24.60
CA LYS A 212 24.72 20.07 -24.89
C LYS A 212 25.04 21.54 -24.69
N VAL A 213 24.75 22.35 -25.73
CA VAL A 213 24.88 23.80 -25.60
C VAL A 213 23.95 24.32 -24.51
N SER A 214 22.72 23.82 -24.47
CA SER A 214 21.74 24.37 -23.54
C SER A 214 22.19 24.26 -22.09
N ASP A 215 23.03 23.26 -21.77
CA ASP A 215 23.53 23.12 -20.41
C ASP A 215 24.52 24.23 -20.04
N LYS A 216 25.22 24.78 -21.03
CA LYS A 216 26.25 25.78 -20.78
CA LYS A 216 26.26 25.77 -20.79
C LYS A 216 25.88 27.16 -21.28
N LEU A 217 24.67 27.32 -21.82
CA LEU A 217 24.27 28.58 -22.45
C LEU A 217 24.38 29.75 -21.48
N GLY A 218 23.87 29.59 -20.27
CA GLY A 218 23.92 30.70 -19.32
C GLY A 218 25.34 31.09 -18.97
N VAL A 219 26.21 30.11 -18.79
CA VAL A 219 27.61 30.39 -18.47
C VAL A 219 28.32 31.05 -19.65
N ILE A 220 28.06 30.58 -20.87
CA ILE A 220 28.70 31.18 -22.03
C ILE A 220 28.31 32.65 -22.15
N GLU A 221 27.02 32.95 -22.02
CA GLU A 221 26.60 34.33 -22.23
C GLU A 221 27.07 35.23 -21.11
N SER A 222 27.22 34.70 -19.89
CA SER A 222 27.74 35.49 -18.79
C SER A 222 29.25 35.71 -18.94
N LEU A 223 30.00 34.65 -19.23
CA LEU A 223 31.45 34.78 -19.27
C LEU A 223 31.95 35.42 -20.56
N ALA A 224 31.11 35.51 -21.60
CA ALA A 224 31.55 36.11 -22.86
C ALA A 224 31.84 37.60 -22.73
N THR A 225 31.31 38.26 -21.71
CA THR A 225 31.67 39.66 -21.46
C THR A 225 32.77 39.81 -20.43
N LYS A 226 33.31 38.70 -19.92
CA LYS A 226 34.33 38.71 -18.89
C LYS A 226 35.63 38.06 -19.34
N ALA A 227 35.55 36.92 -20.01
CA ALA A 227 36.76 36.23 -20.43
C ALA A 227 37.33 36.82 -21.71
N ASP A 228 38.64 36.67 -21.88
CA ASP A 228 39.27 37.06 -23.13
C ASP A 228 39.01 36.04 -24.24
N SER A 229 38.82 34.77 -23.87
CA SER A 229 38.53 33.72 -24.83
C SER A 229 37.64 32.66 -24.19
N ILE A 230 36.75 32.09 -25.01
CA ILE A 230 35.95 30.93 -24.61
C ILE A 230 36.12 29.88 -25.70
N VAL A 231 36.80 28.80 -25.36
CA VAL A 231 36.98 27.66 -26.26
C VAL A 231 35.76 26.75 -26.14
N ILE A 232 35.20 26.38 -27.28
CA ILE A 232 34.07 25.45 -27.33
C ILE A 232 34.53 24.14 -27.94
N GLY A 233 34.45 23.05 -27.16
CA GLY A 233 34.78 21.73 -27.65
C GLY A 233 33.71 20.73 -27.28
N GLY A 234 34.05 19.45 -27.27
CA GLY A 234 33.08 18.44 -26.89
C GLY A 234 31.98 18.30 -27.93
N GLY A 235 30.94 17.60 -27.55
CA GLY A 235 29.82 17.44 -28.46
C GLY A 235 29.14 18.75 -28.80
N MET A 236 29.19 19.74 -27.91
CA MET A 236 28.38 20.92 -28.19
C MET A 236 28.98 21.79 -29.31
N CYS A 237 30.25 21.60 -29.67
CA CYS A 237 30.82 22.45 -30.71
C CYS A 237 30.12 22.26 -32.06
N PHE A 238 29.52 21.10 -32.30
CA PHE A 238 28.90 20.85 -33.60
C PHE A 238 27.63 21.69 -33.79
N THR A 239 26.96 22.06 -32.70
CA THR A 239 25.82 22.96 -32.83
C THR A 239 26.28 24.36 -33.23
N PHE A 240 27.43 24.78 -32.72
CA PHE A 240 28.02 26.06 -33.15
C PHE A 240 28.45 26.02 -34.61
N LEU A 241 29.06 24.90 -35.03
CA LEU A 241 29.48 24.78 -36.43
C LEU A 241 28.28 24.79 -37.36
N ALA A 242 27.20 24.12 -36.97
CA ALA A 242 25.95 24.20 -37.74
C ALA A 242 25.41 25.61 -37.77
N ALA A 243 25.54 26.34 -36.65
CA ALA A 243 25.09 27.73 -36.59
C ALA A 243 25.83 28.59 -37.60
N GLN A 244 27.08 28.26 -37.91
CA GLN A 244 27.84 28.98 -38.93
C GLN A 244 27.37 28.66 -40.34
N GLY A 245 26.54 27.64 -40.51
CA GLY A 245 26.08 27.22 -41.81
C GLY A 245 26.79 26.01 -42.38
N PHE A 246 27.70 25.41 -41.63
CA PHE A 246 28.39 24.21 -42.09
C PHE A 246 27.60 22.97 -41.67
N SER A 247 27.64 21.94 -42.51
CA SER A 247 27.02 20.66 -42.18
C SER A 247 27.92 19.87 -41.24
N VAL A 248 27.30 19.05 -40.39
CA VAL A 248 28.06 18.32 -39.37
C VAL A 248 27.79 16.82 -39.41
N GLY A 249 27.27 16.32 -40.54
CA GLY A 249 27.14 14.88 -40.69
C GLY A 249 26.21 14.26 -39.67
N LYS A 250 26.64 13.15 -39.10
CA LYS A 250 25.88 12.46 -38.06
C LYS A 250 26.24 12.96 -36.66
N SER A 251 26.92 14.09 -36.54
CA SER A 251 27.34 14.59 -35.24
C SER A 251 26.14 15.00 -34.40
N LEU A 252 26.34 14.96 -33.08
CA LEU A 252 25.35 15.42 -32.13
C LEU A 252 24.98 16.86 -32.43
N LEU A 253 23.69 17.15 -32.46
CA LEU A 253 23.23 18.47 -32.86
C LEU A 253 21.99 18.82 -32.05
N GLU A 254 22.05 19.95 -31.34
CA GLU A 254 20.89 20.45 -30.61
C GLU A 254 20.21 21.46 -31.52
N THR A 255 19.31 20.98 -32.38
CA THR A 255 18.74 21.85 -33.41
C THR A 255 18.00 23.03 -32.79
N GLU A 256 17.44 22.87 -31.59
CA GLU A 256 16.71 23.97 -30.96
C GLU A 256 17.63 25.10 -30.50
N MET A 257 18.94 24.85 -30.43
CA MET A 257 19.91 25.85 -29.98
C MET A 257 20.70 26.49 -31.11
N VAL A 258 20.43 26.09 -32.37
CA VAL A 258 21.23 26.58 -33.49
C VAL A 258 21.11 28.08 -33.64
N ASP A 259 19.87 28.60 -33.60
CA ASP A 259 19.67 30.05 -33.72
C ASP A 259 20.34 30.80 -32.59
N THR A 260 20.30 30.26 -31.38
CA THR A 260 20.96 30.90 -30.25
C THR A 260 22.47 30.94 -30.44
N CYS A 261 23.05 29.85 -30.93
CA CYS A 261 24.49 29.83 -31.16
C CYS A 261 24.89 30.84 -32.23
N ARG A 262 24.06 30.99 -33.27
CA ARG A 262 24.32 32.00 -34.29
C ARG A 262 24.36 33.39 -33.69
N ARG A 263 23.37 33.72 -32.85
CA ARG A 263 23.38 35.02 -32.19
CA ARG A 263 23.38 35.00 -32.16
C ARG A 263 24.66 35.19 -31.35
N LEU A 264 25.06 34.13 -30.62
CA LEU A 264 26.25 34.25 -29.79
C LEU A 264 27.50 34.45 -30.65
N LEU A 265 27.60 33.73 -31.77
CA LEU A 265 28.76 33.88 -32.64
C LEU A 265 28.81 35.27 -33.27
N ASP A 266 27.66 35.87 -33.53
CA ASP A 266 27.65 37.22 -34.10
C ASP A 266 28.08 38.24 -33.05
N THR A 267 27.52 38.13 -31.85
CA THR A 267 27.75 39.13 -30.81
C THR A 267 29.16 39.03 -30.24
N TYR A 268 29.67 37.82 -30.05
CA TYR A 268 30.95 37.61 -29.38
C TYR A 268 31.97 37.03 -30.32
N VAL A 269 32.02 37.59 -31.54
CA VAL A 269 32.90 37.06 -32.59
C VAL A 269 34.34 37.04 -32.14
N ASP A 270 34.74 37.97 -31.26
CA ASP A 270 36.13 38.06 -30.84
C ASP A 270 36.45 37.21 -29.63
N VAL A 271 35.47 36.56 -29.02
CA VAL A 271 35.67 35.80 -27.79
C VAL A 271 35.58 34.30 -28.02
N LEU A 272 34.54 33.85 -28.74
CA LEU A 272 34.32 32.42 -28.93
C LEU A 272 35.33 31.83 -29.89
N ARG A 273 35.92 30.69 -29.51
CA ARG A 273 36.87 29.96 -30.34
C ARG A 273 36.34 28.56 -30.59
N LEU A 274 36.15 28.21 -31.85
CA LEU A 274 35.71 26.87 -32.19
C LEU A 274 36.90 26.04 -32.66
N PRO A 275 36.78 24.71 -32.64
CA PRO A 275 37.84 23.88 -33.22
C PRO A 275 38.00 24.16 -34.71
N VAL A 276 39.23 24.00 -35.19
CA VAL A 276 39.52 24.11 -36.61
C VAL A 276 39.58 22.76 -37.30
N ASP A 277 39.66 21.68 -36.53
CA ASP A 277 39.65 20.34 -37.11
C ASP A 277 38.98 19.41 -36.11
N ILE A 278 38.60 18.24 -36.60
CA ILE A 278 37.77 17.29 -35.86
C ILE A 278 38.27 15.90 -36.18
N VAL A 279 38.26 15.01 -35.19
CA VAL A 279 38.45 13.58 -35.45
C VAL A 279 37.07 12.96 -35.55
N ALA A 280 36.72 12.43 -36.72
CA ALA A 280 35.40 11.90 -36.97
C ALA A 280 35.48 10.41 -37.30
N ALA A 281 34.33 9.74 -37.22
CA ALA A 281 34.29 8.31 -37.54
C ALA A 281 32.90 7.94 -38.02
N ASP A 282 32.78 6.75 -38.63
CA ASP A 282 31.50 6.33 -39.17
C ASP A 282 30.62 5.61 -38.16
N ARG A 283 31.14 5.26 -36.98
CA ARG A 283 30.38 4.57 -35.95
C ARG A 283 30.81 5.08 -34.59
N PHE A 284 29.91 4.99 -33.61
CA PHE A 284 30.22 5.35 -32.23
C PHE A 284 30.91 4.16 -31.58
N ALA A 285 32.21 4.02 -31.85
CA ALA A 285 32.94 2.86 -31.38
C ALA A 285 34.42 3.17 -31.30
N ALA A 286 35.09 2.53 -30.33
CA ALA A 286 36.51 2.77 -30.11
C ALA A 286 37.35 2.34 -31.31
N ASP A 287 36.90 1.33 -32.04
CA ASP A 287 37.67 0.83 -33.19
C ASP A 287 37.07 1.24 -34.53
N ALA A 288 36.24 2.29 -34.55
CA ALA A 288 35.76 2.86 -35.79
C ALA A 288 36.93 3.49 -36.56
N ALA A 289 36.79 3.58 -37.86
CA ALA A 289 37.87 4.15 -38.67
C ALA A 289 37.92 5.66 -38.49
N PRO A 290 39.00 6.22 -37.96
CA PRO A 290 39.03 7.65 -37.68
C PRO A 290 39.53 8.46 -38.87
N GLN A 291 38.93 9.64 -39.04
CA GLN A 291 39.39 10.59 -40.04
C GLN A 291 39.55 11.95 -39.40
N THR A 292 40.63 12.62 -39.75
CA THR A 292 40.90 13.97 -39.27
C THR A 292 40.46 14.93 -40.37
N VAL A 293 39.45 15.73 -40.06
CA VAL A 293 38.76 16.51 -41.09
C VAL A 293 38.67 17.95 -40.60
N PRO A 294 38.61 18.94 -41.49
CA PRO A 294 38.43 20.32 -41.03
C PRO A 294 37.07 20.45 -40.37
N ALA A 295 37.00 21.31 -39.35
CA ALA A 295 35.76 21.43 -38.59
C ALA A 295 34.62 21.92 -39.45
N ASP A 296 34.94 22.68 -40.51
CA ASP A 296 33.95 23.20 -41.44
C ASP A 296 33.82 22.33 -42.68
N ALA A 297 34.22 21.06 -42.61
CA ALA A 297 34.08 20.12 -43.72
C ALA A 297 33.92 18.68 -43.20
N ILE A 298 33.06 18.49 -42.21
CA ILE A 298 32.77 17.15 -41.68
C ILE A 298 31.96 16.36 -42.70
N PRO A 299 32.44 15.19 -43.14
CA PRO A 299 31.70 14.39 -44.12
C PRO A 299 30.33 13.95 -43.61
N ASP A 300 29.45 13.61 -44.56
CA ASP A 300 28.03 13.47 -44.26
C ASP A 300 27.72 12.22 -43.45
N ASP A 301 28.45 11.13 -43.66
CA ASP A 301 28.17 9.89 -42.96
C ASP A 301 29.09 9.67 -41.78
N LEU A 302 29.78 10.71 -41.33
CA LEU A 302 30.66 10.62 -40.17
C LEU A 302 30.07 11.42 -39.02
N MET A 303 30.47 11.04 -37.81
CA MET A 303 30.18 11.80 -36.61
C MET A 303 31.48 12.30 -35.99
N GLY A 304 31.48 13.56 -35.56
CA GLY A 304 32.64 14.10 -34.87
C GLY A 304 32.72 13.57 -33.45
N LEU A 305 33.88 13.04 -33.06
CA LEU A 305 34.06 12.44 -31.76
C LEU A 305 35.18 13.06 -30.93
N ASP A 306 35.99 13.96 -31.51
CA ASP A 306 37.03 14.62 -30.74
C ASP A 306 37.43 15.86 -31.52
N ILE A 307 38.02 16.84 -30.81
CA ILE A 307 38.72 17.91 -31.50
C ILE A 307 40.04 17.37 -32.07
N GLY A 308 40.48 17.99 -33.15
CA GLY A 308 41.60 17.51 -33.91
C GLY A 308 42.92 18.07 -33.42
N PRO A 309 44.02 17.63 -34.03
CA PRO A 309 45.35 18.01 -33.54
C PRO A 309 45.68 19.48 -33.75
N GLY A 310 45.18 20.08 -34.84
CA GLY A 310 45.38 21.51 -35.02
C GLY A 310 44.67 22.31 -33.95
N SER A 311 43.46 21.86 -33.58
CA SER A 311 42.73 22.48 -32.49
C SER A 311 43.47 22.35 -31.16
N VAL A 312 43.97 21.15 -30.86
CA VAL A 312 44.74 20.95 -29.63
C VAL A 312 45.93 21.90 -29.58
N LYS A 313 46.64 22.05 -30.69
CA LYS A 313 47.80 22.95 -30.70
C LYS A 313 47.38 24.40 -30.48
N ARG A 314 46.31 24.85 -31.15
CA ARG A 314 45.83 26.22 -30.96
C ARG A 314 45.33 26.46 -29.54
N PHE A 315 44.55 25.54 -28.99
CA PHE A 315 44.03 25.73 -27.64
C PHE A 315 45.13 25.63 -26.59
N THR A 316 46.11 24.75 -26.82
CA THR A 316 47.25 24.66 -25.90
C THR A 316 48.03 25.97 -25.86
N ALA A 317 48.26 26.58 -27.02
CA ALA A 317 48.96 27.86 -27.04
C ALA A 317 48.16 28.92 -26.29
N LEU A 318 46.84 28.93 -26.48
CA LEU A 318 46.00 29.89 -25.78
C LEU A 318 46.08 29.70 -24.27
N LEU A 319 46.02 28.44 -23.81
CA LEU A 319 46.12 28.18 -22.38
C LEU A 319 47.52 28.49 -21.84
N SER A 320 48.55 28.34 -22.68
CA SER A 320 49.91 28.69 -22.26
C SER A 320 50.10 30.19 -22.11
N ASN A 321 49.20 30.99 -22.66
CA ASN A 321 49.26 32.44 -22.53
C ASN A 321 48.37 32.98 -21.41
N ALA A 322 47.53 32.14 -20.82
CA ALA A 322 46.51 32.61 -19.88
C ALA A 322 47.07 32.71 -18.46
N GLU A 323 46.67 33.75 -17.73
CA GLU A 323 46.95 33.81 -16.31
C GLU A 323 45.83 33.21 -15.48
N THR A 324 44.60 33.19 -15.99
CA THR A 324 43.45 32.57 -15.34
C THR A 324 42.80 31.60 -16.31
N ILE A 325 42.50 30.40 -15.84
CA ILE A 325 41.89 29.36 -16.68
C ILE A 325 40.71 28.74 -15.95
N PHE A 326 39.58 28.63 -16.63
CA PHE A 326 38.44 27.84 -16.15
C PHE A 326 38.09 26.78 -17.19
N TRP A 327 38.00 25.53 -16.76
CA TRP A 327 37.71 24.41 -17.65
C TRP A 327 36.58 23.57 -17.09
N ASN A 328 35.56 23.32 -17.91
CA ASN A 328 34.49 22.39 -17.56
C ASN A 328 34.05 21.65 -18.82
N GLY A 329 34.33 20.34 -18.88
CA GLY A 329 33.74 19.46 -19.86
C GLY A 329 34.74 18.85 -20.82
N PRO A 330 34.59 17.56 -21.12
CA PRO A 330 35.53 16.89 -22.02
CA PRO A 330 35.54 16.90 -22.02
C PRO A 330 35.46 17.45 -23.44
N MET A 331 36.57 17.27 -24.16
CA MET A 331 36.64 17.75 -25.54
C MET A 331 36.18 16.73 -26.56
N GLY A 332 35.98 15.49 -26.14
CA GLY A 332 35.67 14.40 -27.05
C GLY A 332 35.33 13.17 -26.23
N VAL A 333 35.09 12.06 -26.93
CA VAL A 333 34.68 10.82 -26.28
C VAL A 333 35.92 10.12 -25.74
N PHE A 334 36.46 10.64 -24.64
CA PHE A 334 37.73 10.15 -24.11
C PHE A 334 37.66 8.72 -23.59
N GLU A 335 36.45 8.18 -23.39
CA GLU A 335 36.33 6.77 -23.04
C GLU A 335 36.90 5.86 -24.11
N PHE A 336 36.96 6.34 -25.35
CA PHE A 336 37.57 5.62 -26.47
C PHE A 336 38.99 6.15 -26.67
N PRO A 337 40.03 5.33 -26.62
CA PRO A 337 41.40 5.86 -26.81
C PRO A 337 41.59 6.70 -28.06
N ALA A 338 40.99 6.29 -29.18
CA ALA A 338 41.15 7.03 -30.43
C ALA A 338 40.56 8.43 -30.36
N PHE A 339 39.74 8.72 -29.35
CA PHE A 339 39.06 10.00 -29.31
C PHE A 339 39.28 10.69 -27.97
N ALA A 340 40.41 10.36 -27.34
CA ALA A 340 40.81 10.93 -26.06
C ALA A 340 41.87 12.01 -26.19
N ALA A 341 42.48 12.14 -27.37
CA ALA A 341 43.62 13.04 -27.53
C ALA A 341 43.26 14.47 -27.20
N GLY A 342 42.07 14.93 -27.61
CA GLY A 342 41.71 16.32 -27.37
C GLY A 342 41.56 16.63 -25.90
N THR A 343 40.93 15.73 -25.15
CA THR A 343 40.75 15.95 -23.72
C THR A 343 42.07 15.80 -22.97
N LYS A 344 42.84 14.76 -23.32
CA LYS A 344 44.15 14.59 -22.70
C LYS A 344 45.04 15.79 -22.96
N GLY A 345 45.05 16.27 -24.20
CA GLY A 345 45.95 17.37 -24.54
C GLY A 345 45.57 18.64 -23.82
N LEU A 346 44.27 18.94 -23.72
CA LEU A 346 43.89 20.19 -23.08
CA LEU A 346 43.83 20.17 -23.07
C LEU A 346 44.11 20.11 -21.58
N ALA A 347 43.79 18.98 -20.95
CA ALA A 347 44.03 18.87 -19.51
C ALA A 347 45.51 18.96 -19.20
N GLU A 348 46.35 18.32 -20.01
CA GLU A 348 47.79 18.44 -19.83
C GLU A 348 48.27 19.87 -20.03
N ALA A 349 47.64 20.61 -20.96
CA ALA A 349 48.06 21.99 -21.19
C ALA A 349 47.72 22.86 -19.98
N ILE A 350 46.58 22.60 -19.35
CA ILE A 350 46.18 23.39 -18.18
C ILE A 350 47.09 23.10 -17.01
N ALA A 351 47.41 21.82 -16.78
CA ALA A 351 48.36 21.47 -15.72
C ALA A 351 49.73 22.11 -15.98
N ALA A 352 50.21 22.07 -17.22
CA ALA A 352 51.50 22.70 -17.53
C ALA A 352 51.45 24.19 -17.25
N ALA A 353 50.38 24.86 -17.67
CA ALA A 353 50.25 26.29 -17.42
C ALA A 353 50.19 26.59 -15.93
N THR A 354 49.52 25.73 -15.16
CA THR A 354 49.42 25.94 -13.72
C THR A 354 50.77 25.79 -13.04
N GLY A 355 51.57 24.80 -13.47
CA GLY A 355 52.91 24.65 -12.95
C GLY A 355 53.78 25.87 -13.21
N LYS A 356 53.48 26.62 -14.26
CA LYS A 356 54.22 27.82 -14.59
C LYS A 356 53.59 29.08 -14.04
N GLY A 357 52.54 28.97 -13.24
CA GLY A 357 52.01 30.10 -12.47
C GLY A 357 50.57 30.48 -12.75
N ALA A 358 49.91 29.87 -13.73
CA ALA A 358 48.53 30.23 -14.02
C ALA A 358 47.63 29.77 -12.89
N PHE A 359 46.49 30.46 -12.72
CA PHE A 359 45.45 30.05 -11.78
C PHE A 359 44.36 29.30 -12.56
N SER A 360 44.21 28.01 -12.27
CA SER A 360 43.32 27.13 -13.02
C SER A 360 42.23 26.54 -12.13
N VAL A 361 41.01 26.56 -12.64
CA VAL A 361 39.84 26.01 -11.96
C VAL A 361 39.19 24.98 -12.89
N VAL A 362 38.88 23.80 -12.34
CA VAL A 362 38.20 22.75 -13.09
C VAL A 362 36.87 22.47 -12.41
N GLY A 363 35.81 22.35 -13.20
CA GLY A 363 34.52 21.94 -12.68
C GLY A 363 33.90 20.86 -13.54
N GLY A 364 32.89 20.20 -12.98
CA GLY A 364 32.14 19.20 -13.72
C GLY A 364 32.50 17.77 -13.40
N GLY A 365 31.48 16.94 -13.18
CA GLY A 365 31.73 15.53 -12.90
C GLY A 365 32.37 14.80 -14.07
N ASP A 366 32.02 15.19 -15.31
CA ASP A 366 32.66 14.52 -16.44
C ASP A 366 34.12 14.95 -16.61
N SER A 367 34.46 16.21 -16.27
CA SER A 367 35.86 16.61 -16.28
C SER A 367 36.66 15.81 -15.26
N ALA A 368 36.08 15.56 -14.10
CA ALA A 368 36.77 14.78 -13.08
C ALA A 368 36.97 13.34 -13.54
N ALA A 369 35.95 12.73 -14.14
CA ALA A 369 36.11 11.38 -14.65
C ALA A 369 37.23 11.32 -15.69
N ALA A 370 37.31 12.34 -16.54
CA ALA A 370 38.34 12.37 -17.58
C ALA A 370 39.74 12.49 -16.99
N VAL A 371 39.96 13.42 -16.05
CA VAL A 371 41.33 13.56 -15.55
C VAL A 371 41.75 12.29 -14.81
N ARG A 372 40.81 11.64 -14.12
CA ARG A 372 41.14 10.38 -13.43
C ARG A 372 41.47 9.27 -14.42
N ALA A 373 40.70 9.17 -15.50
CA ALA A 373 40.93 8.09 -16.46
C ALA A 373 42.22 8.30 -17.24
N LEU A 374 42.57 9.55 -17.52
CA LEU A 374 43.64 9.89 -18.43
C LEU A 374 44.97 10.15 -17.72
N GLY A 375 45.01 10.08 -16.39
CA GLY A 375 46.28 10.15 -15.70
C GLY A 375 46.82 11.54 -15.41
N ILE A 376 45.98 12.56 -15.39
CA ILE A 376 46.40 13.91 -15.01
C ILE A 376 46.12 14.08 -13.53
N PRO A 377 47.12 14.31 -12.68
CA PRO A 377 46.88 14.38 -11.24
C PRO A 377 46.01 15.58 -10.90
N GLU A 378 45.06 15.36 -9.98
CA GLU A 378 44.20 16.45 -9.56
C GLU A 378 45.00 17.58 -8.92
N SER A 379 46.16 17.26 -8.36
CA SER A 379 47.02 18.27 -7.74
C SER A 379 47.61 19.23 -8.76
N GLY A 380 47.48 18.95 -10.05
CA GLY A 380 47.98 19.82 -11.09
C GLY A 380 47.11 21.01 -11.44
N PHE A 381 45.95 21.17 -10.81
CA PHE A 381 45.10 22.34 -11.00
C PHE A 381 45.04 23.14 -9.71
N SER A 382 44.84 24.46 -9.85
CA SER A 382 44.78 25.31 -8.65
C SER A 382 43.61 24.92 -7.76
N HIS A 383 42.47 24.65 -8.37
CA HIS A 383 41.26 24.38 -7.60
C HIS A 383 40.37 23.47 -8.43
N ILE A 384 40.04 22.29 -7.91
N ILE A 384 39.92 22.37 -7.85
CA ILE A 384 39.10 21.39 -8.53
CA ILE A 384 38.90 21.53 -8.46
C ILE A 384 37.78 21.57 -7.79
C ILE A 384 37.59 21.80 -7.72
N SER A 385 36.91 22.41 -8.35
N SER A 385 36.66 22.44 -8.42
CA SER A 385 35.57 22.56 -7.84
CA SER A 385 35.35 22.75 -7.83
C SER A 385 34.72 21.35 -8.21
C SER A 385 34.48 21.51 -7.82
N THR A 386 33.78 21.03 -7.33
N THR A 386 33.85 21.24 -6.68
CA THR A 386 32.69 20.14 -7.72
CA THR A 386 32.87 20.17 -6.60
C THR A 386 32.05 20.64 -9.02
C THR A 386 31.46 20.72 -6.46
N GLY A 387 31.90 21.96 -9.14
N GLY A 387 31.25 21.98 -6.87
CA GLY A 387 31.55 22.55 -10.40
CA GLY A 387 30.00 22.68 -6.57
C GLY A 387 30.13 22.28 -10.83
C GLY A 387 28.82 22.31 -7.44
N GLY A 388 29.31 21.70 -9.95
N GLY A 388 29.06 21.90 -8.70
CA GLY A 388 27.93 21.40 -10.22
CA GLY A 388 27.95 21.52 -9.57
C GLY A 388 27.07 22.63 -10.30
C GLY A 388 27.09 22.69 -10.03
N GLY A 389 25.77 22.47 -10.06
CA GLY A 389 24.83 23.50 -10.45
C GLY A 389 25.01 24.80 -9.71
N ALA A 390 25.38 24.73 -8.42
CA ALA A 390 25.54 25.96 -7.67
C ALA A 390 26.66 26.81 -8.22
N SER A 391 27.80 26.18 -8.53
CA SER A 391 28.91 26.91 -9.14
C SER A 391 28.52 27.47 -10.51
N LEU A 392 27.80 26.68 -11.32
CA LEU A 392 27.41 27.16 -12.64
C LEU A 392 26.48 28.35 -12.53
N GLU A 393 25.50 28.31 -11.64
CA GLU A 393 24.57 29.43 -11.52
C GLU A 393 25.28 30.69 -11.02
N TYR A 394 26.24 30.53 -10.10
CA TYR A 394 27.07 31.67 -9.70
C TYR A 394 27.78 32.26 -10.91
N LEU A 395 28.35 31.40 -11.76
CA LEU A 395 29.06 31.90 -12.93
C LEU A 395 28.12 32.53 -13.95
N GLU A 396 26.84 32.13 -13.96
CA GLU A 396 25.85 32.75 -14.82
C GLU A 396 25.52 34.16 -14.38
N GLY A 397 25.93 34.56 -13.19
CA GLY A 397 25.62 35.86 -12.65
C GLY A 397 24.48 35.89 -11.67
N LYS A 398 24.00 34.73 -11.23
CA LYS A 398 22.93 34.69 -10.26
C LYS A 398 23.49 34.79 -8.85
N ALA A 399 22.95 35.71 -8.06
CA ALA A 399 23.21 35.64 -6.63
C ALA A 399 22.48 34.44 -6.06
N LEU A 400 23.14 33.72 -5.15
CA LEU A 400 22.56 32.47 -4.68
C LEU A 400 21.95 32.64 -3.30
N PRO A 401 20.80 32.05 -3.03
CA PRO A 401 20.13 32.33 -1.73
C PRO A 401 20.94 31.90 -0.53
N GLY A 402 21.63 30.77 -0.61
CA GLY A 402 22.43 30.29 0.52
C GLY A 402 23.64 31.15 0.80
N ILE A 403 24.06 31.98 -0.16
CA ILE A 403 25.12 32.96 0.08
CA ILE A 403 25.12 32.96 0.08
C ILE A 403 24.54 34.28 0.55
N GLU A 404 23.45 34.73 -0.10
CA GLU A 404 22.77 35.95 0.34
C GLU A 404 22.44 35.91 1.82
N VAL A 405 21.95 34.76 2.30
CA VAL A 405 21.47 34.72 3.68
C VAL A 405 22.63 34.89 4.67
N LEU A 406 23.84 34.48 4.29
CA LEU A 406 24.99 34.59 5.17
C LEU A 406 25.50 36.02 5.28
N GLY A 407 25.14 36.87 4.31
CA GLY A 407 25.56 38.26 4.34
C GLY A 407 24.67 39.17 5.15
N ARG A 408 23.52 38.68 5.61
CA ARG A 408 22.65 39.47 6.46
C ARG A 408 23.30 39.72 7.81
N PRO A 409 22.97 40.84 8.46
CA PRO A 409 23.55 41.15 9.77
C PRO A 409 23.33 40.03 10.77
N GLN A 410 24.30 39.88 11.68
CA GLN A 410 24.14 38.93 12.77
C GLN A 410 23.05 39.41 13.73
N PRO A 411 22.39 38.48 14.42
CA PRO A 411 21.37 38.88 15.40
C PRO A 411 21.96 39.77 16.48
N THR A 412 21.12 40.68 16.98
CA THR A 412 21.52 41.63 18.01
C THR A 412 20.89 41.28 19.35
N VAL B 2 28.97 -27.05 -17.80
CA VAL B 2 28.63 -25.64 -17.88
C VAL B 2 29.25 -25.02 -19.13
N ALA B 3 28.41 -24.40 -19.95
CA ALA B 3 28.84 -23.74 -21.19
C ALA B 3 28.18 -22.38 -21.26
N VAL B 4 28.94 -21.32 -20.96
CA VAL B 4 28.42 -19.96 -21.05
C VAL B 4 28.52 -19.50 -22.50
N HIS B 5 27.38 -19.39 -23.17
CA HIS B 5 27.36 -18.87 -24.52
C HIS B 5 27.42 -17.36 -24.49
N ASN B 6 28.00 -16.78 -25.54
CA ASN B 6 28.26 -15.35 -25.61
C ASN B 6 27.42 -14.72 -26.71
N LEU B 7 27.57 -13.41 -26.84
CA LEU B 7 26.77 -12.65 -27.80
C LEU B 7 27.03 -13.13 -29.23
N LYS B 8 28.30 -13.43 -29.55
CA LYS B 8 28.62 -13.93 -30.89
C LYS B 8 27.89 -15.23 -31.20
N ASP B 9 27.73 -16.10 -30.20
CA ASP B 9 26.95 -17.32 -30.40
C ASP B 9 25.51 -16.98 -30.72
N LEU B 10 24.94 -16.01 -29.99
CA LEU B 10 23.55 -15.61 -30.25
C LEU B 10 23.42 -14.99 -31.63
N LEU B 11 24.32 -14.08 -31.99
CA LEU B 11 24.27 -13.48 -33.32
C LEU B 11 24.41 -14.52 -34.41
N ALA B 12 25.21 -15.56 -34.18
CA ALA B 12 25.37 -16.62 -35.17
C ALA B 12 24.08 -17.41 -35.35
N GLU B 13 23.28 -17.54 -34.29
CA GLU B 13 22.00 -18.22 -34.41
C GLU B 13 21.00 -17.39 -35.18
N GLY B 14 21.07 -16.07 -35.06
CA GLY B 14 20.14 -15.20 -35.75
C GLY B 14 19.26 -14.46 -34.76
N VAL B 15 19.16 -13.14 -34.93
CA VAL B 15 18.27 -12.36 -34.09
C VAL B 15 17.41 -11.41 -34.93
N SER B 16 17.47 -11.54 -36.24
CA SER B 16 16.68 -10.66 -37.10
C SER B 16 15.20 -10.84 -36.79
N GLY B 17 14.54 -9.76 -36.37
CA GLY B 17 13.14 -9.82 -36.02
C GLY B 17 12.85 -10.50 -34.69
N ARG B 18 13.88 -10.85 -33.94
CA ARG B 18 13.74 -11.61 -32.71
C ARG B 18 13.78 -10.67 -31.51
N GLY B 19 12.88 -10.90 -30.56
CA GLY B 19 12.91 -10.13 -29.32
C GLY B 19 14.08 -10.56 -28.47
N VAL B 20 14.89 -9.60 -28.03
CA VAL B 20 16.06 -9.89 -27.21
C VAL B 20 16.01 -8.99 -25.99
N LEU B 21 15.86 -9.60 -24.82
CA LEU B 21 15.90 -8.90 -23.54
C LEU B 21 17.34 -8.76 -23.07
N VAL B 22 17.79 -7.53 -22.84
CA VAL B 22 19.16 -7.28 -22.43
C VAL B 22 19.13 -6.68 -21.02
N ARG B 23 19.84 -7.30 -20.10
CA ARG B 23 20.08 -6.69 -18.79
C ARG B 23 21.34 -5.85 -18.88
N SER B 24 21.18 -4.53 -18.86
CA SER B 24 22.33 -3.65 -19.02
C SER B 24 22.71 -3.02 -17.68
N ASP B 25 23.94 -2.53 -17.61
CA ASP B 25 24.39 -1.68 -16.50
C ASP B 25 24.24 -0.24 -16.94
N LEU B 26 23.17 0.42 -16.49
CA LEU B 26 22.95 1.82 -16.81
C LEU B 26 22.85 2.64 -15.54
N ASN B 27 23.49 2.17 -14.47
CA ASN B 27 23.36 2.78 -13.15
C ASN B 27 24.34 3.94 -13.01
N VAL B 28 24.10 4.97 -13.82
CA VAL B 28 24.99 6.14 -13.86
C VAL B 28 24.81 7.00 -12.62
N PRO B 29 25.88 7.63 -12.15
CA PRO B 29 25.73 8.60 -11.06
CA PRO B 29 25.73 8.61 -11.07
C PRO B 29 24.88 9.78 -11.50
N LEU B 30 24.05 10.25 -10.57
CA LEU B 30 23.18 11.41 -10.76
C LEU B 30 23.60 12.49 -9.78
N ASP B 31 23.34 13.74 -10.16
CA ASP B 31 23.49 14.85 -9.24
C ASP B 31 22.36 14.75 -8.22
N SER B 32 22.72 14.62 -6.93
CA SER B 32 21.72 14.70 -5.87
C SER B 32 22.01 15.84 -4.91
N ASP B 33 22.85 16.79 -5.30
CA ASP B 33 22.85 18.06 -4.58
C ASP B 33 21.75 18.97 -5.12
N GLY B 34 21.62 19.04 -6.45
CA GLY B 34 20.66 19.93 -7.09
C GLY B 34 19.49 19.23 -7.74
N GLU B 35 19.02 19.79 -8.87
CA GLU B 35 17.80 19.31 -9.51
CA GLU B 35 17.81 19.33 -9.53
C GLU B 35 17.95 17.89 -10.03
N GLN B 36 16.83 17.15 -10.00
CA GLN B 36 16.83 15.74 -10.36
C GLN B 36 17.06 15.56 -11.87
N GLY B 37 17.48 14.34 -12.21
CA GLY B 37 17.57 13.90 -13.58
C GLY B 37 18.82 14.31 -14.32
N ARG B 38 19.89 14.70 -13.62
CA ARG B 38 21.13 15.11 -14.27
C ARG B 38 22.21 14.05 -14.09
N ILE B 39 22.64 13.46 -15.20
CA ILE B 39 23.69 12.45 -15.17
C ILE B 39 25.03 13.15 -15.01
N THR B 40 25.84 12.72 -14.04
CA THR B 40 27.13 13.37 -13.85
C THR B 40 28.30 12.59 -14.44
N ASP B 41 28.09 11.34 -14.84
CA ASP B 41 29.11 10.57 -15.53
C ASP B 41 28.40 9.53 -16.40
N PRO B 42 28.40 9.70 -17.72
CA PRO B 42 27.70 8.76 -18.59
C PRO B 42 28.49 7.52 -18.98
N GLY B 43 29.62 7.25 -18.29
CA GLY B 43 30.50 6.16 -18.69
C GLY B 43 29.82 4.81 -18.83
N ARG B 44 28.93 4.46 -17.90
CA ARG B 44 28.24 3.17 -17.98
C ARG B 44 27.34 3.08 -19.20
N ILE B 45 26.75 4.20 -19.63
CA ILE B 45 25.96 4.19 -20.85
C ILE B 45 26.85 3.87 -22.05
N THR B 46 28.02 4.52 -22.12
CA THR B 46 28.95 4.24 -23.20
C THR B 46 29.37 2.77 -23.20
N ALA B 47 29.62 2.22 -22.01
CA ALA B 47 30.03 0.81 -21.91
C ALA B 47 28.94 -0.14 -22.37
N SER B 48 27.68 0.26 -22.27
CA SER B 48 26.56 -0.61 -22.63
C SER B 48 26.35 -0.72 -24.13
N VAL B 49 26.98 0.17 -24.91
CA VAL B 49 26.66 0.32 -26.32
C VAL B 49 27.10 -0.87 -27.17
N PRO B 50 28.29 -1.46 -26.98
CA PRO B 50 28.70 -2.54 -27.89
C PRO B 50 27.71 -3.69 -27.97
N THR B 51 27.14 -4.10 -26.83
CA THR B 51 26.15 -5.18 -26.90
C THR B 51 24.88 -4.72 -27.61
N LEU B 52 24.37 -3.54 -27.23
CA LEU B 52 23.11 -3.06 -27.78
C LEU B 52 23.25 -2.77 -29.26
N SER B 53 24.34 -2.11 -29.66
CA SER B 53 24.52 -1.78 -31.07
CA SER B 53 24.54 -1.78 -31.07
C SER B 53 24.63 -3.03 -31.92
N ALA B 54 25.31 -4.07 -31.42
CA ALA B 54 25.41 -5.30 -32.20
C ALA B 54 24.04 -5.92 -32.43
N LEU B 55 23.18 -5.90 -31.41
CA LEU B 55 21.85 -6.47 -31.57
C LEU B 55 20.99 -5.63 -32.51
N VAL B 56 21.07 -4.31 -32.38
CA VAL B 56 20.29 -3.41 -33.24
C VAL B 56 20.65 -3.60 -34.70
N GLU B 57 21.95 -3.65 -35.00
CA GLU B 57 22.34 -3.75 -36.40
CA GLU B 57 22.39 -3.77 -36.39
C GLU B 57 22.05 -5.12 -36.97
N ALA B 58 21.90 -6.16 -36.13
CA ALA B 58 21.49 -7.47 -36.60
C ALA B 58 19.99 -7.59 -36.74
N GLY B 59 19.24 -6.55 -36.38
CA GLY B 59 17.81 -6.51 -36.58
C GLY B 59 16.96 -7.01 -35.43
N ALA B 60 17.55 -7.18 -34.24
CA ALA B 60 16.77 -7.59 -33.09
C ALA B 60 15.78 -6.51 -32.67
N LYS B 61 14.72 -6.95 -32.00
CA LYS B 61 13.80 -6.08 -31.28
CA LYS B 61 13.81 -6.06 -31.28
C LYS B 61 14.27 -6.07 -29.83
N VAL B 62 14.88 -4.99 -29.39
CA VAL B 62 15.66 -4.99 -28.16
C VAL B 62 14.85 -4.36 -27.03
N VAL B 63 14.67 -5.10 -25.96
CA VAL B 63 14.07 -4.61 -24.71
C VAL B 63 15.16 -4.62 -23.66
N VAL B 64 15.37 -3.46 -23.01
CA VAL B 64 16.46 -3.30 -22.06
C VAL B 64 15.87 -3.15 -20.66
N ALA B 65 16.40 -3.95 -19.73
CA ALA B 65 16.12 -3.82 -18.31
C ALA B 65 17.38 -3.34 -17.60
N ALA B 66 17.24 -2.30 -16.78
CA ALA B 66 18.38 -1.78 -16.03
C ALA B 66 17.82 -1.08 -14.80
N HIS B 67 18.69 -0.88 -13.81
CA HIS B 67 18.29 -0.14 -12.61
C HIS B 67 19.12 1.13 -12.46
N LEU B 68 18.58 2.04 -11.66
CA LEU B 68 19.25 3.27 -11.28
C LEU B 68 19.09 3.40 -9.78
N GLY B 69 20.20 3.39 -9.05
CA GLY B 69 20.14 3.49 -7.60
C GLY B 69 19.47 2.29 -6.94
N ARG B 70 18.95 2.54 -5.73
CA ARG B 70 18.29 1.53 -4.92
C ARG B 70 16.96 2.10 -4.44
N PRO B 71 15.97 2.20 -5.33
CA PRO B 71 14.68 2.78 -4.91
C PRO B 71 14.08 2.00 -3.76
N LYS B 72 13.55 2.73 -2.79
CA LYS B 72 13.15 2.11 -1.53
C LYS B 72 11.87 1.31 -1.69
N ASN B 73 10.87 1.90 -2.35
CA ASN B 73 9.55 1.28 -2.37
C ASN B 73 8.75 1.80 -3.56
N GLY B 74 9.19 1.41 -4.76
CA GLY B 74 8.44 1.69 -5.97
C GLY B 74 8.98 2.88 -6.71
N PRO B 75 8.23 3.33 -7.72
CA PRO B 75 8.67 4.47 -8.53
C PRO B 75 9.10 5.65 -7.67
N ASP B 76 10.21 6.24 -8.09
CA ASP B 76 10.88 7.36 -7.43
C ASP B 76 11.31 8.29 -8.56
N PRO B 77 10.75 9.50 -8.65
CA PRO B 77 11.03 10.34 -9.81
C PRO B 77 12.50 10.69 -9.97
N ALA B 78 13.25 10.74 -8.87
CA ALA B 78 14.67 11.01 -8.99
C ALA B 78 15.42 9.87 -9.66
N LEU B 79 14.85 8.67 -9.66
CA LEU B 79 15.53 7.50 -10.19
C LEU B 79 14.87 6.99 -11.47
N SER B 80 14.12 7.85 -12.16
CA SER B 80 13.58 7.48 -13.47
C SER B 80 14.72 7.32 -14.48
N LEU B 81 14.54 6.36 -15.40
CA LEU B 81 15.54 6.18 -16.45
C LEU B 81 15.38 7.17 -17.61
N ALA B 82 14.50 8.17 -17.51
CA ALA B 82 14.32 9.11 -18.60
C ALA B 82 15.62 9.74 -19.09
N PRO B 83 16.52 10.25 -18.24
CA PRO B 83 17.75 10.83 -18.78
C PRO B 83 18.67 9.80 -19.41
N VAL B 84 18.59 8.56 -18.94
CA VAL B 84 19.41 7.46 -19.48
C VAL B 84 18.94 7.11 -20.88
N ALA B 85 17.63 7.02 -21.09
CA ALA B 85 17.12 6.73 -22.42
C ALA B 85 17.54 7.80 -23.42
N ALA B 86 17.49 9.07 -23.01
CA ALA B 86 17.92 10.14 -23.92
C ALA B 86 19.40 10.01 -24.27
N ALA B 87 20.25 9.81 -23.26
CA ALA B 87 21.69 9.73 -23.50
C ALA B 87 22.04 8.46 -24.29
N LEU B 88 21.37 7.35 -23.99
CA LEU B 88 21.65 6.11 -24.70
C LEU B 88 21.28 6.22 -26.17
N GLY B 89 20.15 6.86 -26.47
CA GLY B 89 19.77 7.04 -27.85
C GLY B 89 20.77 7.87 -28.64
N GLU B 90 21.34 8.89 -28.01
CA GLU B 90 22.34 9.70 -28.69
C GLU B 90 23.55 8.86 -29.06
N GLN B 91 23.96 7.98 -28.16
CA GLN B 91 25.15 7.18 -28.43
C GLN B 91 24.84 5.99 -29.34
N LEU B 92 23.61 5.48 -29.31
CA LEU B 92 23.17 4.44 -30.24
C LEU B 92 22.80 4.98 -31.61
N GLY B 93 22.61 6.28 -31.77
CA GLY B 93 22.21 6.82 -33.05
C GLY B 93 20.77 6.56 -33.44
N ARG B 94 19.92 6.19 -32.49
CA ARG B 94 18.51 5.99 -32.76
C ARG B 94 17.73 6.29 -31.50
N HIS B 95 16.45 6.62 -31.68
CA HIS B 95 15.60 6.92 -30.53
C HIS B 95 15.41 5.68 -29.67
N VAL B 96 15.56 5.83 -28.36
CA VAL B 96 15.31 4.78 -27.40
C VAL B 96 14.00 5.11 -26.69
N GLN B 97 12.98 4.29 -26.92
CA GLN B 97 11.72 4.46 -26.20
C GLN B 97 11.92 4.19 -24.72
N LEU B 98 11.23 4.95 -23.88
CA LEU B 98 11.16 4.70 -22.44
C LEU B 98 9.72 4.35 -22.08
N ALA B 99 9.52 3.17 -21.52
CA ALA B 99 8.19 2.83 -21.02
C ALA B 99 7.89 3.63 -19.76
N SER B 100 6.64 4.00 -19.57
CA SER B 100 6.25 4.71 -18.36
C SER B 100 6.02 3.76 -17.18
N ASP B 101 6.20 2.46 -17.38
CA ASP B 101 6.18 1.49 -16.29
C ASP B 101 7.21 0.40 -16.61
N VAL B 102 7.24 -0.64 -15.78
CA VAL B 102 8.23 -1.71 -15.91
C VAL B 102 7.69 -2.87 -16.72
N VAL B 103 6.54 -3.43 -16.31
CA VAL B 103 5.87 -4.52 -17.03
C VAL B 103 4.37 -4.26 -17.07
N GLY B 104 3.96 -3.00 -16.96
CA GLY B 104 2.56 -2.63 -17.00
C GLY B 104 2.06 -2.35 -18.40
N THR B 105 0.93 -1.62 -18.45
CA THR B 105 0.24 -1.33 -19.72
C THR B 105 1.18 -0.73 -20.76
N ASP B 106 2.00 0.24 -20.36
CA ASP B 106 2.81 0.94 -21.34
C ASP B 106 3.94 0.07 -21.86
N ALA B 107 4.62 -0.65 -20.96
CA ALA B 107 5.69 -1.55 -21.39
C ALA B 107 5.17 -2.59 -22.36
N LEU B 108 4.00 -3.17 -22.07
CA LEU B 108 3.45 -4.19 -22.94
C LEU B 108 3.11 -3.62 -24.31
N ALA B 109 2.49 -2.44 -24.35
CA ALA B 109 2.12 -1.84 -25.63
C ALA B 109 3.35 -1.48 -26.45
N ARG B 110 4.37 -0.89 -25.81
CA ARG B 110 5.55 -0.52 -26.57
C ARG B 110 6.32 -1.76 -27.06
N ALA B 111 6.41 -2.80 -26.21
CA ALA B 111 7.11 -4.01 -26.63
C ALA B 111 6.40 -4.68 -27.81
N GLU B 112 5.06 -4.69 -27.79
CA GLU B 112 4.31 -5.30 -28.89
C GLU B 112 4.51 -4.56 -30.21
N GLY B 113 4.82 -3.28 -30.15
CA GLY B 113 4.98 -2.47 -31.34
C GLY B 113 6.38 -2.37 -31.90
N LEU B 114 7.37 -2.96 -31.24
CA LEU B 114 8.75 -2.89 -31.71
C LEU B 114 8.90 -3.51 -33.09
N THR B 115 9.74 -2.90 -33.92
CA THR B 115 10.14 -3.45 -35.20
C THR B 115 11.64 -3.69 -35.18
N ASP B 116 12.14 -4.32 -36.25
CA ASP B 116 13.55 -4.69 -36.30
C ASP B 116 14.43 -3.48 -36.03
N GLY B 117 15.34 -3.62 -35.07
CA GLY B 117 16.30 -2.58 -34.76
C GLY B 117 15.83 -1.56 -33.75
N ASP B 118 14.57 -1.63 -33.30
CA ASP B 118 14.07 -0.69 -32.31
C ASP B 118 14.53 -1.08 -30.91
N VAL B 119 14.65 -0.08 -30.04
CA VAL B 119 15.10 -0.27 -28.66
C VAL B 119 14.06 0.30 -27.72
N LEU B 120 13.65 -0.51 -26.75
CA LEU B 120 12.75 -0.10 -25.68
C LEU B 120 13.47 -0.25 -24.35
N LEU B 121 13.56 0.84 -23.59
CA LEU B 121 14.08 0.78 -22.23
C LEU B 121 12.89 0.76 -21.28
N LEU B 122 12.78 -0.31 -20.49
CA LEU B 122 11.75 -0.32 -19.46
C LEU B 122 12.13 0.68 -18.38
N GLU B 123 11.12 1.16 -17.64
CA GLU B 123 11.45 1.97 -16.48
C GLU B 123 12.27 1.15 -15.49
N ASN B 124 12.99 1.87 -14.63
CA ASN B 124 13.87 1.33 -13.59
C ASN B 124 13.36 0.01 -13.05
N ILE B 125 14.09 -1.08 -13.35
CA ILE B 125 13.59 -2.41 -13.00
C ILE B 125 13.39 -2.55 -11.49
N ARG B 126 14.14 -1.79 -10.69
CA ARG B 126 13.98 -1.89 -9.24
C ARG B 126 12.77 -1.13 -8.70
N PHE B 127 12.04 -0.42 -9.56
CA PHE B 127 10.73 0.06 -9.14
C PHE B 127 9.79 -1.10 -8.81
N ASP B 128 10.02 -2.27 -9.43
CA ASP B 128 9.18 -3.43 -9.16
C ASP B 128 9.72 -4.16 -7.93
N ALA B 129 8.84 -4.37 -6.94
CA ALA B 129 9.26 -4.99 -5.68
C ALA B 129 9.75 -6.43 -5.86
N ARG B 130 9.39 -7.06 -6.95
CA ARG B 130 9.82 -8.45 -7.18
C ARG B 130 11.26 -8.57 -7.68
N GLU B 131 11.84 -7.48 -8.19
CA GLU B 131 13.15 -7.56 -8.84
C GLU B 131 14.23 -8.03 -7.86
N THR B 132 14.25 -7.46 -6.64
CA THR B 132 15.27 -7.85 -5.67
C THR B 132 14.74 -8.74 -4.56
N SER B 133 13.52 -9.28 -4.70
CA SER B 133 12.92 -10.07 -3.63
C SER B 133 13.74 -11.32 -3.33
N LYS B 134 13.87 -11.64 -2.05
CA LYS B 134 14.41 -12.94 -1.66
C LYS B 134 13.45 -14.08 -1.91
N ASP B 135 12.18 -13.77 -2.18
CA ASP B 135 11.14 -14.76 -2.41
C ASP B 135 11.21 -15.24 -3.86
N ASP B 136 11.56 -16.50 -4.06
CA ASP B 136 11.72 -17.04 -5.42
C ASP B 136 10.45 -16.87 -6.24
N ALA B 137 9.28 -17.07 -5.62
CA ALA B 137 8.04 -17.01 -6.37
C ALA B 137 7.75 -15.60 -6.86
N GLU B 138 8.11 -14.60 -6.05
CA GLU B 138 8.01 -13.20 -6.46
C GLU B 138 8.88 -12.93 -7.67
N ARG B 139 10.15 -13.34 -7.63
CA ARG B 139 11.04 -13.09 -8.75
C ARG B 139 10.57 -13.82 -10.00
N LEU B 140 10.05 -15.05 -9.85
CA LEU B 140 9.58 -15.79 -11.01
C LEU B 140 8.43 -15.07 -11.69
N ALA B 141 7.52 -14.49 -10.89
CA ALA B 141 6.38 -13.80 -11.49
C ALA B 141 6.83 -12.64 -12.35
N LEU B 142 7.77 -11.81 -11.84
CA LEU B 142 8.31 -10.73 -12.67
C LEU B 142 9.09 -11.28 -13.86
N ALA B 143 9.90 -12.32 -13.64
CA ALA B 143 10.67 -12.88 -14.75
C ALA B 143 9.76 -13.34 -15.88
N ARG B 144 8.62 -13.95 -15.56
CA ARG B 144 7.70 -14.38 -16.61
C ARG B 144 7.17 -13.20 -17.39
N GLN B 145 6.87 -12.08 -16.72
CA GLN B 145 6.39 -10.91 -17.44
C GLN B 145 7.47 -10.31 -18.32
N LEU B 146 8.71 -10.29 -17.83
CA LEU B 146 9.82 -9.80 -18.65
C LEU B 146 9.99 -10.68 -19.88
N ALA B 147 9.96 -11.99 -19.70
CA ALA B 147 10.13 -12.88 -20.85
C ALA B 147 8.99 -12.71 -21.85
N GLU B 148 7.77 -12.44 -21.38
CA GLU B 148 6.65 -12.25 -22.30
C GLU B 148 6.82 -11.02 -23.17
N LEU B 149 7.57 -10.01 -22.70
CA LEU B 149 7.79 -8.82 -23.50
C LEU B 149 8.52 -9.13 -24.80
N VAL B 150 9.45 -10.09 -24.78
CA VAL B 150 10.16 -10.45 -25.99
C VAL B 150 9.58 -11.70 -26.66
N GLY B 151 8.78 -12.49 -25.96
CA GLY B 151 8.07 -13.59 -26.57
C GLY B 151 8.78 -14.93 -26.46
N PRO B 152 8.06 -16.02 -26.72
CA PRO B 152 8.66 -17.35 -26.54
C PRO B 152 9.77 -17.67 -27.53
N THR B 153 9.87 -16.95 -28.65
CA THR B 153 11.00 -17.14 -29.55
C THR B 153 12.19 -16.24 -29.21
N GLY B 154 12.13 -15.52 -28.10
CA GLY B 154 13.14 -14.53 -27.79
C GLY B 154 14.42 -15.09 -27.19
N ALA B 155 15.25 -14.17 -26.70
CA ALA B 155 16.53 -14.52 -26.09
C ALA B 155 16.82 -13.51 -24.99
N PHE B 156 17.72 -13.90 -24.10
CA PHE B 156 18.15 -13.07 -22.98
C PHE B 156 19.67 -12.90 -23.01
N VAL B 157 20.12 -11.65 -22.87
CA VAL B 157 21.54 -11.30 -22.83
C VAL B 157 21.82 -10.60 -21.51
N SER B 158 22.75 -11.13 -20.72
CA SER B 158 23.14 -10.55 -19.43
C SER B 158 24.39 -9.71 -19.63
N ASP B 159 24.28 -8.39 -19.41
CA ASP B 159 25.41 -7.52 -19.69
C ASP B 159 25.71 -6.57 -18.54
N GLY B 160 25.19 -6.85 -17.35
CA GLY B 160 25.53 -6.06 -16.17
C GLY B 160 26.24 -6.90 -15.13
N PHE B 161 27.58 -6.83 -15.11
CA PHE B 161 28.32 -7.72 -14.22
C PHE B 161 28.12 -7.36 -12.76
N GLY B 162 27.92 -6.08 -12.44
CA GLY B 162 27.83 -5.66 -11.05
C GLY B 162 26.65 -6.23 -10.27
N VAL B 163 25.69 -6.87 -10.94
CA VAL B 163 24.53 -7.45 -10.28
C VAL B 163 24.47 -8.97 -10.38
N VAL B 164 25.52 -9.62 -10.90
CA VAL B 164 25.41 -11.06 -11.11
C VAL B 164 25.66 -11.86 -9.84
N HIS B 165 26.04 -11.23 -8.74
CA HIS B 165 26.34 -11.98 -7.53
C HIS B 165 25.13 -12.19 -6.64
N ARG B 166 23.97 -11.62 -6.99
CA ARG B 166 22.76 -11.77 -6.20
C ARG B 166 21.61 -12.19 -7.12
N LYS B 167 20.67 -12.95 -6.57
CA LYS B 167 19.51 -13.37 -7.35
C LYS B 167 18.54 -12.20 -7.50
N GLN B 168 18.41 -11.71 -8.72
CA GLN B 168 17.47 -10.66 -9.10
C GLN B 168 16.72 -11.14 -10.33
N ALA B 169 15.45 -10.76 -10.43
CA ALA B 169 14.58 -11.32 -11.46
C ALA B 169 15.15 -11.07 -12.86
N SER B 170 15.64 -9.87 -13.12
CA SER B 170 16.11 -9.51 -14.44
C SER B 170 17.48 -10.08 -14.78
N VAL B 171 18.15 -10.70 -13.82
CA VAL B 171 19.53 -11.15 -13.95
C VAL B 171 19.61 -12.67 -13.90
N TYR B 172 18.85 -13.27 -13.01
CA TYR B 172 18.91 -14.70 -12.73
C TYR B 172 17.67 -15.42 -13.21
N ASP B 173 16.50 -15.09 -12.66
CA ASP B 173 15.33 -15.92 -12.93
C ASP B 173 14.91 -15.84 -14.38
N VAL B 174 15.00 -14.66 -15.02
CA VAL B 174 14.55 -14.60 -16.39
C VAL B 174 15.45 -15.43 -17.30
N ALA B 175 16.73 -15.65 -16.91
CA ALA B 175 17.62 -16.49 -17.71
C ALA B 175 17.17 -17.94 -17.74
N THR B 176 16.38 -18.39 -16.75
CA THR B 176 15.85 -19.75 -16.79
C THR B 176 14.71 -19.92 -17.78
N LEU B 177 14.19 -18.83 -18.33
CA LEU B 177 12.98 -18.84 -19.15
C LEU B 177 13.25 -18.64 -20.62
N LEU B 178 14.44 -18.19 -20.99
CA LEU B 178 14.82 -17.89 -22.36
C LEU B 178 16.23 -18.39 -22.61
N PRO B 179 16.53 -18.76 -23.85
CA PRO B 179 17.93 -18.98 -24.22
C PRO B 179 18.77 -17.79 -23.78
N HIS B 180 19.90 -18.07 -23.12
CA HIS B 180 20.60 -17.06 -22.34
C HIS B 180 22.07 -16.97 -22.74
N TYR B 181 22.60 -15.75 -22.70
CA TYR B 181 23.93 -15.46 -23.21
C TYR B 181 24.59 -14.37 -22.37
N ALA B 182 25.91 -14.45 -22.24
CA ALA B 182 26.68 -13.35 -21.68
C ALA B 182 26.89 -12.26 -22.73
N GLY B 183 26.56 -11.02 -22.39
CA GLY B 183 26.88 -9.89 -23.24
C GLY B 183 28.37 -9.61 -23.27
N THR B 184 28.75 -8.63 -24.10
CA THR B 184 30.18 -8.38 -24.31
CA THR B 184 30.19 -8.40 -24.31
C THR B 184 30.88 -8.00 -23.01
N LEU B 185 30.22 -7.21 -22.15
CA LEU B 185 30.85 -6.80 -20.90
C LEU B 185 30.99 -7.95 -19.92
N VAL B 186 29.92 -8.74 -19.75
CA VAL B 186 29.97 -9.86 -18.81
C VAL B 186 30.94 -10.92 -19.30
N ALA B 187 30.93 -11.23 -20.61
CA ALA B 187 31.88 -12.19 -21.15
C ALA B 187 33.32 -11.73 -20.94
N GLU B 188 33.59 -10.43 -21.11
CA GLU B 188 34.95 -9.96 -20.93
CA GLU B 188 34.94 -9.92 -20.93
C GLU B 188 35.37 -10.01 -19.46
N GLU B 189 34.47 -9.66 -18.54
CA GLU B 189 34.85 -9.72 -17.14
C GLU B 189 35.12 -11.15 -16.69
N ILE B 190 34.30 -12.10 -17.13
CA ILE B 190 34.56 -13.51 -16.83
C ILE B 190 35.92 -13.94 -17.37
N ALA B 191 36.20 -13.59 -18.62
CA ALA B 191 37.47 -13.98 -19.22
C ALA B 191 38.65 -13.42 -18.44
N VAL B 192 38.51 -12.21 -17.89
CA VAL B 192 39.57 -11.62 -17.09
C VAL B 192 39.69 -12.34 -15.75
N LEU B 193 38.57 -12.51 -15.05
CA LEU B 193 38.60 -13.09 -13.72
C LEU B 193 39.10 -14.53 -13.75
N GLU B 194 38.85 -15.25 -14.85
CA GLU B 194 39.39 -16.59 -15.00
C GLU B 194 40.92 -16.60 -15.01
N GLN B 195 41.54 -15.57 -15.58
CA GLN B 195 43.00 -15.49 -15.59
C GLN B 195 43.58 -15.18 -14.22
N LEU B 196 42.73 -14.83 -13.24
CA LEU B 196 43.17 -14.54 -11.88
C LEU B 196 42.81 -15.65 -10.90
N THR B 197 42.09 -16.68 -11.35
CA THR B 197 41.64 -17.73 -10.44
C THR B 197 41.93 -19.13 -10.99
N GLY B 198 41.34 -19.46 -12.13
CA GLY B 198 41.36 -20.84 -12.59
C GLY B 198 42.43 -21.18 -13.60
N SER B 199 42.87 -20.19 -14.37
CA SER B 199 43.81 -20.40 -15.47
C SER B 199 44.90 -19.34 -15.40
N THR B 200 45.76 -19.46 -14.38
CA THR B 200 46.72 -18.41 -14.05
C THR B 200 48.07 -18.65 -14.72
N LYS B 201 48.52 -17.66 -15.48
CA LYS B 201 49.88 -17.66 -15.98
C LYS B 201 50.82 -17.21 -14.87
N ARG B 202 51.87 -17.98 -14.63
CA ARG B 202 52.74 -17.74 -13.48
C ARG B 202 54.08 -17.18 -13.94
N PRO B 203 54.78 -16.40 -13.09
CA PRO B 203 54.44 -16.00 -11.72
C PRO B 203 53.23 -15.09 -11.65
N TYR B 204 52.43 -15.32 -10.63
CA TYR B 204 51.20 -14.59 -10.38
C TYR B 204 51.40 -13.81 -9.09
N ALA B 205 51.43 -12.48 -9.18
CA ALA B 205 51.63 -11.62 -8.03
C ALA B 205 50.35 -10.85 -7.73
N VAL B 206 49.94 -10.86 -6.47
CA VAL B 206 48.75 -10.15 -6.01
C VAL B 206 49.23 -9.05 -5.08
N VAL B 207 48.65 -7.86 -5.24
CA VAL B 207 48.98 -6.70 -4.43
C VAL B 207 47.69 -6.24 -3.76
N LEU B 208 47.62 -6.33 -2.43
CA LEU B 208 46.40 -6.00 -1.71
C LEU B 208 46.68 -4.91 -0.68
N GLY B 209 45.89 -3.85 -0.73
CA GLY B 209 45.97 -2.80 0.28
C GLY B 209 44.65 -2.54 0.99
N GLY B 210 44.42 -1.31 1.37
CA GLY B 210 43.24 -0.99 2.16
C GLY B 210 43.50 -1.09 3.65
N SER B 211 42.47 -0.74 4.42
CA SER B 211 42.64 -0.47 5.84
C SER B 211 42.42 -1.67 6.76
N LYS B 212 41.58 -2.64 6.39
CA LYS B 212 41.16 -3.68 7.32
C LYS B 212 41.39 -5.07 6.73
N VAL B 213 42.07 -5.93 7.49
CA VAL B 213 42.26 -7.31 7.07
C VAL B 213 40.92 -8.02 6.91
N SER B 214 39.97 -7.70 7.79
CA SER B 214 38.68 -8.39 7.77
C SER B 214 37.96 -8.18 6.44
N ASP B 215 38.18 -7.04 5.78
CA ASP B 215 37.55 -6.82 4.48
C ASP B 215 38.23 -7.63 3.39
N LYS B 216 39.54 -7.86 3.50
CA LYS B 216 40.31 -8.57 2.49
C LYS B 216 40.47 -10.06 2.77
N LEU B 217 40.02 -10.55 3.92
CA LEU B 217 40.34 -11.92 4.33
C LEU B 217 39.89 -12.93 3.29
N GLY B 218 38.66 -12.81 2.79
CA GLY B 218 38.15 -13.75 1.81
C GLY B 218 39.05 -13.85 0.58
N VAL B 219 39.44 -12.69 0.04
CA VAL B 219 40.26 -12.69 -1.17
C VAL B 219 41.66 -13.23 -0.86
N ILE B 220 42.21 -12.86 0.30
CA ILE B 220 43.54 -13.35 0.68
C ILE B 220 43.54 -14.87 0.77
N GLU B 221 42.55 -15.44 1.47
CA GLU B 221 42.57 -16.87 1.67
C GLU B 221 42.34 -17.62 0.36
N SER B 222 41.46 -17.11 -0.49
CA SER B 222 41.22 -17.74 -1.78
C SER B 222 42.45 -17.66 -2.68
N LEU B 223 43.08 -16.49 -2.77
CA LEU B 223 44.20 -16.35 -3.68
C LEU B 223 45.50 -16.92 -3.13
N ALA B 224 45.59 -17.20 -1.82
CA ALA B 224 46.83 -17.70 -1.26
C ALA B 224 47.20 -19.08 -1.78
N THR B 225 46.25 -19.85 -2.31
CA THR B 225 46.54 -21.14 -2.90
C THR B 225 46.71 -21.06 -4.40
N LYS B 226 46.57 -19.87 -4.97
CA LYS B 226 46.61 -19.66 -6.42
C LYS B 226 47.77 -18.78 -6.86
N ALA B 227 48.18 -17.83 -6.05
CA ALA B 227 49.22 -16.88 -6.42
C ALA B 227 50.56 -17.29 -5.87
N ASP B 228 51.62 -16.81 -6.51
CA ASP B 228 52.95 -17.05 -6.00
C ASP B 228 53.31 -16.08 -4.89
N SER B 229 52.77 -14.86 -4.96
CA SER B 229 53.05 -13.89 -3.91
C SER B 229 51.80 -13.04 -3.70
N ILE B 230 51.57 -12.67 -2.45
CA ILE B 230 50.56 -11.69 -2.09
C ILE B 230 51.26 -10.61 -1.30
N VAL B 231 51.42 -9.44 -1.93
CA VAL B 231 51.97 -8.25 -1.30
C VAL B 231 50.90 -7.61 -0.44
N ILE B 232 51.23 -7.35 0.83
CA ILE B 232 50.30 -6.76 1.79
C ILE B 232 50.77 -5.34 2.09
N GLY B 233 49.95 -4.36 1.73
CA GLY B 233 50.22 -2.99 2.13
C GLY B 233 49.02 -2.30 2.72
N GLY B 234 49.03 -0.97 2.72
CA GLY B 234 47.93 -0.23 3.26
C GLY B 234 47.88 -0.28 4.78
N GLY B 235 46.77 0.21 5.30
CA GLY B 235 46.56 0.20 6.74
C GLY B 235 46.49 -1.19 7.33
N MET B 236 46.02 -2.17 6.55
CA MET B 236 45.86 -3.51 7.10
C MET B 236 47.19 -4.19 7.37
N CYS B 237 48.29 -3.70 6.79
CA CYS B 237 49.56 -4.39 6.96
C CYS B 237 50.04 -4.36 8.40
N PHE B 238 49.59 -3.40 9.21
CA PHE B 238 50.08 -3.34 10.57
C PHE B 238 49.50 -4.47 11.42
N THR B 239 48.32 -4.98 11.04
CA THR B 239 47.77 -6.13 11.74
C THR B 239 48.59 -7.39 11.45
N PHE B 240 49.07 -7.54 10.21
CA PHE B 240 49.97 -8.64 9.90
C PHE B 240 51.30 -8.49 10.62
N LEU B 241 51.81 -7.25 10.71
CA LEU B 241 53.08 -7.03 11.39
C LEU B 241 52.94 -7.31 12.89
N ALA B 242 51.79 -6.99 13.47
CA ALA B 242 51.54 -7.37 14.85
C ALA B 242 51.49 -8.89 15.01
N ALA B 243 50.90 -9.59 14.03
CA ALA B 243 50.89 -11.05 14.04
C ALA B 243 52.28 -11.62 13.94
N GLN B 244 53.22 -10.89 13.35
CA GLN B 244 54.61 -11.30 13.34
C GLN B 244 55.27 -11.15 14.70
N GLY B 245 54.59 -10.54 15.67
CA GLY B 245 55.20 -10.24 16.94
C GLY B 245 55.87 -8.89 17.02
N PHE B 246 55.63 -8.01 16.04
CA PHE B 246 56.20 -6.67 16.05
C PHE B 246 55.20 -5.71 16.67
N SER B 247 55.69 -4.73 17.42
CA SER B 247 54.84 -3.65 17.89
C SER B 247 54.63 -2.65 16.75
N VAL B 248 53.47 -2.00 16.76
CA VAL B 248 53.12 -1.12 15.63
C VAL B 248 52.73 0.26 16.12
N GLY B 249 53.11 0.59 17.35
CA GLY B 249 52.92 1.95 17.87
C GLY B 249 51.46 2.37 17.84
N LYS B 250 51.20 3.54 17.27
CA LYS B 250 49.85 4.07 17.16
C LYS B 250 49.19 3.74 15.83
N SER B 251 49.69 2.74 15.11
CA SER B 251 49.15 2.40 13.80
C SER B 251 47.77 1.75 13.92
N LEU B 252 47.03 1.80 12.82
CA LEU B 252 45.78 1.07 12.70
C LEU B 252 45.99 -0.40 13.03
N LEU B 253 45.15 -0.94 13.90
CA LEU B 253 45.32 -2.33 14.33
C LEU B 253 43.96 -2.98 14.56
N GLU B 254 43.70 -4.09 13.88
CA GLU B 254 42.50 -4.90 14.09
C GLU B 254 42.87 -6.03 15.04
N THR B 255 42.79 -5.74 16.35
CA THR B 255 43.28 -6.67 17.36
C THR B 255 42.63 -8.03 17.23
N GLU B 256 41.35 -8.08 16.86
CA GLU B 256 40.66 -9.35 16.81
C GLU B 256 41.07 -10.20 15.62
N MET B 257 41.83 -9.65 14.66
CA MET B 257 42.28 -10.37 13.48
C MET B 257 43.75 -10.77 13.54
N VAL B 258 44.44 -10.47 14.64
CA VAL B 258 45.87 -10.79 14.75
C VAL B 258 46.10 -12.30 14.66
N ASP B 259 45.33 -13.07 15.44
CA ASP B 259 45.54 -14.52 15.42
C ASP B 259 45.20 -15.12 14.06
N THR B 260 44.26 -14.50 13.34
CA THR B 260 43.95 -14.94 11.97
C THR B 260 45.13 -14.66 11.05
N CYS B 261 45.74 -13.48 11.16
CA CYS B 261 46.91 -13.19 10.34
C CYS B 261 48.05 -14.15 10.65
N ARG B 262 48.21 -14.51 11.92
CA ARG B 262 49.22 -15.51 12.28
C ARG B 262 48.92 -16.85 11.62
N ARG B 263 47.66 -17.26 11.62
CA ARG B 263 47.27 -18.49 10.95
C ARG B 263 47.58 -18.45 9.47
N LEU B 264 47.27 -17.32 8.81
CA LEU B 264 47.57 -17.19 7.38
C LEU B 264 49.06 -17.30 7.13
N LEU B 265 49.87 -16.59 7.92
CA LEU B 265 51.32 -16.62 7.76
C LEU B 265 51.88 -18.01 8.04
N ASP B 266 51.28 -18.75 8.97
CA ASP B 266 51.71 -20.11 9.25
C ASP B 266 51.26 -21.11 8.20
N THR B 267 50.13 -20.86 7.53
CA THR B 267 49.51 -21.84 6.64
C THR B 267 49.98 -21.68 5.20
N TYR B 268 50.03 -20.46 4.71
CA TYR B 268 50.43 -20.19 3.33
C TYR B 268 51.84 -19.62 3.37
N VAL B 269 52.79 -20.52 3.69
CA VAL B 269 54.14 -20.12 4.03
C VAL B 269 54.80 -19.45 2.83
N ASP B 270 55.37 -18.28 3.07
CA ASP B 270 56.16 -17.50 2.11
C ASP B 270 55.35 -16.96 0.94
N VAL B 271 54.03 -17.16 0.90
CA VAL B 271 53.22 -16.47 -0.10
C VAL B 271 53.06 -15.01 0.26
N LEU B 272 52.72 -14.74 1.52
CA LEU B 272 52.46 -13.38 1.95
C LEU B 272 53.75 -12.60 2.10
N ARG B 273 53.79 -11.41 1.51
CA ARG B 273 54.97 -10.55 1.55
C ARG B 273 54.62 -9.26 2.29
N LEU B 274 55.23 -9.05 3.42
CA LEU B 274 54.91 -7.89 4.24
C LEU B 274 55.91 -6.77 4.00
N PRO B 275 55.54 -5.54 4.32
CA PRO B 275 56.53 -4.45 4.25
C PRO B 275 57.71 -4.73 5.16
N VAL B 276 58.90 -4.32 4.70
CA VAL B 276 60.09 -4.39 5.54
C VAL B 276 60.45 -3.04 6.14
N ASP B 277 59.90 -1.95 5.61
CA ASP B 277 60.05 -0.63 6.21
C ASP B 277 58.74 0.12 6.07
N ILE B 278 58.62 1.20 6.84
CA ILE B 278 57.36 1.90 7.04
C ILE B 278 57.67 3.39 7.09
N VAL B 279 56.84 4.20 6.44
CA VAL B 279 56.88 5.65 6.62
C VAL B 279 55.87 5.98 7.70
N ALA B 280 56.36 6.45 8.85
CA ALA B 280 55.54 6.72 10.01
C ALA B 280 55.59 8.20 10.36
N ALA B 281 54.58 8.64 11.11
CA ALA B 281 54.46 10.03 11.51
C ALA B 281 53.90 10.09 12.93
N ASP B 282 54.12 11.22 13.60
CA ASP B 282 53.61 11.35 14.96
C ASP B 282 52.12 11.67 15.01
N ARG B 283 51.51 12.03 13.89
CA ARG B 283 50.10 12.40 13.88
C ARG B 283 49.55 12.18 12.47
N PHE B 284 48.23 12.09 12.38
CA PHE B 284 47.54 11.84 11.12
C PHE B 284 47.32 13.17 10.40
N ALA B 285 48.41 13.68 9.80
CA ALA B 285 48.37 14.98 9.15
C ALA B 285 49.33 14.98 7.97
N ALA B 286 48.97 15.74 6.93
CA ALA B 286 49.81 15.81 5.73
C ALA B 286 51.16 16.43 6.05
N ASP B 287 51.20 17.42 6.95
CA ASP B 287 52.42 18.12 7.28
C ASP B 287 53.22 17.44 8.39
N ALA B 288 52.86 16.21 8.77
CA ALA B 288 53.58 15.50 9.80
C ALA B 288 54.90 14.98 9.23
N ALA B 289 55.98 15.19 9.97
CA ALA B 289 57.31 14.84 9.49
C ALA B 289 57.39 13.35 9.19
N PRO B 290 57.62 12.95 7.94
CA PRO B 290 57.71 11.53 7.62
C PRO B 290 59.01 10.95 8.16
N GLN B 291 58.90 9.81 8.83
CA GLN B 291 60.05 9.09 9.37
C GLN B 291 60.02 7.66 8.87
N THR B 292 61.05 7.27 8.13
CA THR B 292 61.18 5.91 7.62
C THR B 292 61.81 5.03 8.69
N VAL B 293 61.05 4.04 9.16
CA VAL B 293 61.50 3.13 10.21
C VAL B 293 61.42 1.69 9.71
N PRO B 294 62.23 0.78 10.23
CA PRO B 294 62.06 -0.64 9.88
C PRO B 294 60.70 -1.14 10.37
N ALA B 295 60.18 -2.15 9.66
CA ALA B 295 58.88 -2.69 10.01
C ALA B 295 58.89 -3.36 11.38
N ASP B 296 60.05 -3.83 11.83
CA ASP B 296 60.19 -4.45 13.15
C ASP B 296 60.61 -3.45 14.23
N ALA B 297 60.77 -2.19 13.88
CA ALA B 297 61.19 -1.16 14.85
C ALA B 297 60.33 0.10 14.67
N ILE B 298 59.02 -0.09 14.61
CA ILE B 298 58.09 1.03 14.59
C ILE B 298 58.04 1.62 16.00
N PRO B 299 58.40 2.89 16.19
CA PRO B 299 58.39 3.48 17.54
C PRO B 299 56.99 3.56 18.12
N ASP B 300 56.92 3.52 19.45
CA ASP B 300 55.65 3.46 20.14
C ASP B 300 54.79 4.69 19.89
N ASP B 301 55.40 5.85 19.64
CA ASP B 301 54.68 7.10 19.51
C ASP B 301 54.34 7.48 18.07
N LEU B 302 54.69 6.64 17.10
CA LEU B 302 54.40 6.93 15.70
C LEU B 302 53.35 5.96 15.17
N MET B 303 52.64 6.42 14.14
CA MET B 303 51.72 5.60 13.38
C MET B 303 52.25 5.44 11.96
N GLY B 304 52.12 4.23 11.42
CA GLY B 304 52.54 3.99 10.05
C GLY B 304 51.49 4.50 9.09
N LEU B 305 51.93 5.23 8.06
CA LEU B 305 51.01 5.80 7.09
C LEU B 305 51.29 5.38 5.66
N ASP B 306 52.38 4.66 5.40
CA ASP B 306 52.74 4.24 4.06
C ASP B 306 53.81 3.17 4.18
N ILE B 307 53.95 2.36 3.14
CA ILE B 307 55.09 1.45 3.06
C ILE B 307 56.32 2.25 2.66
N GLY B 308 57.49 1.79 3.12
CA GLY B 308 58.71 2.54 2.94
C GLY B 308 59.39 2.26 1.62
N PRO B 309 60.48 2.98 1.35
CA PRO B 309 61.14 2.82 0.05
C PRO B 309 61.80 1.46 -0.14
N GLY B 310 62.27 0.83 0.93
CA GLY B 310 62.82 -0.51 0.81
C GLY B 310 61.75 -1.52 0.43
N SER B 311 60.55 -1.35 0.97
CA SER B 311 59.43 -2.22 0.60
C SER B 311 59.03 -2.01 -0.85
N VAL B 312 58.90 -0.75 -1.28
CA VAL B 312 58.59 -0.48 -2.69
C VAL B 312 59.63 -1.13 -3.59
N LYS B 313 60.90 -1.08 -3.17
CA LYS B 313 61.98 -1.66 -3.96
C LYS B 313 61.84 -3.17 -4.10
N ARG B 314 61.56 -3.87 -3.00
CA ARG B 314 61.40 -5.32 -3.03
C ARG B 314 60.14 -5.71 -3.80
N PHE B 315 59.03 -5.02 -3.54
CA PHE B 315 57.78 -5.30 -4.24
C PHE B 315 57.92 -5.00 -5.74
N THR B 316 58.63 -3.93 -6.10
CA THR B 316 58.80 -3.61 -7.52
C THR B 316 59.58 -4.71 -8.23
N ALA B 317 60.65 -5.21 -7.61
CA ALA B 317 61.41 -6.30 -8.20
C ALA B 317 60.56 -7.54 -8.38
N LEU B 318 59.70 -7.83 -7.40
CA LEU B 318 58.75 -8.93 -7.51
C LEU B 318 57.83 -8.74 -8.71
N LEU B 319 57.27 -7.54 -8.86
CA LEU B 319 56.30 -7.31 -9.92
C LEU B 319 56.95 -7.33 -11.30
N SER B 320 58.24 -6.99 -11.37
CA SER B 320 58.91 -6.98 -12.67
C SER B 320 59.08 -8.38 -13.24
N ASN B 321 58.91 -9.43 -12.42
CA ASN B 321 59.03 -10.80 -12.90
C ASN B 321 57.69 -11.48 -13.10
N ALA B 322 56.58 -10.81 -12.80
CA ALA B 322 55.27 -11.46 -12.85
C ALA B 322 54.71 -11.54 -14.27
N GLU B 323 54.02 -12.64 -14.55
CA GLU B 323 53.23 -12.77 -15.77
C GLU B 323 51.80 -12.26 -15.57
N THR B 324 51.29 -12.36 -14.35
CA THR B 324 49.93 -11.98 -14.01
C THR B 324 50.00 -11.15 -12.74
N ILE B 325 49.32 -10.01 -12.74
CA ILE B 325 49.29 -9.12 -11.59
C ILE B 325 47.85 -8.75 -11.31
N PHE B 326 47.43 -8.89 -10.05
CA PHE B 326 46.15 -8.34 -9.60
C PHE B 326 46.42 -7.37 -8.47
N TRP B 327 45.84 -6.18 -8.57
CA TRP B 327 46.06 -5.11 -7.60
C TRP B 327 44.72 -4.56 -7.13
N ASN B 328 44.47 -4.62 -5.81
CA ASN B 328 43.30 -3.97 -5.23
C ASN B 328 43.68 -3.29 -3.93
N GLY B 329 43.60 -1.96 -3.91
CA GLY B 329 43.74 -1.20 -2.69
C GLY B 329 45.02 -0.38 -2.60
N PRO B 330 44.94 0.79 -1.96
CA PRO B 330 46.12 1.65 -1.82
C PRO B 330 47.11 1.12 -0.78
N MET B 331 48.36 1.54 -0.92
CA MET B 331 49.45 1.10 -0.04
C MET B 331 49.63 1.98 1.18
N GLY B 332 48.99 3.14 1.20
CA GLY B 332 49.14 4.09 2.28
C GLY B 332 48.11 5.19 2.14
N VAL B 333 48.26 6.23 2.96
CA VAL B 333 47.33 7.35 2.97
C VAL B 333 47.66 8.28 1.80
N PHE B 334 47.34 7.86 0.58
CA PHE B 334 47.77 8.57 -0.63
C PHE B 334 47.16 9.96 -0.76
N GLU B 335 46.17 10.32 0.07
CA GLU B 335 45.67 11.68 0.06
C GLU B 335 46.71 12.67 0.58
N PHE B 336 47.52 12.25 1.54
CA PHE B 336 48.64 13.07 1.98
C PHE B 336 49.82 12.85 1.04
N PRO B 337 50.29 13.88 0.33
CA PRO B 337 51.35 13.65 -0.67
C PRO B 337 52.61 13.03 -0.09
N ALA B 338 52.96 13.36 1.16
CA ALA B 338 54.15 12.77 1.77
C ALA B 338 53.98 11.28 2.07
N PHE B 339 52.76 10.75 1.97
CA PHE B 339 52.49 9.34 2.24
C PHE B 339 51.81 8.67 1.05
N ALA B 340 52.03 9.23 -0.14
CA ALA B 340 51.51 8.66 -1.38
C ALA B 340 52.55 7.84 -2.14
N ALA B 341 53.82 7.89 -1.71
CA ALA B 341 54.89 7.32 -2.52
C ALA B 341 54.73 5.81 -2.68
N GLY B 342 54.30 5.11 -1.64
CA GLY B 342 54.14 3.66 -1.75
C GLY B 342 53.09 3.27 -2.76
N THR B 343 51.98 4.03 -2.81
CA THR B 343 50.93 3.73 -3.77
C THR B 343 51.38 4.08 -5.18
N LYS B 344 51.96 5.27 -5.35
CA LYS B 344 52.47 5.67 -6.65
C LYS B 344 53.55 4.72 -7.13
N GLY B 345 54.43 4.28 -6.22
CA GLY B 345 55.52 3.40 -6.60
C GLY B 345 55.05 2.05 -7.11
N LEU B 346 54.04 1.47 -6.46
CA LEU B 346 53.55 0.19 -6.94
C LEU B 346 52.74 0.35 -8.23
N ALA B 347 51.99 1.44 -8.35
CA ALA B 347 51.30 1.72 -9.60
C ALA B 347 52.28 1.79 -10.76
N GLU B 348 53.40 2.49 -10.57
CA GLU B 348 54.40 2.60 -11.63
C GLU B 348 55.02 1.25 -11.96
N ALA B 349 55.27 0.43 -10.93
CA ALA B 349 55.84 -0.89 -11.15
C ALA B 349 54.90 -1.76 -11.99
N ILE B 350 53.61 -1.75 -11.64
CA ILE B 350 52.65 -2.57 -12.36
C ILE B 350 52.49 -2.09 -13.79
N ALA B 351 52.43 -0.77 -14.01
CA ALA B 351 52.35 -0.25 -15.36
C ALA B 351 53.60 -0.62 -16.17
N ALA B 352 54.77 -0.54 -15.54
CA ALA B 352 56.01 -0.87 -16.24
C ALA B 352 56.00 -2.33 -16.68
N ALA B 353 55.60 -3.23 -15.76
CA ALA B 353 55.55 -4.65 -16.07
C ALA B 353 54.54 -4.92 -17.17
N THR B 354 53.42 -4.19 -17.16
CA THR B 354 52.41 -4.37 -18.20
C THR B 354 52.94 -3.98 -19.57
N GLY B 355 53.72 -2.89 -19.64
CA GLY B 355 54.32 -2.49 -20.90
C GLY B 355 55.32 -3.50 -21.43
N LYS B 356 55.89 -4.33 -20.56
CA LYS B 356 56.81 -5.36 -20.99
C LYS B 356 56.16 -6.74 -21.06
N GLY B 357 54.83 -6.81 -21.00
CA GLY B 357 54.09 -8.02 -21.34
C GLY B 357 53.23 -8.62 -20.24
N ALA B 358 53.31 -8.15 -19.00
CA ALA B 358 52.48 -8.72 -17.95
C ALA B 358 51.01 -8.40 -18.18
N PHE B 359 50.15 -9.31 -17.71
CA PHE B 359 48.70 -9.10 -17.71
C PHE B 359 48.33 -8.56 -16.34
N SER B 360 47.88 -7.30 -16.27
CA SER B 360 47.60 -6.64 -15.01
C SER B 360 46.12 -6.28 -14.91
N VAL B 361 45.53 -6.57 -13.75
CA VAL B 361 44.13 -6.25 -13.50
C VAL B 361 44.05 -5.37 -12.27
N VAL B 362 43.35 -4.25 -12.42
CA VAL B 362 43.09 -3.32 -11.32
C VAL B 362 41.69 -3.58 -10.80
N GLY B 363 41.60 -3.91 -9.51
CA GLY B 363 40.33 -4.14 -8.86
C GLY B 363 39.80 -2.89 -8.18
N GLY B 364 38.57 -2.98 -7.71
CA GLY B 364 37.94 -1.95 -6.92
C GLY B 364 36.81 -1.25 -7.63
N GLY B 365 36.86 -1.16 -8.96
CA GLY B 365 35.81 -0.47 -9.67
C GLY B 365 35.84 1.01 -9.35
N ASP B 366 34.68 1.54 -8.95
CA ASP B 366 34.56 2.98 -8.70
C ASP B 366 35.43 3.45 -7.53
N SER B 367 35.61 2.61 -6.51
CA SER B 367 36.45 3.00 -5.37
C SER B 367 37.90 3.24 -5.78
N ALA B 368 38.43 2.41 -6.68
CA ALA B 368 39.83 2.56 -7.09
C ALA B 368 40.07 3.83 -7.89
N ALA B 369 39.02 4.39 -8.51
CA ALA B 369 39.19 5.61 -9.29
C ALA B 369 39.67 6.77 -8.42
N ALA B 370 39.31 6.75 -7.13
CA ALA B 370 39.82 7.76 -6.20
C ALA B 370 41.34 7.76 -6.14
N VAL B 371 41.95 6.57 -6.16
CA VAL B 371 43.42 6.51 -6.17
C VAL B 371 43.97 7.20 -7.42
N ARG B 372 43.25 7.11 -8.54
CA ARG B 372 43.74 7.69 -9.78
C ARG B 372 43.74 9.22 -9.76
N ALA B 373 43.39 9.84 -8.64
CA ALA B 373 43.64 11.27 -8.46
C ALA B 373 45.13 11.58 -8.36
N LEU B 374 45.97 10.55 -8.23
CA LEU B 374 47.42 10.71 -8.15
C LEU B 374 48.08 10.89 -9.51
N GLY B 375 47.35 10.64 -10.61
CA GLY B 375 47.94 10.69 -11.93
C GLY B 375 48.36 9.33 -12.43
N ILE B 376 47.40 8.43 -12.57
CA ILE B 376 47.63 7.03 -12.92
C ILE B 376 46.74 6.66 -14.11
N PRO B 377 47.26 6.69 -15.34
CA PRO B 377 46.39 6.47 -16.50
C PRO B 377 45.86 5.04 -16.57
N GLU B 378 44.57 4.90 -16.85
CA GLU B 378 43.95 3.57 -16.89
C GLU B 378 44.56 2.71 -17.99
N SER B 379 45.02 3.34 -19.07
CA SER B 379 45.60 2.63 -20.20
C SER B 379 46.90 1.93 -19.84
N GLY B 380 47.50 2.25 -18.70
CA GLY B 380 48.71 1.57 -18.27
C GLY B 380 48.49 0.12 -17.83
N PHE B 381 47.24 -0.33 -17.73
CA PHE B 381 46.91 -1.64 -17.19
C PHE B 381 46.10 -2.43 -18.21
N SER B 382 46.18 -3.77 -18.11
CA SER B 382 45.49 -4.60 -19.09
C SER B 382 43.98 -4.48 -18.96
N HIS B 383 43.46 -4.43 -17.73
CA HIS B 383 42.03 -4.42 -17.53
C HIS B 383 41.71 -3.72 -16.23
N ILE B 384 40.75 -2.80 -16.29
CA ILE B 384 40.18 -2.20 -15.10
C ILE B 384 38.90 -2.95 -14.81
N SER B 385 38.86 -3.67 -13.69
CA SER B 385 37.63 -4.33 -13.26
C SER B 385 36.71 -3.30 -12.62
N THR B 386 35.45 -3.29 -13.04
CA THR B 386 34.45 -2.41 -12.43
C THR B 386 33.33 -3.19 -11.75
N GLY B 387 33.47 -4.50 -11.63
CA GLY B 387 32.41 -5.35 -11.11
C GLY B 387 32.15 -5.26 -9.62
N GLY B 388 32.88 -4.40 -8.89
CA GLY B 388 32.55 -4.13 -7.49
C GLY B 388 32.53 -5.38 -6.63
N GLY B 389 31.50 -5.50 -5.81
CA GLY B 389 31.35 -6.67 -4.95
C GLY B 389 31.27 -7.96 -5.72
N ALA B 390 30.63 -7.93 -6.90
CA ALA B 390 30.52 -9.16 -7.69
C ALA B 390 31.90 -9.69 -8.08
N SER B 391 32.79 -8.81 -8.53
CA SER B 391 34.12 -9.25 -8.91
C SER B 391 34.88 -9.81 -7.71
N LEU B 392 34.77 -9.15 -6.56
CA LEU B 392 35.47 -9.65 -5.37
C LEU B 392 34.96 -11.02 -4.97
N GLU B 393 33.63 -11.21 -4.99
CA GLU B 393 33.10 -12.52 -4.62
C GLU B 393 33.56 -13.60 -5.59
N TYR B 394 33.68 -13.26 -6.88
CA TYR B 394 34.28 -14.20 -7.83
C TYR B 394 35.67 -14.61 -7.39
N LEU B 395 36.51 -13.62 -7.04
CA LEU B 395 37.88 -13.93 -6.64
C LEU B 395 37.92 -14.73 -5.36
N GLU B 396 36.93 -14.56 -4.48
CA GLU B 396 36.85 -15.34 -3.26
C GLU B 396 36.42 -16.77 -3.52
N GLY B 397 36.08 -17.12 -4.76
CA GLY B 397 35.67 -18.47 -5.08
C GLY B 397 34.21 -18.76 -4.86
N LYS B 398 33.40 -17.73 -4.65
CA LYS B 398 31.96 -17.93 -4.51
C LYS B 398 31.31 -18.13 -5.88
N ALA B 399 30.29 -18.96 -5.92
CA ALA B 399 29.52 -19.15 -7.15
C ALA B 399 28.52 -18.02 -7.29
N LEU B 400 28.56 -17.34 -8.44
CA LEU B 400 27.72 -16.18 -8.68
C LEU B 400 26.48 -16.60 -9.43
N PRO B 401 25.28 -16.47 -8.85
CA PRO B 401 24.09 -17.04 -9.49
C PRO B 401 23.84 -16.49 -10.89
N GLY B 402 24.12 -15.20 -11.12
CA GLY B 402 23.96 -14.63 -12.45
C GLY B 402 24.96 -15.13 -13.48
N ILE B 403 26.08 -15.70 -13.04
CA ILE B 403 27.01 -16.36 -13.95
C ILE B 403 26.66 -17.83 -14.13
N GLU B 404 26.38 -18.51 -13.01
CA GLU B 404 26.04 -19.94 -13.08
C GLU B 404 24.85 -20.18 -13.99
N VAL B 405 23.85 -19.31 -13.95
CA VAL B 405 22.63 -19.58 -14.72
C VAL B 405 22.93 -19.53 -16.22
N LEU B 406 23.91 -18.72 -16.62
CA LEU B 406 24.25 -18.59 -18.03
C LEU B 406 24.92 -19.85 -18.56
N GLY B 407 25.48 -20.67 -17.69
CA GLY B 407 26.13 -21.91 -18.09
C GLY B 407 25.23 -23.11 -18.17
N ARG B 408 23.97 -22.96 -17.76
CA ARG B 408 23.01 -24.05 -17.84
C ARG B 408 22.58 -24.29 -19.29
N PRO B 409 22.07 -25.48 -19.60
CA PRO B 409 21.57 -25.71 -20.95
C PRO B 409 20.42 -24.76 -21.28
N GLN B 410 20.27 -24.48 -22.56
CA GLN B 410 19.21 -23.56 -22.98
C GLN B 410 17.84 -24.21 -22.75
N PRO B 411 16.85 -23.43 -22.35
CA PRO B 411 15.51 -24.01 -22.15
C PRO B 411 14.91 -24.49 -23.47
N THR B 412 14.20 -25.62 -23.39
CA THR B 412 13.66 -26.30 -24.57
C THR B 412 12.23 -25.86 -24.92
N MET C 1 -8.80 22.57 21.80
CA MET C 1 -9.09 21.49 22.74
C MET C 1 -10.14 20.53 22.17
N VAL C 2 -9.71 19.29 21.90
CA VAL C 2 -10.59 18.25 21.40
C VAL C 2 -10.96 17.34 22.57
N ALA C 3 -12.25 17.28 22.89
CA ALA C 3 -12.69 16.45 24.01
C ALA C 3 -14.09 15.94 23.70
N VAL C 4 -14.22 14.64 23.43
CA VAL C 4 -15.51 14.03 23.21
C VAL C 4 -16.07 13.59 24.56
N HIS C 5 -17.11 14.28 25.03
CA HIS C 5 -17.76 13.88 26.26
C HIS C 5 -18.78 12.79 25.98
N ASN C 6 -19.05 11.98 27.01
CA ASN C 6 -19.84 10.78 26.81
C ASN C 6 -21.16 10.85 27.58
N LEU C 7 -21.91 9.74 27.55
CA LEU C 7 -23.22 9.76 28.18
C LEU C 7 -23.11 9.90 29.70
N LYS C 8 -22.12 9.26 30.32
CA LYS C 8 -21.90 9.45 31.75
C LYS C 8 -21.70 10.92 32.09
N ASP C 9 -20.94 11.64 31.25
CA ASP C 9 -20.71 13.06 31.46
C ASP C 9 -22.01 13.86 31.41
N LEU C 10 -22.86 13.56 30.42
CA LEU C 10 -24.15 14.23 30.31
C LEU C 10 -25.05 13.90 31.48
N LEU C 11 -25.09 12.63 31.89
CA LEU C 11 -25.93 12.26 33.01
C LEU C 11 -25.48 12.95 34.28
N ALA C 12 -24.16 13.13 34.44
CA ALA C 12 -23.65 13.83 35.61
C ALA C 12 -24.06 15.30 35.60
N GLU C 13 -24.03 15.95 34.44
CA GLU C 13 -24.52 17.32 34.35
C GLU C 13 -26.01 17.40 34.66
N GLY C 14 -26.74 16.34 34.35
CA GLY C 14 -28.14 16.24 34.71
C GLY C 14 -29.04 16.39 33.51
N VAL C 15 -29.98 15.47 33.36
CA VAL C 15 -30.95 15.53 32.27
C VAL C 15 -32.38 15.53 32.76
N SER C 16 -32.59 15.51 34.08
CA SER C 16 -33.96 15.51 34.59
C SER C 16 -34.70 16.73 34.10
N GLY C 17 -35.81 16.52 33.40
CA GLY C 17 -36.58 17.63 32.86
C GLY C 17 -35.98 18.30 31.66
N ARG C 18 -34.87 17.80 31.11
CA ARG C 18 -34.23 18.40 29.96
C ARG C 18 -34.57 17.62 28.68
N GLY C 19 -34.75 18.36 27.59
CA GLY C 19 -34.87 17.70 26.29
C GLY C 19 -33.53 17.19 25.82
N VAL C 20 -33.49 15.93 25.39
CA VAL C 20 -32.25 15.36 24.86
C VAL C 20 -32.56 14.77 23.50
N LEU C 21 -31.96 15.34 22.47
CA LEU C 21 -32.08 14.86 21.09
C LEU C 21 -31.04 13.78 20.85
N VAL C 22 -31.48 12.58 20.47
CA VAL C 22 -30.58 11.45 20.23
C VAL C 22 -30.66 11.06 18.76
N ARG C 23 -29.52 11.04 18.08
CA ARG C 23 -29.43 10.43 16.77
CA ARG C 23 -29.42 10.43 16.78
C ARG C 23 -29.12 8.95 16.97
N SER C 24 -30.05 8.09 16.55
CA SER C 24 -29.88 6.65 16.71
C SER C 24 -29.76 5.98 15.35
N ASP C 25 -29.14 4.80 15.34
CA ASP C 25 -29.08 3.93 14.16
C ASP C 25 -30.24 2.95 14.26
N LEU C 26 -31.34 3.25 13.55
CA LEU C 26 -32.53 2.39 13.58
C LEU C 26 -32.91 1.97 12.16
N ASN C 27 -31.93 1.90 11.26
CA ASN C 27 -32.15 1.50 9.87
C ASN C 27 -32.16 -0.02 9.78
N VAL C 28 -33.27 -0.62 10.21
CA VAL C 28 -33.41 -2.07 10.25
C VAL C 28 -34.15 -2.60 9.03
N PRO C 29 -33.90 -3.83 8.61
CA PRO C 29 -34.68 -4.40 7.51
C PRO C 29 -36.09 -4.73 7.95
N LEU C 30 -37.05 -4.47 7.07
CA LEU C 30 -38.46 -4.68 7.35
C LEU C 30 -39.01 -5.84 6.54
N ASP C 31 -39.97 -6.55 7.12
CA ASP C 31 -40.74 -7.54 6.36
C ASP C 31 -41.94 -6.83 5.76
N SER C 32 -42.08 -6.95 4.43
CA SER C 32 -43.16 -6.28 3.71
C SER C 32 -44.14 -7.27 3.09
N ASP C 33 -44.15 -8.51 3.58
CA ASP C 33 -45.12 -9.47 3.07
C ASP C 33 -46.51 -9.25 3.66
N GLY C 34 -46.58 -8.74 4.90
CA GLY C 34 -47.85 -8.40 5.51
C GLY C 34 -48.22 -6.94 5.31
N GLU C 35 -49.37 -6.55 5.88
CA GLU C 35 -49.98 -5.27 5.56
C GLU C 35 -49.13 -4.09 6.04
N GLN C 36 -48.43 -4.24 7.16
CA GLN C 36 -47.54 -3.21 7.66
C GLN C 36 -46.12 -3.77 7.78
N GLY C 37 -45.16 -2.87 7.89
CA GLY C 37 -43.77 -3.30 8.03
C GLY C 37 -43.54 -4.03 9.35
N ARG C 38 -42.70 -5.06 9.30
CA ARG C 38 -42.37 -5.86 10.46
C ARG C 38 -40.88 -6.12 10.46
N ILE C 39 -40.24 -5.98 11.62
CA ILE C 39 -38.79 -6.03 11.69
C ILE C 39 -38.31 -7.47 11.70
N THR C 40 -37.41 -7.80 10.77
CA THR C 40 -36.89 -9.16 10.64
C THR C 40 -35.65 -9.42 11.48
N ASP C 41 -34.95 -8.37 11.90
CA ASP C 41 -33.75 -8.50 12.73
C ASP C 41 -33.73 -7.33 13.70
N PRO C 42 -34.07 -7.55 14.98
CA PRO C 42 -34.16 -6.43 15.92
C PRO C 42 -32.83 -6.01 16.53
N GLY C 43 -31.71 -6.40 15.93
CA GLY C 43 -30.42 -6.17 16.56
C GLY C 43 -30.10 -4.71 16.80
N ARG C 44 -30.35 -3.84 15.80
CA ARG C 44 -30.04 -2.43 15.96
C ARG C 44 -31.00 -1.78 16.94
N ILE C 45 -32.24 -2.29 17.01
CA ILE C 45 -33.15 -1.83 18.05
C ILE C 45 -32.54 -2.10 19.41
N THR C 46 -32.16 -3.36 19.67
CA THR C 46 -31.62 -3.70 20.99
C THR C 46 -30.39 -2.87 21.33
N ALA C 47 -29.48 -2.71 20.36
CA ALA C 47 -28.25 -1.96 20.60
C ALA C 47 -28.51 -0.51 20.93
N SER C 48 -29.58 0.07 20.37
CA SER C 48 -29.91 1.47 20.60
C SER C 48 -30.51 1.72 21.98
N VAL C 49 -30.96 0.66 22.66
CA VAL C 49 -31.80 0.84 23.85
C VAL C 49 -30.98 1.30 25.05
N PRO C 50 -29.74 0.83 25.31
CA PRO C 50 -29.03 1.29 26.52
C PRO C 50 -28.92 2.81 26.64
N THR C 51 -28.58 3.54 25.57
CA THR C 51 -28.50 5.00 25.69
C THR C 51 -29.86 5.59 26.02
N LEU C 52 -30.91 5.15 25.30
CA LEU C 52 -32.25 5.69 25.52
C LEU C 52 -32.75 5.34 26.91
N SER C 53 -32.51 4.11 27.36
CA SER C 53 -32.96 3.70 28.69
CA SER C 53 -32.94 3.69 28.69
C SER C 53 -32.31 4.54 29.79
N ALA C 54 -31.01 4.81 29.67
CA ALA C 54 -30.33 5.61 30.70
C ALA C 54 -30.91 7.01 30.76
N LEU C 55 -31.20 7.60 29.60
CA LEU C 55 -31.77 8.94 29.57
C LEU C 55 -33.17 8.95 30.18
N VAL C 56 -34.01 7.98 29.82
CA VAL C 56 -35.36 7.84 30.37
C VAL C 56 -35.32 7.71 31.88
N GLU C 57 -34.44 6.85 32.40
CA GLU C 57 -34.40 6.60 33.83
C GLU C 57 -33.98 7.83 34.61
N ALA C 58 -33.17 8.68 34.00
CA ALA C 58 -32.74 9.91 34.63
C ALA C 58 -33.71 11.06 34.42
N GLY C 59 -34.83 10.84 33.75
CA GLY C 59 -35.85 11.87 33.64
C GLY C 59 -35.77 12.78 32.44
N ALA C 60 -34.97 12.43 31.43
CA ALA C 60 -34.90 13.26 30.23
C ALA C 60 -36.20 13.19 29.43
N LYS C 61 -36.44 14.23 28.65
CA LYS C 61 -37.50 14.23 27.64
C LYS C 61 -36.78 13.88 26.34
N VAL C 62 -36.93 12.64 25.88
CA VAL C 62 -36.05 12.11 24.84
C VAL C 62 -36.72 12.23 23.48
N VAL C 63 -36.02 12.86 22.54
CA VAL C 63 -36.47 12.98 21.15
C VAL C 63 -35.46 12.26 20.28
N VAL C 64 -35.91 11.28 19.51
CA VAL C 64 -35.02 10.42 18.73
C VAL C 64 -35.19 10.73 17.26
N ALA C 65 -34.06 10.94 16.56
CA ALA C 65 -34.02 11.06 15.11
C ALA C 65 -33.31 9.85 14.52
N ALA C 66 -33.89 9.30 13.46
CA ALA C 66 -33.30 8.15 12.80
C ALA C 66 -33.82 8.08 11.37
N HIS C 67 -33.10 7.36 10.52
CA HIS C 67 -33.60 7.13 9.18
C HIS C 67 -33.78 5.64 8.92
N LEU C 68 -34.57 5.36 7.91
CA LEU C 68 -34.85 3.98 7.52
C LEU C 68 -34.90 3.91 6.02
N GLY C 69 -34.15 2.97 5.45
CA GLY C 69 -34.31 2.67 4.05
C GLY C 69 -33.87 3.82 3.17
N ARG C 70 -34.50 3.91 2.00
CA ARG C 70 -34.06 4.79 0.92
C ARG C 70 -35.23 5.66 0.47
N PRO C 71 -35.61 6.65 1.27
CA PRO C 71 -36.67 7.57 0.84
C PRO C 71 -36.14 8.55 -0.21
N LYS C 72 -36.84 8.63 -1.34
CA LYS C 72 -36.46 9.57 -2.38
C LYS C 72 -37.54 10.60 -2.71
N ASN C 73 -38.78 10.37 -2.28
CA ASN C 73 -39.87 11.27 -2.65
C ASN C 73 -40.64 11.73 -1.41
N GLY C 74 -39.96 11.83 -0.27
CA GLY C 74 -40.60 12.25 0.94
C GLY C 74 -41.33 11.10 1.61
N PRO C 75 -42.34 11.44 2.41
CA PRO C 75 -43.02 10.42 3.22
C PRO C 75 -43.56 9.28 2.38
N ASP C 76 -43.41 8.07 2.92
CA ASP C 76 -43.80 6.82 2.29
C ASP C 76 -44.17 5.87 3.42
N PRO C 77 -45.44 5.44 3.49
CA PRO C 77 -45.85 4.57 4.59
C PRO C 77 -44.96 3.36 4.77
N ALA C 78 -44.39 2.83 3.68
CA ALA C 78 -43.53 1.67 3.77
C ALA C 78 -42.22 1.96 4.51
N LEU C 79 -41.79 3.22 4.55
CA LEU C 79 -40.55 3.60 5.22
C LEU C 79 -40.83 4.42 6.49
N SER C 80 -42.08 4.41 6.96
CA SER C 80 -42.38 5.04 8.24
C SER C 80 -41.65 4.32 9.36
N LEU C 81 -41.30 5.07 10.40
CA LEU C 81 -40.66 4.49 11.58
C LEU C 81 -41.67 3.89 12.56
N ALA C 82 -42.95 3.80 12.21
CA ALA C 82 -43.92 3.15 13.09
C ALA C 82 -43.46 1.78 13.60
N PRO C 83 -42.98 0.86 12.76
CA PRO C 83 -42.50 -0.42 13.31
C PRO C 83 -41.37 -0.26 14.30
N VAL C 84 -40.54 0.77 14.11
CA VAL C 84 -39.41 1.02 15.00
C VAL C 84 -39.89 1.59 16.32
N ALA C 85 -40.86 2.50 16.27
CA ALA C 85 -41.43 3.01 17.52
C ALA C 85 -42.01 1.87 18.34
N ALA C 86 -42.69 0.94 17.68
CA ALA C 86 -43.27 -0.20 18.39
C ALA C 86 -42.16 -1.05 19.02
N ALA C 87 -41.12 -1.35 18.25
CA ALA C 87 -40.07 -2.24 18.75
C ALA C 87 -39.29 -1.59 19.89
N LEU C 88 -38.99 -0.29 19.79
CA LEU C 88 -38.34 0.43 20.88
C LEU C 88 -39.19 0.38 22.15
N GLY C 89 -40.48 0.67 22.00
CA GLY C 89 -41.36 0.68 23.16
C GLY C 89 -41.41 -0.68 23.84
N GLU C 90 -41.38 -1.76 23.05
CA GLU C 90 -41.41 -3.09 23.61
C GLU C 90 -40.18 -3.37 24.47
N GLN C 91 -39.01 -2.90 24.04
CA GLN C 91 -37.81 -3.13 24.82
C GLN C 91 -37.66 -2.15 25.97
N LEU C 92 -38.18 -0.92 25.82
CA LEU C 92 -38.17 0.06 26.90
C LEU C 92 -39.27 -0.17 27.93
N GLY C 93 -40.29 -0.95 27.61
CA GLY C 93 -41.40 -1.12 28.51
C GLY C 93 -42.25 0.11 28.67
N ARG C 94 -42.36 0.92 27.62
CA ARG C 94 -43.20 2.11 27.65
CA ARG C 94 -43.20 2.11 27.65
C ARG C 94 -43.57 2.45 26.22
N HIS C 95 -44.68 3.16 26.07
CA HIS C 95 -45.12 3.59 24.75
C HIS C 95 -44.19 4.68 24.21
N VAL C 96 -43.74 4.50 22.98
CA VAL C 96 -42.90 5.47 22.29
C VAL C 96 -43.77 6.18 21.27
N GLN C 97 -43.91 7.50 21.40
CA GLN C 97 -44.69 8.25 20.44
C GLN C 97 -43.98 8.33 19.09
N LEU C 98 -44.76 8.32 18.01
CA LEU C 98 -44.24 8.60 16.67
C LEU C 98 -44.89 9.88 16.17
N ALA C 99 -44.08 10.89 15.87
CA ALA C 99 -44.63 12.11 15.29
C ALA C 99 -45.15 11.83 13.88
N SER C 100 -46.16 12.59 13.47
CA SER C 100 -46.69 12.46 12.12
C SER C 100 -45.95 13.33 11.10
N ASP C 101 -44.93 14.05 11.52
CA ASP C 101 -44.01 14.76 10.64
C ASP C 101 -42.62 14.69 11.26
N VAL C 102 -41.66 15.37 10.63
CA VAL C 102 -40.27 15.29 11.08
C VAL C 102 -39.97 16.43 12.05
N VAL C 103 -40.21 17.67 11.60
CA VAL C 103 -40.03 18.85 12.44
C VAL C 103 -41.20 19.80 12.26
N GLY C 104 -42.38 19.26 11.96
CA GLY C 104 -43.55 20.06 11.70
C GLY C 104 -44.37 20.31 12.94
N THR C 105 -45.60 20.74 12.72
CA THR C 105 -46.52 21.06 13.81
C THR C 105 -46.65 19.91 14.81
N ASP C 106 -46.74 18.67 14.30
CA ASP C 106 -46.99 17.55 15.20
C ASP C 106 -45.76 17.22 16.03
N ALA C 107 -44.58 17.16 15.40
CA ALA C 107 -43.36 16.90 16.14
C ALA C 107 -43.19 17.92 17.24
N LEU C 108 -43.42 19.20 16.93
CA LEU C 108 -43.18 20.24 17.91
C LEU C 108 -44.16 20.14 19.07
N ALA C 109 -45.43 19.89 18.78
CA ALA C 109 -46.43 19.79 19.85
C ALA C 109 -46.14 18.60 20.75
N ARG C 110 -45.80 17.45 20.16
CA ARG C 110 -45.47 16.29 20.99
C ARG C 110 -44.24 16.55 21.82
N ALA C 111 -43.21 17.15 21.23
CA ALA C 111 -41.97 17.36 21.96
C ALA C 111 -42.18 18.33 23.11
N GLU C 112 -42.92 19.41 22.86
CA GLU C 112 -43.11 20.42 23.90
C GLU C 112 -43.95 19.88 25.05
N GLY C 113 -44.77 18.87 24.78
CA GLY C 113 -45.64 18.32 25.78
C GLY C 113 -45.09 17.10 26.49
N LEU C 114 -43.88 16.63 26.15
CA LEU C 114 -43.32 15.43 26.75
C LEU C 114 -43.20 15.54 28.26
N THR C 115 -43.53 14.43 28.94
CA THR C 115 -43.29 14.27 30.36
C THR C 115 -41.88 13.75 30.57
N ASP C 116 -41.24 14.15 31.68
CA ASP C 116 -39.95 13.58 32.05
C ASP C 116 -39.99 12.06 31.97
N GLY C 117 -39.03 11.50 31.22
CA GLY C 117 -38.96 10.07 31.03
C GLY C 117 -39.64 9.55 29.79
N ASP C 118 -40.33 10.39 29.03
CA ASP C 118 -41.01 9.98 27.79
C ASP C 118 -40.08 10.04 26.59
N VAL C 119 -40.40 9.20 25.60
CA VAL C 119 -39.64 9.11 24.35
C VAL C 119 -40.56 9.48 23.18
N LEU C 120 -40.08 10.37 22.33
CA LEU C 120 -40.72 10.72 21.06
C LEU C 120 -39.78 10.34 19.92
N LEU C 121 -40.25 9.54 18.97
CA LEU C 121 -39.52 9.24 17.75
C LEU C 121 -40.06 10.14 16.64
N LEU C 122 -39.19 10.98 16.07
CA LEU C 122 -39.60 11.73 14.90
C LEU C 122 -39.77 10.80 13.71
N GLU C 123 -40.59 11.22 12.75
CA GLU C 123 -40.70 10.41 11.54
C GLU C 123 -39.36 10.41 10.81
N ASN C 124 -39.16 9.38 9.97
CA ASN C 124 -37.95 9.14 9.18
C ASN C 124 -37.27 10.45 8.79
N ILE C 125 -36.08 10.70 9.34
CA ILE C 125 -35.41 12.00 9.16
C ILE C 125 -35.10 12.26 7.69
N ARG C 126 -34.88 11.21 6.90
CA ARG C 126 -34.60 11.41 5.49
C ARG C 126 -35.86 11.63 4.64
N PHE C 127 -37.05 11.70 5.26
CA PHE C 127 -38.20 12.26 4.56
C PHE C 127 -37.99 13.75 4.28
N ASP C 128 -37.21 14.43 5.11
CA ASP C 128 -36.95 15.86 4.95
C ASP C 128 -35.79 16.04 3.97
N ALA C 129 -36.04 16.77 2.88
CA ALA C 129 -35.05 16.97 1.84
C ALA C 129 -33.80 17.69 2.32
N ARG C 130 -33.86 18.41 3.44
CA ARG C 130 -32.68 19.12 3.90
C ARG C 130 -31.70 18.24 4.66
N GLU C 131 -32.13 17.06 5.12
CA GLU C 131 -31.30 16.24 6.00
C GLU C 131 -29.97 15.87 5.35
N THR C 132 -29.98 15.44 4.08
CA THR C 132 -28.76 15.00 3.42
C THR C 132 -28.25 16.03 2.42
N SER C 133 -28.77 17.25 2.47
CA SER C 133 -28.45 18.25 1.46
C SER C 133 -26.97 18.63 1.50
N LYS C 134 -26.40 18.89 0.32
CA LYS C 134 -25.07 19.48 0.27
C LYS C 134 -25.08 20.96 0.61
N ASP C 135 -26.25 21.59 0.67
CA ASP C 135 -26.36 23.01 0.94
C ASP C 135 -26.30 23.23 2.44
N ASP C 136 -25.23 23.90 2.91
CA ASP C 136 -25.02 24.07 4.34
C ASP C 136 -26.17 24.83 4.99
N ALA C 137 -26.65 25.89 4.33
CA ALA C 137 -27.72 26.71 4.91
C ALA C 137 -28.98 25.90 5.15
N GLU C 138 -29.31 25.00 4.20
CA GLU C 138 -30.47 24.13 4.34
C GLU C 138 -30.33 23.16 5.49
N ARG C 139 -29.17 22.48 5.59
CA ARG C 139 -28.96 21.54 6.68
C ARG C 139 -29.02 22.25 8.02
N LEU C 140 -28.38 23.42 8.12
CA LEU C 140 -28.38 24.17 9.36
C LEU C 140 -29.79 24.61 9.75
N ALA C 141 -30.61 24.97 8.76
CA ALA C 141 -31.98 25.38 9.07
C ALA C 141 -32.79 24.21 9.63
N LEU C 142 -32.60 23.01 9.06
CA LEU C 142 -33.24 21.84 9.65
C LEU C 142 -32.67 21.55 11.02
N ALA C 143 -31.36 21.67 11.18
CA ALA C 143 -30.76 21.44 12.49
C ALA C 143 -31.34 22.38 13.54
N ARG C 144 -31.56 23.65 13.18
CA ARG C 144 -32.16 24.57 14.13
C ARG C 144 -33.56 24.12 14.53
N GLN C 145 -34.34 23.59 13.58
CA GLN C 145 -35.67 23.11 13.91
C GLN C 145 -35.63 21.87 14.80
N LEU C 146 -34.64 20.99 14.57
CA LEU C 146 -34.45 19.85 15.46
C LEU C 146 -34.09 20.32 16.86
N ALA C 147 -33.17 21.28 16.97
CA ALA C 147 -32.77 21.77 18.28
C ALA C 147 -33.93 22.46 18.98
N GLU C 148 -34.83 23.09 18.23
CA GLU C 148 -35.98 23.72 18.85
CA GLU C 148 -36.00 23.72 18.83
C GLU C 148 -36.89 22.71 19.53
N LEU C 149 -36.87 21.44 19.08
CA LEU C 149 -37.71 20.42 19.70
C LEU C 149 -37.31 20.17 21.14
N VAL C 150 -36.02 20.33 21.47
CA VAL C 150 -35.56 20.10 22.84
C VAL C 150 -35.30 21.40 23.58
N GLY C 151 -35.28 22.54 22.89
CA GLY C 151 -35.14 23.83 23.55
C GLY C 151 -33.69 24.23 23.78
N PRO C 152 -33.47 25.51 24.13
CA PRO C 152 -32.09 25.97 24.28
C PRO C 152 -31.37 25.38 25.47
N THR C 153 -32.08 24.80 26.44
CA THR C 153 -31.44 24.08 27.53
C THR C 153 -31.20 22.61 27.21
N GLY C 154 -31.46 22.18 25.97
CA GLY C 154 -31.36 20.77 25.61
C GLY C 154 -29.93 20.31 25.37
N ALA C 155 -29.83 19.04 24.97
CA ALA C 155 -28.54 18.42 24.68
C ALA C 155 -28.70 17.52 23.47
N PHE C 156 -27.57 17.18 22.84
CA PHE C 156 -27.54 16.28 21.70
C PHE C 156 -26.63 15.10 21.99
N VAL C 157 -27.12 13.88 21.73
CA VAL C 157 -26.36 12.65 21.90
C VAL C 157 -26.27 11.96 20.55
N SER C 158 -25.05 11.75 20.08
CA SER C 158 -24.81 11.04 18.82
C SER C 158 -24.61 9.55 19.11
N ASP C 159 -25.58 8.70 18.70
CA ASP C 159 -25.50 7.29 19.04
C ASP C 159 -25.63 6.39 17.82
N GLY C 160 -25.48 6.95 16.63
CA GLY C 160 -25.54 6.16 15.41
C GLY C 160 -24.25 6.25 14.64
N PHE C 161 -23.34 5.30 14.86
CA PHE C 161 -22.03 5.42 14.24
C PHE C 161 -22.10 5.31 12.72
N GLY C 162 -23.05 4.54 12.18
CA GLY C 162 -23.10 4.30 10.75
C GLY C 162 -23.36 5.54 9.90
N VAL C 163 -23.71 6.67 10.51
CA VAL C 163 -23.95 7.89 9.75
C VAL C 163 -22.94 8.99 10.06
N VAL C 164 -21.92 8.74 10.88
CA VAL C 164 -21.06 9.85 11.28
C VAL C 164 -20.03 10.22 10.23
N HIS C 165 -19.95 9.51 9.13
CA HIS C 165 -18.98 9.84 8.08
C HIS C 165 -19.51 10.85 7.07
N ARG C 166 -20.74 11.35 7.24
CA ARG C 166 -21.33 12.29 6.29
C ARG C 166 -21.94 13.47 7.03
N LYS C 167 -21.92 14.63 6.37
CA LYS C 167 -22.58 15.82 6.92
C LYS C 167 -24.08 15.72 6.65
N GLN C 168 -24.82 15.35 7.70
CA GLN C 168 -26.27 15.33 7.68
CA GLN C 168 -26.27 15.33 7.68
C GLN C 168 -26.76 16.16 8.86
N ALA C 169 -27.93 16.79 8.70
CA ALA C 169 -28.40 17.74 9.70
C ALA C 169 -28.51 17.10 11.09
N SER C 170 -29.04 15.88 11.16
CA SER C 170 -29.30 15.23 12.44
C SER C 170 -28.06 14.61 13.08
N VAL C 171 -26.93 14.59 12.38
CA VAL C 171 -25.71 13.97 12.86
CA VAL C 171 -25.73 13.96 12.92
C VAL C 171 -24.60 14.98 13.08
N TYR C 172 -24.55 16.00 12.22
CA TYR C 172 -23.44 16.94 12.19
C TYR C 172 -23.87 18.33 12.58
N ASP C 173 -24.75 18.95 11.79
CA ASP C 173 -25.01 20.38 12.00
C ASP C 173 -25.71 20.63 13.32
N VAL C 174 -26.60 19.74 13.74
CA VAL C 174 -27.32 19.98 14.99
C VAL C 174 -26.36 19.91 16.19
N ALA C 175 -25.28 19.14 16.10
CA ALA C 175 -24.29 19.10 17.17
C ALA C 175 -23.61 20.45 17.39
N THR C 176 -23.66 21.37 16.43
CA THR C 176 -23.08 22.69 16.62
C THR C 176 -24.00 23.63 17.40
N LEU C 177 -25.25 23.23 17.64
CA LEU C 177 -26.25 24.09 18.23
C LEU C 177 -26.55 23.75 19.68
N LEU C 178 -26.10 22.60 20.17
CA LEU C 178 -26.45 22.09 21.48
C LEU C 178 -25.21 21.47 22.12
N PRO C 179 -25.11 21.50 23.45
CA PRO C 179 -24.11 20.66 24.13
C PRO C 179 -24.22 19.25 23.59
N HIS C 180 -23.09 18.68 23.23
CA HIS C 180 -23.04 17.48 22.40
C HIS C 180 -22.17 16.40 23.02
N TYR C 181 -22.62 15.15 22.84
CA TYR C 181 -22.03 13.99 23.52
C TYR C 181 -22.07 12.80 22.60
N ALA C 182 -21.09 11.91 22.78
CA ALA C 182 -21.12 10.60 22.15
C ALA C 182 -21.94 9.64 23.01
N GLY C 183 -22.94 9.02 22.40
CA GLY C 183 -23.71 7.97 23.07
C GLY C 183 -22.88 6.71 23.26
N THR C 184 -23.50 5.74 23.94
CA THR C 184 -22.73 4.56 24.34
C THR C 184 -22.22 3.78 23.14
N LEU C 185 -22.99 3.72 22.05
CA LEU C 185 -22.54 2.97 20.88
C LEU C 185 -21.42 3.68 20.14
N VAL C 186 -21.51 5.00 20.01
CA VAL C 186 -20.49 5.74 19.29
C VAL C 186 -19.19 5.75 20.09
N ALA C 187 -19.28 5.97 21.41
CA ALA C 187 -18.07 5.91 22.23
C ALA C 187 -17.42 4.53 22.16
N GLU C 188 -18.23 3.47 22.19
CA GLU C 188 -17.70 2.12 22.09
CA GLU C 188 -17.69 2.13 22.11
C GLU C 188 -17.00 1.89 20.77
N GLU C 189 -17.61 2.34 19.67
CA GLU C 189 -17.01 2.09 18.37
C GLU C 189 -15.71 2.86 18.21
N ILE C 190 -15.66 4.09 18.71
CA ILE C 190 -14.41 4.86 18.71
C ILE C 190 -13.31 4.10 19.46
N ALA C 191 -13.63 3.62 20.68
CA ALA C 191 -12.63 2.91 21.48
C ALA C 191 -12.13 1.66 20.80
N VAL C 192 -13.00 0.98 20.05
CA VAL C 192 -12.56 -0.19 19.29
C VAL C 192 -11.66 0.22 18.14
N LEU C 193 -12.08 1.19 17.34
CA LEU C 193 -11.31 1.55 16.15
C LEU C 193 -9.96 2.15 16.50
N GLU C 194 -9.82 2.73 17.70
CA GLU C 194 -8.54 3.26 18.14
C GLU C 194 -7.51 2.17 18.41
N GLN C 195 -7.94 0.91 18.56
CA GLN C 195 -7.02 -0.20 18.68
C GLN C 195 -6.60 -0.76 17.33
N LEU C 196 -7.13 -0.19 16.25
CA LEU C 196 -6.72 -0.51 14.89
C LEU C 196 -5.96 0.63 14.23
N THR C 197 -5.88 1.80 14.88
CA THR C 197 -5.20 2.96 14.31
C THR C 197 -4.14 3.56 15.21
N GLY C 198 -4.12 3.25 16.50
CA GLY C 198 -3.17 3.90 17.40
C GLY C 198 -1.89 3.10 17.57
N SER C 199 -1.52 2.86 18.83
CA SER C 199 -0.38 1.99 19.14
C SER C 199 -0.90 0.55 19.21
N THR C 200 -1.09 -0.01 18.02
CA THR C 200 -1.66 -1.34 17.89
C THR C 200 -0.75 -2.40 18.50
N LYS C 201 -1.33 -3.32 19.27
CA LYS C 201 -0.61 -4.53 19.64
C LYS C 201 -0.26 -5.32 18.39
N ARG C 202 1.01 -5.66 18.24
CA ARG C 202 1.46 -6.32 17.02
CA ARG C 202 1.52 -6.31 17.04
C ARG C 202 1.87 -7.78 17.29
N PRO C 203 1.87 -8.63 16.24
CA PRO C 203 1.54 -8.37 14.84
C PRO C 203 0.08 -7.98 14.62
N TYR C 204 -0.11 -7.08 13.68
CA TYR C 204 -1.43 -6.56 13.30
C TYR C 204 -1.73 -7.11 11.91
N ALA C 205 -2.69 -8.03 11.84
CA ALA C 205 -3.07 -8.68 10.59
C ALA C 205 -4.44 -8.17 10.15
N VAL C 206 -4.51 -7.74 8.90
CA VAL C 206 -5.74 -7.29 8.27
C VAL C 206 -6.15 -8.32 7.22
N VAL C 207 -7.45 -8.59 7.14
CA VAL C 207 -8.02 -9.47 6.11
C VAL C 207 -9.09 -8.67 5.38
N LEU C 208 -8.92 -8.50 4.07
CA LEU C 208 -9.89 -7.76 3.28
C LEU C 208 -10.40 -8.62 2.13
N GLY C 209 -11.71 -8.66 2.00
CA GLY C 209 -12.38 -9.36 0.91
C GLY C 209 -13.21 -8.39 0.08
N GLY C 210 -14.24 -8.88 -0.60
CA GLY C 210 -15.00 -7.98 -1.43
C GLY C 210 -14.65 -8.13 -2.91
N SER C 211 -15.55 -7.63 -3.75
CA SER C 211 -15.50 -7.92 -5.18
CA SER C 211 -15.47 -7.94 -5.17
C SER C 211 -14.59 -6.98 -5.97
N LYS C 212 -14.41 -5.73 -5.54
CA LYS C 212 -13.68 -4.75 -6.34
C LYS C 212 -12.64 -4.03 -5.50
N VAL C 213 -11.38 -3.98 -5.99
CA VAL C 213 -10.36 -3.26 -5.25
CA VAL C 213 -10.34 -3.26 -5.28
C VAL C 213 -10.66 -1.76 -5.23
N SER C 214 -11.39 -1.25 -6.24
CA SER C 214 -11.69 0.17 -6.26
C SER C 214 -12.56 0.59 -5.08
N ASP C 215 -13.32 -0.34 -4.50
CA ASP C 215 -14.13 -0.01 -3.33
C ASP C 215 -13.33 0.01 -2.04
N LYS C 216 -12.13 -0.56 -2.03
CA LYS C 216 -11.32 -0.63 -0.83
C LYS C 216 -9.94 -0.02 -1.01
N LEU C 217 -9.71 0.71 -2.12
CA LEU C 217 -8.39 1.25 -2.39
C LEU C 217 -7.93 2.18 -1.29
N GLY C 218 -8.81 3.07 -0.82
CA GLY C 218 -8.42 4.01 0.21
C GLY C 218 -8.03 3.33 1.51
N VAL C 219 -8.82 2.35 1.94
CA VAL C 219 -8.51 1.72 3.22
C VAL C 219 -7.30 0.80 3.10
N ILE C 220 -7.10 0.19 1.93
CA ILE C 220 -5.89 -0.63 1.71
C ILE C 220 -4.64 0.23 1.83
N GLU C 221 -4.61 1.38 1.16
CA GLU C 221 -3.42 2.22 1.23
C GLU C 221 -3.18 2.71 2.66
N SER C 222 -4.25 3.08 3.37
CA SER C 222 -4.08 3.53 4.75
C SER C 222 -3.53 2.41 5.62
N LEU C 223 -4.14 1.22 5.55
CA LEU C 223 -3.72 0.14 6.43
C LEU C 223 -2.37 -0.44 6.03
N ALA C 224 -1.93 -0.22 4.79
CA ALA C 224 -0.70 -0.81 4.30
C ALA C 224 0.54 -0.24 4.96
N THR C 225 0.44 0.91 5.63
CA THR C 225 1.54 1.45 6.42
C THR C 225 1.35 1.25 7.91
N LYS C 226 0.26 0.59 8.33
CA LYS C 226 -0.02 0.32 9.73
C LYS C 226 -0.01 -1.15 10.07
N ALA C 227 -0.53 -2.00 9.20
CA ALA C 227 -0.63 -3.42 9.47
C ALA C 227 0.64 -4.14 9.06
N ASP C 228 0.95 -5.22 9.78
CA ASP C 228 2.08 -6.05 9.39
C ASP C 228 1.75 -6.91 8.16
N SER C 229 0.47 -7.21 7.95
CA SER C 229 0.05 -8.01 6.81
C SER C 229 -1.38 -7.63 6.44
N ILE C 230 -1.66 -7.67 5.14
CA ILE C 230 -3.02 -7.50 4.63
C ILE C 230 -3.31 -8.69 3.71
N VAL C 231 -4.15 -9.59 4.18
CA VAL C 231 -4.61 -10.73 3.39
C VAL C 231 -5.67 -10.25 2.42
N ILE C 232 -5.53 -10.59 1.14
CA ILE C 232 -6.47 -10.17 0.11
C ILE C 232 -7.23 -11.39 -0.37
N GLY C 233 -8.55 -11.35 -0.26
CA GLY C 233 -9.39 -12.39 -0.81
C GLY C 233 -10.60 -11.84 -1.52
N GLY C 234 -11.59 -12.68 -1.76
CA GLY C 234 -12.78 -12.26 -2.47
C GLY C 234 -12.50 -12.03 -3.94
N GLY C 235 -13.53 -11.54 -4.63
CA GLY C 235 -13.39 -11.31 -6.06
C GLY C 235 -12.29 -10.33 -6.43
N MET C 236 -11.97 -9.39 -5.54
CA MET C 236 -10.94 -8.42 -5.89
C MET C 236 -9.55 -9.03 -5.99
N CYS C 237 -9.34 -10.22 -5.41
CA CYS C 237 -8.00 -10.81 -5.45
C CYS C 237 -7.54 -11.07 -6.88
N PHE C 238 -8.46 -11.26 -7.84
CA PHE C 238 -8.00 -11.58 -9.19
C PHE C 238 -7.39 -10.38 -9.89
N THR C 239 -7.76 -9.17 -9.48
CA THR C 239 -7.08 -8.00 -10.03
C THR C 239 -5.65 -7.90 -9.49
N PHE C 240 -5.41 -8.32 -8.24
CA PHE C 240 -4.05 -8.38 -7.74
C PHE C 240 -3.25 -9.50 -8.41
N LEU C 241 -3.89 -10.65 -8.65
CA LEU C 241 -3.18 -11.72 -9.34
C LEU C 241 -2.82 -11.30 -10.76
N ALA C 242 -3.73 -10.59 -11.43
CA ALA C 242 -3.39 -10.05 -12.75
C ALA C 242 -2.22 -9.08 -12.67
N ALA C 243 -2.11 -8.30 -11.58
CA ALA C 243 -0.96 -7.41 -11.42
C ALA C 243 0.35 -8.18 -11.24
N GLN C 244 0.29 -9.45 -10.81
CA GLN C 244 1.46 -10.32 -10.74
C GLN C 244 1.80 -10.92 -12.09
N GLY C 245 1.02 -10.60 -13.13
CA GLY C 245 1.23 -11.18 -14.44
C GLY C 245 0.43 -12.42 -14.72
N PHE C 246 -0.41 -12.86 -13.77
CA PHE C 246 -1.15 -14.11 -13.95
C PHE C 246 -2.43 -13.87 -14.75
N SER C 247 -2.79 -14.86 -15.55
CA SER C 247 -4.10 -14.87 -16.19
CA SER C 247 -4.11 -14.81 -16.17
C SER C 247 -5.16 -15.35 -15.19
N VAL C 248 -6.39 -14.86 -15.34
CA VAL C 248 -7.41 -15.17 -14.35
C VAL C 248 -8.67 -15.71 -14.99
N GLY C 249 -8.56 -16.19 -16.23
CA GLY C 249 -9.69 -16.87 -16.83
C GLY C 249 -10.90 -15.97 -16.96
N LYS C 250 -12.07 -16.49 -16.57
CA LYS C 250 -13.32 -15.75 -16.59
C LYS C 250 -13.61 -15.06 -15.27
N SER C 251 -12.62 -14.93 -14.40
CA SER C 251 -12.83 -14.33 -13.08
C SER C 251 -13.14 -12.85 -13.19
N LEU C 252 -13.75 -12.32 -12.13
CA LEU C 252 -13.90 -10.89 -11.97
C LEU C 252 -12.55 -10.20 -12.12
N LEU C 253 -12.52 -9.12 -12.89
CA LEU C 253 -11.28 -8.39 -13.13
C LEU C 253 -11.61 -6.94 -13.40
N GLU C 254 -11.06 -6.04 -12.60
CA GLU C 254 -11.11 -4.61 -12.91
C GLU C 254 -9.85 -4.29 -13.71
N THR C 255 -9.96 -4.36 -15.03
CA THR C 255 -8.77 -4.22 -15.87
C THR C 255 -8.11 -2.86 -15.67
N GLU C 256 -8.89 -1.83 -15.38
CA GLU C 256 -8.36 -0.48 -15.19
CA GLU C 256 -8.35 -0.49 -15.19
C GLU C 256 -7.70 -0.30 -13.82
N MET C 257 -7.76 -1.30 -12.95
CA MET C 257 -7.13 -1.25 -11.65
C MET C 257 -5.89 -2.14 -11.52
N VAL C 258 -5.54 -2.89 -12.57
CA VAL C 258 -4.41 -3.80 -12.48
C VAL C 258 -3.12 -3.05 -12.19
N ASP C 259 -2.87 -1.96 -12.94
CA ASP C 259 -1.63 -1.22 -12.72
C ASP C 259 -1.62 -0.55 -11.34
N THR C 260 -2.80 -0.21 -10.82
CA THR C 260 -2.87 0.32 -9.46
C THR C 260 -2.51 -0.75 -8.44
N CYS C 261 -2.98 -1.98 -8.65
CA CYS C 261 -2.57 -3.07 -7.76
C CYS C 261 -1.08 -3.32 -7.84
N ARG C 262 -0.51 -3.27 -9.04
CA ARG C 262 0.95 -3.36 -9.17
C ARG C 262 1.63 -2.27 -8.35
N ARG C 263 1.12 -1.03 -8.44
CA ARG C 263 1.68 0.07 -7.63
C ARG C 263 1.59 -0.22 -6.14
N LEU C 264 0.45 -0.74 -5.67
CA LEU C 264 0.33 -1.09 -4.26
C LEU C 264 1.37 -2.14 -3.85
N LEU C 265 1.51 -3.19 -4.66
CA LEU C 265 2.48 -4.24 -4.35
C LEU C 265 3.91 -3.71 -4.37
N ASP C 266 4.19 -2.70 -5.20
CA ASP C 266 5.54 -2.15 -5.30
C ASP C 266 5.85 -1.13 -4.20
N THR C 267 4.81 -0.52 -3.61
CA THR C 267 4.97 0.57 -2.66
C THR C 267 4.94 0.09 -1.21
N TYR C 268 4.14 -0.92 -0.92
CA TYR C 268 3.97 -1.44 0.43
C TYR C 268 4.53 -2.85 0.41
N VAL C 269 5.85 -2.93 0.45
CA VAL C 269 6.54 -4.16 0.10
C VAL C 269 6.30 -5.21 1.17
N ASP C 270 5.90 -6.40 0.72
CA ASP C 270 5.69 -7.61 1.52
C ASP C 270 4.49 -7.49 2.46
N VAL C 271 3.72 -6.41 2.37
CA VAL C 271 2.56 -6.30 3.27
C VAL C 271 1.39 -7.13 2.75
N LEU C 272 1.12 -7.05 1.45
CA LEU C 272 -0.06 -7.70 0.88
C LEU C 272 0.21 -9.18 0.67
N ARG C 273 -0.77 -10.00 1.05
CA ARG C 273 -0.66 -11.46 1.00
C ARG C 273 -1.76 -11.98 0.09
N LEU C 274 -1.37 -12.55 -1.06
CA LEU C 274 -2.34 -12.98 -2.05
C LEU C 274 -2.59 -14.47 -1.97
N PRO C 275 -3.74 -14.95 -2.45
CA PRO C 275 -3.99 -16.39 -2.46
C PRO C 275 -2.98 -17.11 -3.33
N VAL C 276 -2.66 -18.35 -2.93
CA VAL C 276 -1.79 -19.22 -3.71
C VAL C 276 -2.56 -20.28 -4.46
N ASP C 277 -3.86 -20.43 -4.19
CA ASP C 277 -4.70 -21.37 -4.92
C ASP C 277 -6.14 -20.89 -4.86
N ILE C 278 -6.94 -21.37 -5.80
CA ILE C 278 -8.25 -20.80 -6.14
C ILE C 278 -9.22 -21.94 -6.39
N VAL C 279 -10.41 -21.87 -5.82
CA VAL C 279 -11.47 -22.80 -6.15
C VAL C 279 -12.29 -22.16 -7.26
N ALA C 280 -12.24 -22.76 -8.45
CA ALA C 280 -12.81 -22.17 -9.65
C ALA C 280 -13.99 -23.00 -10.15
N ALA C 281 -14.71 -22.44 -11.12
CA ALA C 281 -15.89 -23.12 -11.64
C ALA C 281 -16.13 -22.65 -13.08
N ASP C 282 -16.87 -23.46 -13.84
CA ASP C 282 -17.11 -23.09 -15.24
C ASP C 282 -18.29 -22.13 -15.41
N ARG C 283 -19.04 -21.85 -14.35
CA ARG C 283 -20.16 -20.91 -14.42
C ARG C 283 -20.49 -20.47 -13.00
N PHE C 284 -21.26 -19.38 -12.91
CA PHE C 284 -21.64 -18.82 -11.61
C PHE C 284 -22.91 -19.52 -11.13
N ALA C 285 -22.72 -20.64 -10.43
CA ALA C 285 -23.84 -21.45 -10.00
C ALA C 285 -23.40 -22.30 -8.81
N ALA C 286 -24.31 -22.48 -7.84
CA ALA C 286 -23.97 -23.27 -6.66
C ALA C 286 -23.58 -24.69 -7.02
N ASP C 287 -24.14 -25.24 -8.09
CA ASP C 287 -23.91 -26.62 -8.46
C ASP C 287 -22.79 -26.79 -9.49
N ALA C 288 -22.08 -25.72 -9.83
CA ALA C 288 -20.92 -25.87 -10.71
C ALA C 288 -19.81 -26.62 -9.96
N ALA C 289 -19.23 -27.61 -10.64
CA ALA C 289 -18.23 -28.46 -9.99
C ALA C 289 -17.03 -27.64 -9.55
N PRO C 290 -16.62 -27.70 -8.29
CA PRO C 290 -15.45 -26.93 -7.85
C PRO C 290 -14.16 -27.55 -8.36
N GLN C 291 -13.32 -26.72 -8.96
CA GLN C 291 -12.05 -27.14 -9.52
C GLN C 291 -10.98 -26.25 -8.90
N THR C 292 -10.13 -26.83 -8.06
CA THR C 292 -9.15 -26.06 -7.31
C THR C 292 -7.82 -26.08 -8.05
N VAL C 293 -7.27 -24.90 -8.30
CA VAL C 293 -6.11 -24.72 -9.16
C VAL C 293 -5.12 -23.77 -8.48
N PRO C 294 -3.85 -23.84 -8.85
CA PRO C 294 -2.90 -22.82 -8.36
C PRO C 294 -3.27 -21.44 -8.85
N ALA C 295 -3.04 -20.45 -8.00
CA ALA C 295 -3.32 -19.06 -8.38
C ALA C 295 -2.54 -18.64 -9.62
N ASP C 296 -1.37 -19.22 -9.84
CA ASP C 296 -0.53 -18.88 -10.98
C ASP C 296 -0.90 -19.69 -12.22
N ALA C 297 -1.97 -20.47 -12.16
CA ALA C 297 -2.36 -21.29 -13.31
C ALA C 297 -3.88 -21.46 -13.35
N ILE C 298 -4.61 -20.35 -13.32
CA ILE C 298 -6.07 -20.39 -13.47
C ILE C 298 -6.41 -20.69 -14.93
N PRO C 299 -7.17 -21.75 -15.22
CA PRO C 299 -7.53 -22.07 -16.61
C PRO C 299 -8.39 -20.99 -17.26
N ASP C 300 -8.22 -20.82 -18.57
CA ASP C 300 -8.90 -19.75 -19.30
C ASP C 300 -10.42 -19.84 -19.21
N ASP C 301 -10.98 -21.03 -19.08
CA ASP C 301 -12.43 -21.19 -19.14
C ASP C 301 -13.11 -21.22 -17.78
N LEU C 302 -12.38 -20.91 -16.70
CA LEU C 302 -12.93 -21.00 -15.37
C LEU C 302 -12.92 -19.63 -14.68
N MET C 303 -13.88 -19.43 -13.78
CA MET C 303 -13.91 -18.24 -12.94
C MET C 303 -13.62 -18.65 -11.50
N GLY C 304 -12.73 -17.90 -10.83
CA GLY C 304 -12.43 -18.19 -9.44
C GLY C 304 -13.53 -17.69 -8.52
N LEU C 305 -13.96 -18.56 -7.60
CA LEU C 305 -15.06 -18.22 -6.70
C LEU C 305 -14.71 -18.33 -5.22
N ASP C 306 -13.51 -18.79 -4.88
CA ASP C 306 -13.11 -18.93 -3.49
C ASP C 306 -11.60 -19.09 -3.45
N ILE C 307 -10.99 -18.84 -2.29
CA ILE C 307 -9.58 -19.17 -2.09
C ILE C 307 -9.50 -20.63 -1.68
N GLY C 308 -8.39 -21.28 -2.04
CA GLY C 308 -8.25 -22.72 -1.82
C GLY C 308 -7.61 -23.08 -0.50
N PRO C 309 -7.45 -24.39 -0.26
CA PRO C 309 -6.93 -24.84 1.05
C PRO C 309 -5.48 -24.47 1.29
N GLY C 310 -4.67 -24.33 0.24
CA GLY C 310 -3.31 -23.85 0.46
C GLY C 310 -3.30 -22.41 0.95
N SER C 311 -4.20 -21.60 0.42
CA SER C 311 -4.34 -20.22 0.90
C SER C 311 -4.84 -20.19 2.32
N VAL C 312 -5.87 -20.98 2.63
CA VAL C 312 -6.39 -21.03 3.99
C VAL C 312 -5.28 -21.42 4.96
N LYS C 313 -4.43 -22.38 4.58
CA LYS C 313 -3.34 -22.78 5.47
C LYS C 313 -2.38 -21.62 5.74
N ARG C 314 -1.93 -20.94 4.69
CA ARG C 314 -0.99 -19.84 4.89
CA ARG C 314 -1.00 -19.83 4.85
C ARG C 314 -1.63 -18.70 5.67
N PHE C 315 -2.87 -18.34 5.34
CA PHE C 315 -3.51 -17.22 6.02
C PHE C 315 -3.81 -17.56 7.47
N THR C 316 -4.18 -18.81 7.74
CA THR C 316 -4.44 -19.24 9.11
C THR C 316 -3.17 -19.17 9.95
N ALA C 317 -2.02 -19.54 9.38
CA ALA C 317 -0.78 -19.45 10.14
C ALA C 317 -0.47 -18.01 10.50
N LEU C 318 -0.66 -17.10 9.55
CA LEU C 318 -0.48 -15.68 9.80
C LEU C 318 -1.40 -15.21 10.93
N LEU C 319 -2.68 -15.55 10.85
CA LEU C 319 -3.63 -15.07 11.86
C LEU C 319 -3.35 -15.67 13.23
N SER C 320 -2.84 -16.90 13.27
CA SER C 320 -2.53 -17.55 14.54
C SER C 320 -1.41 -16.85 15.28
N ASN C 321 -0.63 -16.01 14.60
CA ASN C 321 0.45 -15.25 15.22
C ASN C 321 0.08 -13.80 15.51
N ALA C 322 -1.12 -13.36 15.14
CA ALA C 322 -1.49 -11.96 15.26
C ALA C 322 -1.98 -11.65 16.66
N GLU C 323 -1.64 -10.46 17.14
CA GLU C 323 -2.24 -9.96 18.38
C GLU C 323 -3.45 -9.08 18.11
N THR C 324 -3.52 -8.45 16.94
CA THR C 324 -4.64 -7.63 16.54
C THR C 324 -5.07 -8.07 15.14
N ILE C 325 -6.37 -8.30 14.95
CA ILE C 325 -6.92 -8.71 13.65
C ILE C 325 -8.08 -7.81 13.29
N PHE C 326 -8.09 -7.32 12.05
CA PHE C 326 -9.25 -6.65 11.48
C PHE C 326 -9.65 -7.39 10.21
N TRP C 327 -10.92 -7.75 10.11
CA TRP C 327 -11.42 -8.50 8.97
C TRP C 327 -12.66 -7.81 8.42
N ASN C 328 -12.64 -7.49 7.12
CA ASN C 328 -13.84 -6.99 6.44
C ASN C 328 -13.90 -7.61 5.05
N GLY C 329 -14.89 -8.46 4.81
CA GLY C 329 -15.21 -8.95 3.48
C GLY C 329 -15.00 -10.44 3.30
N PRO C 330 -15.97 -11.11 2.69
CA PRO C 330 -15.82 -12.55 2.45
CA PRO C 330 -15.82 -12.55 2.47
C PRO C 330 -14.67 -12.85 1.52
N MET C 331 -14.15 -14.08 1.63
CA MET C 331 -13.06 -14.57 0.79
C MET C 331 -13.53 -15.18 -0.52
N GLY C 332 -14.83 -15.43 -0.65
CA GLY C 332 -15.38 -16.07 -1.82
C GLY C 332 -16.89 -16.02 -1.78
N VAL C 333 -17.51 -16.73 -2.73
CA VAL C 333 -18.96 -16.72 -2.87
C VAL C 333 -19.56 -17.71 -1.88
N PHE C 334 -19.55 -17.34 -0.59
CA PHE C 334 -19.97 -18.26 0.46
C PHE C 334 -21.46 -18.61 0.39
N GLU C 335 -22.27 -17.84 -0.36
CA GLU C 335 -23.67 -18.20 -0.55
C GLU C 335 -23.81 -19.54 -1.25
N PHE C 336 -22.80 -19.92 -2.03
CA PHE C 336 -22.73 -21.25 -2.63
C PHE C 336 -21.95 -22.13 -1.67
N PRO C 337 -22.55 -23.19 -1.12
CA PRO C 337 -21.82 -24.01 -0.13
C PRO C 337 -20.47 -24.53 -0.62
N ALA C 338 -20.35 -24.91 -1.89
CA ALA C 338 -19.08 -25.42 -2.40
C ALA C 338 -17.98 -24.36 -2.45
N PHE C 339 -18.31 -23.09 -2.26
CA PHE C 339 -17.34 -22.01 -2.38
C PHE C 339 -17.31 -21.16 -1.12
N ALA C 340 -17.69 -21.78 -0.01
CA ALA C 340 -17.71 -21.12 1.30
C ALA C 340 -16.49 -21.47 2.16
N ALA C 341 -15.70 -22.47 1.77
CA ALA C 341 -14.66 -22.97 2.67
C ALA C 341 -13.61 -21.91 2.98
N GLY C 342 -13.28 -21.08 2.00
CA GLY C 342 -12.29 -20.04 2.24
C GLY C 342 -12.73 -19.04 3.29
N THR C 343 -14.00 -18.63 3.23
CA THR C 343 -14.52 -17.69 4.22
C THR C 343 -14.67 -18.37 5.58
N LYS C 344 -15.21 -19.59 5.60
CA LYS C 344 -15.37 -20.34 6.84
C LYS C 344 -14.02 -20.54 7.52
N GLY C 345 -13.01 -20.93 6.72
CA GLY C 345 -11.69 -21.20 7.27
C GLY C 345 -11.04 -19.97 7.90
N LEU C 346 -11.16 -18.82 7.24
CA LEU C 346 -10.56 -17.62 7.81
C LEU C 346 -11.32 -17.16 9.05
N ALA C 347 -12.64 -17.17 8.98
CA ALA C 347 -13.43 -16.77 10.14
C ALA C 347 -13.12 -17.64 11.34
N GLU C 348 -13.00 -18.95 11.10
CA GLU C 348 -12.70 -19.86 12.19
C GLU C 348 -11.30 -19.62 12.74
N ALA C 349 -10.34 -19.28 11.88
CA ALA C 349 -9.00 -19.00 12.35
C ALA C 349 -8.96 -17.74 13.21
N ILE C 350 -9.73 -16.73 12.82
CA ILE C 350 -9.79 -15.49 13.61
C ILE C 350 -10.42 -15.76 14.96
N ALA C 351 -11.53 -16.51 14.99
CA ALA C 351 -12.17 -16.82 16.26
C ALA C 351 -11.24 -17.63 17.15
N ALA C 352 -10.45 -18.54 16.57
CA ALA C 352 -9.52 -19.33 17.37
C ALA C 352 -8.42 -18.46 17.96
N ALA C 353 -7.83 -17.57 17.15
CA ALA C 353 -6.83 -16.64 17.65
C ALA C 353 -7.40 -15.76 18.76
N THR C 354 -8.67 -15.37 18.62
CA THR C 354 -9.30 -14.55 19.65
C THR C 354 -9.42 -15.31 20.96
N GLY C 355 -9.77 -16.59 20.90
CA GLY C 355 -9.83 -17.39 22.11
C GLY C 355 -8.50 -17.52 22.82
N LYS C 356 -7.40 -17.34 22.10
CA LYS C 356 -6.07 -17.40 22.68
C LYS C 356 -5.51 -16.02 23.00
N GLY C 357 -6.28 -14.96 22.84
CA GLY C 357 -5.91 -13.66 23.35
C GLY C 357 -5.88 -12.53 22.33
N ALA C 358 -6.05 -12.82 21.04
CA ALA C 358 -6.01 -11.77 20.03
C ALA C 358 -7.24 -10.87 20.15
N PHE C 359 -7.06 -9.61 19.77
CA PHE C 359 -8.14 -8.64 19.67
C PHE C 359 -8.61 -8.61 18.22
N SER C 360 -9.84 -9.04 17.97
CA SER C 360 -10.33 -9.17 16.61
C SER C 360 -11.56 -8.30 16.39
N VAL C 361 -11.58 -7.62 15.25
CA VAL C 361 -12.68 -6.73 14.88
C VAL C 361 -13.18 -7.14 13.50
N VAL C 362 -14.48 -7.38 13.39
CA VAL C 362 -15.12 -7.75 12.13
C VAL C 362 -15.95 -6.57 11.66
N GLY C 363 -15.72 -6.14 10.42
CA GLY C 363 -16.48 -5.05 9.84
C GLY C 363 -17.17 -5.47 8.55
N GLY C 364 -18.24 -4.77 8.22
CA GLY C 364 -18.94 -5.01 6.97
C GLY C 364 -20.17 -5.88 7.10
N GLY C 365 -21.25 -5.48 6.43
CA GLY C 365 -22.47 -6.26 6.47
C GLY C 365 -22.30 -7.64 5.84
N ASP C 366 -21.49 -7.73 4.79
CA ASP C 366 -21.27 -9.04 4.17
C ASP C 366 -20.48 -9.96 5.09
N SER C 367 -19.53 -9.40 5.84
CA SER C 367 -18.81 -10.20 6.83
C SER C 367 -19.76 -10.77 7.86
N ALA C 368 -20.66 -9.93 8.37
CA ALA C 368 -21.62 -10.40 9.36
C ALA C 368 -22.54 -11.45 8.77
N ALA C 369 -22.99 -11.24 7.53
CA ALA C 369 -23.82 -12.25 6.86
C ALA C 369 -23.08 -13.56 6.75
N ALA C 370 -21.78 -13.51 6.49
CA ALA C 370 -21.00 -14.73 6.32
C ALA C 370 -20.91 -15.51 7.61
N VAL C 371 -20.55 -14.84 8.73
CA VAL C 371 -20.40 -15.60 9.99
C VAL C 371 -21.74 -16.22 10.39
N ARG C 372 -22.84 -15.51 10.13
CA ARG C 372 -24.15 -16.07 10.47
C ARG C 372 -24.49 -17.26 9.58
N ALA C 373 -24.22 -17.16 8.28
CA ALA C 373 -24.57 -18.25 7.37
C ALA C 373 -23.72 -19.49 7.62
N LEU C 374 -22.49 -19.30 8.11
CA LEU C 374 -21.51 -20.38 8.19
C LEU C 374 -21.40 -20.97 9.59
N GLY C 375 -22.23 -20.54 10.53
CA GLY C 375 -22.26 -21.17 11.84
C GLY C 375 -21.19 -20.72 12.81
N ILE C 376 -20.67 -19.51 12.65
CA ILE C 376 -19.58 -19.00 13.50
C ILE C 376 -20.20 -18.03 14.50
N PRO C 377 -20.16 -18.33 15.80
CA PRO C 377 -20.81 -17.46 16.78
C PRO C 377 -20.17 -16.07 16.80
N GLU C 378 -21.02 -15.04 16.92
CA GLU C 378 -20.49 -13.69 16.99
C GLU C 378 -19.62 -13.50 18.22
N SER C 379 -19.85 -14.29 19.27
CA SER C 379 -19.04 -14.22 20.48
C SER C 379 -17.60 -14.67 20.26
N GLY C 380 -17.30 -15.29 19.11
CA GLY C 380 -15.94 -15.67 18.80
C GLY C 380 -15.01 -14.51 18.47
N PHE C 381 -15.55 -13.31 18.29
CA PHE C 381 -14.78 -12.14 17.92
C PHE C 381 -14.87 -11.10 19.01
N SER C 382 -13.82 -10.28 19.15
CA SER C 382 -13.82 -9.26 20.20
C SER C 382 -14.91 -8.21 19.94
N HIS C 383 -15.09 -7.81 18.69
CA HIS C 383 -16.07 -6.79 18.34
C HIS C 383 -16.57 -7.01 16.93
N ILE C 384 -17.88 -7.07 16.76
CA ILE C 384 -18.49 -7.04 15.45
C ILE C 384 -18.97 -5.61 15.22
N SER C 385 -18.30 -4.91 14.33
CA SER C 385 -18.69 -3.56 13.99
C SER C 385 -19.92 -3.59 13.10
N THR C 386 -20.94 -2.83 13.48
CA THR C 386 -22.09 -2.63 12.60
C THR C 386 -22.06 -1.24 11.96
N GLY C 387 -20.92 -0.54 12.06
CA GLY C 387 -20.74 0.81 11.56
C GLY C 387 -20.64 0.94 10.05
N GLY C 388 -20.60 -0.17 9.33
CA GLY C 388 -20.65 -0.11 7.88
C GLY C 388 -19.48 0.64 7.27
N GLY C 389 -19.81 1.52 6.32
CA GLY C 389 -18.78 2.29 5.63
C GLY C 389 -18.14 3.37 6.45
N ALA C 390 -18.84 3.88 7.48
CA ALA C 390 -18.21 4.87 8.34
C ALA C 390 -16.97 4.30 9.04
N SER C 391 -17.06 3.06 9.51
CA SER C 391 -15.91 2.45 10.18
C SER C 391 -14.74 2.29 9.21
N LEU C 392 -15.03 1.95 7.94
CA LEU C 392 -13.96 1.85 6.96
C LEU C 392 -13.33 3.20 6.67
N GLU C 393 -14.15 4.26 6.51
CA GLU C 393 -13.56 5.57 6.28
C GLU C 393 -12.75 6.04 7.48
N TYR C 394 -13.17 5.65 8.69
CA TYR C 394 -12.37 5.93 9.88
C TYR C 394 -10.99 5.33 9.76
N LEU C 395 -10.90 4.11 9.24
CA LEU C 395 -9.60 3.47 9.09
C LEU C 395 -8.78 4.04 7.95
N GLU C 396 -9.41 4.75 7.01
CA GLU C 396 -8.62 5.42 5.98
C GLU C 396 -7.83 6.60 6.52
N GLY C 397 -8.12 7.04 7.75
CA GLY C 397 -7.48 8.21 8.31
C GLY C 397 -8.28 9.49 8.18
N LYS C 398 -9.42 9.45 7.48
CA LYS C 398 -10.23 10.63 7.30
C LYS C 398 -10.83 11.06 8.64
N ALA C 399 -10.87 12.37 8.86
CA ALA C 399 -11.63 12.91 9.99
C ALA C 399 -13.11 12.86 9.63
N LEU C 400 -13.87 12.06 10.37
CA LEU C 400 -15.30 11.92 10.08
C LEU C 400 -16.05 13.09 10.70
N PRO C 401 -16.89 13.78 9.94
CA PRO C 401 -17.51 15.02 10.46
C PRO C 401 -18.39 14.79 11.68
N GLY C 402 -19.08 13.65 11.76
CA GLY C 402 -19.93 13.38 12.90
C GLY C 402 -19.17 13.08 14.17
N ILE C 403 -17.88 12.77 14.05
CA ILE C 403 -17.01 12.59 15.21
CA ILE C 403 -17.01 12.59 15.21
C ILE C 403 -16.26 13.87 15.53
N GLU C 404 -15.71 14.53 14.52
CA GLU C 404 -15.00 15.79 14.73
C GLU C 404 -15.90 16.80 15.43
N VAL C 405 -17.17 16.87 15.04
CA VAL C 405 -18.04 17.91 15.59
C VAL C 405 -18.25 17.70 17.09
N LEU C 406 -18.18 16.44 17.55
CA LEU C 406 -18.39 16.12 18.97
C LEU C 406 -17.22 16.58 19.85
N GLY C 407 -16.02 16.71 19.27
CA GLY C 407 -14.88 17.18 20.02
C GLY C 407 -14.78 18.68 20.19
N ARG C 408 -15.63 19.43 19.49
CA ARG C 408 -15.61 20.88 19.59
C ARG C 408 -16.09 21.34 20.97
N PRO C 409 -15.63 22.50 21.44
CA PRO C 409 -16.12 23.04 22.71
C PRO C 409 -17.64 23.17 22.68
N GLN C 410 -18.23 23.02 23.86
CA GLN C 410 -19.67 23.08 23.95
C GLN C 410 -20.16 24.50 23.66
N PRO C 411 -21.25 24.66 22.93
CA PRO C 411 -21.79 26.00 22.71
C PRO C 411 -22.20 26.65 24.03
N THR C 412 -21.93 27.95 24.14
CA THR C 412 -22.23 28.67 25.38
C THR C 412 -22.90 30.02 25.08
N ALA D 3 -59.81 -30.09 -0.34
CA ALA D 3 -58.64 -30.88 -0.72
C ALA D 3 -57.62 -30.03 -1.49
N VAL D 4 -56.49 -29.73 -0.85
CA VAL D 4 -55.46 -28.90 -1.45
C VAL D 4 -54.56 -29.78 -2.31
N HIS D 5 -54.67 -29.64 -3.63
CA HIS D 5 -53.78 -30.34 -4.54
C HIS D 5 -52.45 -29.62 -4.62
N ASN D 6 -51.40 -30.37 -4.93
CA ASN D 6 -50.05 -29.83 -4.91
C ASN D 6 -49.42 -29.87 -6.29
N LEU D 7 -48.19 -29.38 -6.36
CA LEU D 7 -47.46 -29.36 -7.62
C LEU D 7 -47.28 -30.77 -8.18
N LYS D 8 -47.03 -31.75 -7.32
CA LYS D 8 -46.92 -33.12 -7.79
C LYS D 8 -48.19 -33.56 -8.51
N ASP D 9 -49.36 -33.20 -7.96
CA ASP D 9 -50.62 -33.52 -8.61
C ASP D 9 -50.74 -32.85 -9.98
N LEU D 10 -50.37 -31.57 -10.06
CA LEU D 10 -50.45 -30.86 -11.35
C LEU D 10 -49.52 -31.48 -12.37
N LEU D 11 -48.29 -31.79 -11.98
CA LEU D 11 -47.34 -32.40 -12.92
C LEU D 11 -47.83 -33.76 -13.40
N ALA D 12 -48.50 -34.52 -12.53
CA ALA D 12 -49.02 -35.83 -12.93
C ALA D 12 -50.15 -35.70 -13.94
N GLU D 13 -50.94 -34.62 -13.86
CA GLU D 13 -51.94 -34.37 -14.88
C GLU D 13 -51.28 -33.95 -16.19
N GLY D 14 -50.37 -32.98 -16.11
CA GLY D 14 -49.59 -32.56 -17.26
C GLY D 14 -49.58 -31.06 -17.43
N VAL D 15 -48.45 -30.51 -17.87
CA VAL D 15 -48.35 -29.08 -18.15
C VAL D 15 -47.60 -28.81 -19.45
N SER D 16 -47.33 -29.83 -20.25
CA SER D 16 -46.59 -29.61 -21.48
C SER D 16 -47.41 -28.72 -22.43
N GLY D 17 -46.84 -27.58 -22.80
CA GLY D 17 -47.52 -26.61 -23.63
C GLY D 17 -48.59 -25.80 -22.91
N ARG D 18 -48.70 -25.95 -21.61
CA ARG D 18 -49.77 -25.36 -20.84
C ARG D 18 -49.29 -24.13 -20.06
N GLY D 19 -50.10 -23.07 -20.08
CA GLY D 19 -49.78 -21.90 -19.28
C GLY D 19 -49.96 -22.19 -17.81
N VAL D 20 -48.96 -21.83 -17.01
CA VAL D 20 -49.04 -22.00 -15.56
C VAL D 20 -48.64 -20.68 -14.93
N LEU D 21 -49.57 -20.10 -14.17
CA LEU D 21 -49.35 -18.87 -13.42
C LEU D 21 -48.85 -19.26 -12.04
N VAL D 22 -47.66 -18.77 -11.67
CA VAL D 22 -47.04 -19.12 -10.39
C VAL D 22 -46.93 -17.86 -9.56
N ARG D 23 -47.53 -17.86 -8.39
CA ARG D 23 -47.31 -16.79 -7.41
C ARG D 23 -46.09 -17.17 -6.61
N SER D 24 -44.96 -16.49 -6.84
CA SER D 24 -43.75 -16.81 -6.10
C SER D 24 -43.49 -15.76 -5.03
N ASP D 25 -42.66 -16.14 -4.06
CA ASP D 25 -42.09 -15.23 -3.06
C ASP D 25 -40.73 -14.81 -3.57
N LEU D 26 -40.65 -13.62 -4.17
CA LEU D 26 -39.38 -13.08 -4.63
C LEU D 26 -39.09 -11.74 -3.97
N ASN D 27 -39.55 -11.56 -2.73
CA ASN D 27 -39.45 -10.28 -2.03
C ASN D 27 -38.11 -10.17 -1.29
N VAL D 28 -37.04 -10.14 -2.09
CA VAL D 28 -35.68 -10.14 -1.56
C VAL D 28 -35.32 -8.78 -0.98
N PRO D 29 -34.53 -8.73 0.09
CA PRO D 29 -34.05 -7.43 0.58
C PRO D 29 -33.09 -6.78 -0.41
N LEU D 30 -33.19 -5.47 -0.50
CA LEU D 30 -32.32 -4.66 -1.34
C LEU D 30 -31.53 -3.71 -0.47
N ASP D 31 -30.31 -3.39 -0.90
CA ASP D 31 -29.46 -2.48 -0.15
C ASP D 31 -30.12 -1.10 -0.12
N SER D 32 -30.22 -0.53 1.09
CA SER D 32 -30.77 0.81 1.24
CA SER D 32 -30.77 0.81 1.26
C SER D 32 -29.74 1.90 0.98
N ASP D 33 -28.46 1.54 0.92
CA ASP D 33 -27.38 2.47 0.61
C ASP D 33 -26.81 2.17 -0.77
N GLY D 34 -26.00 3.11 -1.27
CA GLY D 34 -25.39 2.92 -2.57
C GLY D 34 -26.41 2.87 -3.69
N GLU D 35 -26.04 2.18 -4.77
CA GLU D 35 -26.92 2.09 -5.93
C GLU D 35 -28.13 1.22 -5.63
N GLN D 36 -29.28 1.62 -6.17
CA GLN D 36 -30.52 0.89 -5.94
C GLN D 36 -30.52 -0.42 -6.73
N GLY D 37 -31.46 -1.29 -6.38
CA GLY D 37 -31.64 -2.54 -7.08
C GLY D 37 -30.61 -3.61 -6.80
N ARG D 38 -29.87 -3.50 -5.71
CA ARG D 38 -28.83 -4.47 -5.37
C ARG D 38 -29.38 -5.44 -4.33
N ILE D 39 -29.50 -6.70 -4.72
CA ILE D 39 -30.02 -7.74 -3.83
C ILE D 39 -28.97 -8.07 -2.78
N THR D 40 -29.34 -7.96 -1.51
CA THR D 40 -28.40 -8.29 -0.44
C THR D 40 -28.57 -9.71 0.09
N ASP D 41 -29.66 -10.38 -0.24
CA ASP D 41 -29.92 -11.75 0.19
C ASP D 41 -30.78 -12.43 -0.85
N PRO D 42 -30.22 -13.34 -1.66
CA PRO D 42 -31.02 -14.02 -2.69
C PRO D 42 -31.76 -15.26 -2.21
N GLY D 43 -31.87 -15.47 -0.89
CA GLY D 43 -32.43 -16.71 -0.38
C GLY D 43 -33.82 -17.02 -0.92
N ARG D 44 -34.68 -16.01 -1.04
CA ARG D 44 -36.03 -16.25 -1.53
C ARG D 44 -36.04 -16.65 -3.00
N ILE D 45 -35.10 -16.12 -3.78
CA ILE D 45 -34.99 -16.55 -5.17
C ILE D 45 -34.55 -18.00 -5.25
N THR D 46 -33.54 -18.37 -4.45
CA THR D 46 -33.09 -19.76 -4.40
C THR D 46 -34.24 -20.68 -4.02
N ALA D 47 -35.06 -20.26 -3.05
CA ALA D 47 -36.15 -21.12 -2.58
C ALA D 47 -37.24 -21.28 -3.63
N SER D 48 -37.38 -20.31 -4.55
CA SER D 48 -38.43 -20.34 -5.56
C SER D 48 -38.12 -21.30 -6.70
N VAL D 49 -36.88 -21.76 -6.81
CA VAL D 49 -36.41 -22.47 -7.99
C VAL D 49 -37.04 -23.86 -8.15
N PRO D 50 -37.18 -24.68 -7.09
CA PRO D 50 -37.74 -26.03 -7.30
C PRO D 50 -39.08 -26.06 -8.02
N THR D 51 -40.03 -25.21 -7.63
CA THR D 51 -41.29 -25.17 -8.35
C THR D 51 -41.09 -24.73 -9.80
N LEU D 52 -40.33 -23.66 -10.01
CA LEU D 52 -40.23 -23.10 -11.36
C LEU D 52 -39.45 -24.03 -12.27
N SER D 53 -38.37 -24.63 -11.77
CA SER D 53 -37.60 -25.56 -12.59
CA SER D 53 -37.61 -25.55 -12.60
CA SER D 53 -37.60 -25.56 -12.59
C SER D 53 -38.43 -26.78 -12.99
N ALA D 54 -39.23 -27.29 -12.07
CA ALA D 54 -40.06 -28.46 -12.39
C ALA D 54 -41.04 -28.14 -13.50
N LEU D 55 -41.64 -26.96 -13.45
CA LEU D 55 -42.58 -26.59 -14.50
C LEU D 55 -41.88 -26.37 -15.84
N VAL D 56 -40.71 -25.72 -15.82
CA VAL D 56 -39.96 -25.48 -17.05
C VAL D 56 -39.58 -26.80 -17.70
N GLU D 57 -39.06 -27.73 -16.90
CA GLU D 57 -38.59 -29.01 -17.44
C GLU D 57 -39.74 -29.82 -18.03
N ALA D 58 -40.95 -29.64 -17.49
CA ALA D 58 -42.14 -30.33 -17.96
C ALA D 58 -42.79 -29.64 -19.16
N GLY D 59 -42.24 -28.52 -19.62
CA GLY D 59 -42.73 -27.87 -20.83
C GLY D 59 -43.84 -26.85 -20.64
N ALA D 60 -44.07 -26.42 -19.40
CA ALA D 60 -45.06 -25.38 -19.13
C ALA D 60 -44.63 -24.05 -19.74
N LYS D 61 -45.61 -23.21 -20.00
CA LYS D 61 -45.39 -21.80 -20.33
C LYS D 61 -45.60 -21.03 -19.04
N VAL D 62 -44.52 -20.59 -18.40
CA VAL D 62 -44.57 -20.16 -17.00
C VAL D 62 -44.67 -18.64 -16.92
N VAL D 63 -45.69 -18.15 -16.22
CA VAL D 63 -45.88 -16.73 -15.93
C VAL D 63 -45.79 -16.58 -14.43
N VAL D 64 -44.90 -15.72 -13.96
CA VAL D 64 -44.61 -15.57 -12.53
C VAL D 64 -45.10 -14.20 -12.07
N ALA D 65 -45.87 -14.21 -10.98
CA ALA D 65 -46.32 -12.99 -10.30
C ALA D 65 -45.67 -12.94 -8.94
N ALA D 66 -45.10 -11.78 -8.59
CA ALA D 66 -44.42 -11.62 -7.31
C ALA D 66 -44.35 -10.14 -6.98
N HIS D 67 -44.12 -9.84 -5.70
CA HIS D 67 -43.99 -8.45 -5.29
C HIS D 67 -42.62 -8.22 -4.66
N LEU D 68 -42.24 -6.95 -4.63
CA LEU D 68 -41.02 -6.50 -3.98
C LEU D 68 -41.35 -5.26 -3.18
N GLY D 69 -41.18 -5.33 -1.85
CA GLY D 69 -41.53 -4.21 -1.00
C GLY D 69 -43.01 -3.89 -1.04
N ARG D 70 -43.32 -2.62 -0.75
CA ARG D 70 -44.69 -2.10 -0.80
C ARG D 70 -44.68 -0.79 -1.57
N PRO D 71 -44.80 -0.87 -2.90
CA PRO D 71 -44.87 0.34 -3.72
C PRO D 71 -45.97 1.28 -3.27
N LYS D 72 -45.60 2.55 -3.11
CA LYS D 72 -46.52 3.56 -2.57
C LYS D 72 -47.66 3.86 -3.53
N ASN D 73 -47.34 4.08 -4.80
CA ASN D 73 -48.35 4.48 -5.78
C ASN D 73 -47.91 4.14 -7.20
N GLY D 74 -48.12 2.90 -7.60
CA GLY D 74 -47.75 2.47 -8.92
C GLY D 74 -46.27 2.17 -9.06
N PRO D 75 -45.79 2.11 -10.30
CA PRO D 75 -44.40 1.71 -10.52
C PRO D 75 -43.40 2.64 -9.84
N ASP D 76 -42.36 2.02 -9.29
CA ASP D 76 -41.25 2.64 -8.59
C ASP D 76 -39.98 1.94 -9.08
N PRO D 77 -39.10 2.63 -9.80
CA PRO D 77 -37.90 1.96 -10.33
C PRO D 77 -37.06 1.25 -9.27
N ALA D 78 -37.02 1.76 -8.04
CA ALA D 78 -36.25 1.08 -6.99
C ALA D 78 -36.86 -0.26 -6.62
N LEU D 79 -38.13 -0.49 -6.92
CA LEU D 79 -38.83 -1.72 -6.55
C LEU D 79 -39.15 -2.58 -7.77
N SER D 80 -38.50 -2.31 -8.89
CA SER D 80 -38.65 -3.15 -10.09
C SER D 80 -38.09 -4.54 -9.84
N LEU D 81 -38.72 -5.55 -10.46
CA LEU D 81 -38.23 -6.92 -10.37
C LEU D 81 -37.09 -7.20 -11.37
N ALA D 82 -36.57 -6.19 -12.07
CA ALA D 82 -35.46 -6.41 -12.99
C ALA D 82 -34.30 -7.19 -12.37
N PRO D 83 -33.77 -6.83 -11.19
CA PRO D 83 -32.65 -7.62 -10.65
C PRO D 83 -33.08 -9.02 -10.25
N VAL D 84 -34.35 -9.20 -9.87
CA VAL D 84 -34.84 -10.53 -9.52
C VAL D 84 -34.89 -11.42 -10.76
N ALA D 85 -35.38 -10.90 -11.88
CA ALA D 85 -35.42 -11.68 -13.12
C ALA D 85 -34.03 -12.14 -13.54
N ALA D 86 -33.03 -11.27 -13.39
CA ALA D 86 -31.66 -11.63 -13.74
C ALA D 86 -31.14 -12.73 -12.83
N ALA D 87 -31.28 -12.56 -11.51
CA ALA D 87 -30.77 -13.56 -10.58
C ALA D 87 -31.53 -14.88 -10.72
N LEU D 88 -32.84 -14.80 -10.94
CA LEU D 88 -33.64 -16.01 -11.10
C LEU D 88 -33.21 -16.75 -12.36
N GLY D 89 -33.02 -16.03 -13.46
CA GLY D 89 -32.57 -16.67 -14.69
C GLY D 89 -31.23 -17.36 -14.53
N GLU D 90 -30.32 -16.73 -13.79
CA GLU D 90 -29.01 -17.33 -13.57
C GLU D 90 -29.14 -18.66 -12.82
N GLN D 91 -30.05 -18.71 -11.84
CA GLN D 91 -30.24 -19.96 -11.12
C GLN D 91 -30.99 -21.01 -11.94
N LEU D 92 -31.90 -20.57 -12.81
CA LEU D 92 -32.61 -21.51 -13.69
C LEU D 92 -31.80 -21.92 -14.90
N GLY D 93 -30.74 -21.18 -15.23
CA GLY D 93 -29.99 -21.46 -16.44
C GLY D 93 -30.71 -21.09 -17.72
N ARG D 94 -31.56 -20.06 -17.68
CA ARG D 94 -32.31 -19.64 -18.85
C ARG D 94 -32.73 -18.19 -18.66
N HIS D 95 -33.00 -17.51 -19.78
CA HIS D 95 -33.42 -16.12 -19.71
C HIS D 95 -34.84 -16.01 -19.17
N VAL D 96 -35.04 -15.15 -18.18
CA VAL D 96 -36.35 -14.84 -17.65
C VAL D 96 -36.76 -13.47 -18.18
N GLN D 97 -37.78 -13.44 -19.03
CA GLN D 97 -38.30 -12.16 -19.51
C GLN D 97 -38.91 -11.37 -18.37
N LEU D 98 -38.73 -10.05 -18.40
CA LEU D 98 -39.43 -9.13 -17.50
C LEU D 98 -40.43 -8.33 -18.33
N ALA D 99 -41.71 -8.43 -17.98
CA ALA D 99 -42.69 -7.60 -18.65
C ALA D 99 -42.48 -6.13 -18.27
N SER D 100 -42.82 -5.24 -19.20
CA SER D 100 -42.74 -3.80 -18.98
C SER D 100 -43.94 -3.25 -18.24
N ASP D 101 -44.94 -4.08 -17.97
CA ASP D 101 -46.08 -3.70 -17.16
C ASP D 101 -46.50 -4.94 -16.37
N VAL D 102 -47.58 -4.82 -15.60
CA VAL D 102 -47.97 -5.93 -14.74
C VAL D 102 -48.94 -6.84 -15.48
N VAL D 103 -50.06 -6.27 -15.95
CA VAL D 103 -51.06 -7.00 -16.72
C VAL D 103 -51.47 -6.19 -17.94
N GLY D 104 -50.58 -5.33 -18.41
CA GLY D 104 -50.90 -4.47 -19.53
C GLY D 104 -50.65 -5.14 -20.87
N THR D 105 -50.59 -4.31 -21.92
CA THR D 105 -50.44 -4.85 -23.26
C THR D 105 -49.11 -5.57 -23.42
N ASP D 106 -48.06 -5.13 -22.72
CA ASP D 106 -46.77 -5.81 -22.89
C ASP D 106 -46.76 -7.17 -22.20
N ALA D 107 -47.27 -7.24 -20.96
CA ALA D 107 -47.39 -8.53 -20.29
C ALA D 107 -48.19 -9.51 -21.13
N LEU D 108 -49.28 -9.06 -21.72
CA LEU D 108 -50.10 -9.94 -22.55
C LEU D 108 -49.37 -10.36 -23.81
N ALA D 109 -48.67 -9.44 -24.47
CA ALA D 109 -47.96 -9.81 -25.69
C ALA D 109 -46.86 -10.82 -25.39
N ARG D 110 -46.11 -10.62 -24.30
CA ARG D 110 -45.07 -11.57 -23.94
C ARG D 110 -45.65 -12.93 -23.55
N ALA D 111 -46.76 -12.92 -22.81
CA ALA D 111 -47.39 -14.19 -22.42
C ALA D 111 -47.87 -14.96 -23.64
N GLU D 112 -48.47 -14.26 -24.61
CA GLU D 112 -48.94 -14.90 -25.83
C GLU D 112 -47.79 -15.44 -26.68
N GLY D 113 -46.59 -14.89 -26.53
CA GLY D 113 -45.46 -15.37 -27.29
C GLY D 113 -44.65 -16.48 -26.63
N LEU D 114 -45.02 -16.90 -25.42
CA LEU D 114 -44.27 -17.93 -24.72
C LEU D 114 -44.36 -19.26 -25.44
N THR D 115 -43.23 -19.96 -25.51
CA THR D 115 -43.20 -21.35 -25.96
C THR D 115 -42.90 -22.27 -24.78
N ASP D 116 -43.07 -23.57 -25.01
CA ASP D 116 -42.87 -24.55 -23.96
C ASP D 116 -41.52 -24.37 -23.28
N GLY D 117 -41.54 -24.23 -21.95
CA GLY D 117 -40.34 -24.07 -21.17
C GLY D 117 -39.93 -22.63 -20.88
N ASP D 118 -40.54 -21.65 -21.54
CA ASP D 118 -40.20 -20.25 -21.33
C ASP D 118 -40.78 -19.71 -20.03
N VAL D 119 -40.10 -18.71 -19.46
CA VAL D 119 -40.51 -18.07 -18.21
C VAL D 119 -40.64 -16.57 -18.41
N LEU D 120 -41.79 -16.03 -18.01
CA LEU D 120 -42.07 -14.60 -18.00
C LEU D 120 -42.31 -14.16 -16.56
N LEU D 121 -41.54 -13.17 -16.11
CA LEU D 121 -41.77 -12.55 -14.82
C LEU D 121 -42.53 -11.26 -15.05
N LEU D 122 -43.74 -11.17 -14.52
CA LEU D 122 -44.46 -9.90 -14.61
C LEU D 122 -43.77 -8.87 -13.71
N GLU D 123 -43.98 -7.60 -14.03
CA GLU D 123 -43.43 -6.58 -13.16
C GLU D 123 -44.13 -6.66 -11.81
N ASN D 124 -43.49 -6.08 -10.79
CA ASN D 124 -43.94 -6.07 -9.40
C ASN D 124 -45.47 -6.01 -9.30
N ILE D 125 -46.11 -7.08 -8.82
CA ILE D 125 -47.56 -7.14 -8.86
C ILE D 125 -48.18 -6.02 -8.03
N ARG D 126 -47.46 -5.55 -7.00
CA ARG D 126 -47.96 -4.46 -6.17
C ARG D 126 -47.85 -3.08 -6.84
N PHE D 127 -47.25 -3.00 -8.03
CA PHE D 127 -47.41 -1.78 -8.83
C PHE D 127 -48.87 -1.55 -9.21
N ASP D 128 -49.68 -2.60 -9.19
CA ASP D 128 -51.12 -2.47 -9.42
C ASP D 128 -51.83 -2.34 -8.07
N ALA D 129 -52.47 -1.19 -7.85
CA ALA D 129 -53.16 -0.94 -6.58
C ALA D 129 -54.23 -1.98 -6.27
N ARG D 130 -54.77 -2.67 -7.28
CA ARG D 130 -55.84 -3.62 -7.02
C ARG D 130 -55.33 -4.88 -6.34
N GLU D 131 -54.01 -5.13 -6.40
CA GLU D 131 -53.44 -6.36 -5.85
C GLU D 131 -53.73 -6.49 -4.37
N THR D 132 -53.62 -5.40 -3.61
CA THR D 132 -53.81 -5.41 -2.17
C THR D 132 -55.09 -4.69 -1.75
N SER D 133 -55.99 -4.43 -2.70
CA SER D 133 -57.19 -3.68 -2.40
C SER D 133 -58.12 -4.47 -1.50
N LYS D 134 -58.80 -3.76 -0.61
CA LYS D 134 -59.84 -4.39 0.20
C LYS D 134 -61.13 -4.63 -0.57
N ASP D 135 -61.29 -4.00 -1.73
CA ASP D 135 -62.51 -4.14 -2.52
C ASP D 135 -62.43 -5.41 -3.36
N ASP D 136 -63.35 -6.34 -3.11
CA ASP D 136 -63.32 -7.63 -3.81
C ASP D 136 -63.44 -7.46 -5.32
N ALA D 137 -64.24 -6.50 -5.77
CA ALA D 137 -64.43 -6.30 -7.20
C ALA D 137 -63.14 -5.87 -7.88
N GLU D 138 -62.37 -5.00 -7.22
CA GLU D 138 -61.10 -4.57 -7.80
C GLU D 138 -60.11 -5.72 -7.86
N ARG D 139 -60.05 -6.55 -6.82
CA ARG D 139 -59.12 -7.67 -6.85
C ARG D 139 -59.51 -8.69 -7.91
N LEU D 140 -60.82 -8.94 -8.07
CA LEU D 140 -61.27 -9.88 -9.09
C LEU D 140 -60.94 -9.38 -10.48
N ALA D 141 -61.08 -8.07 -10.71
CA ALA D 141 -60.75 -7.51 -12.03
C ALA D 141 -59.29 -7.75 -12.38
N LEU D 142 -58.38 -7.52 -11.42
CA LEU D 142 -56.98 -7.79 -11.69
C LEU D 142 -56.74 -9.29 -11.83
N ALA D 143 -57.41 -10.10 -11.02
CA ALA D 143 -57.26 -11.55 -11.12
C ALA D 143 -57.68 -12.06 -12.49
N ARG D 144 -58.76 -11.50 -13.08
CA ARG D 144 -59.16 -11.90 -14.41
CA ARG D 144 -59.15 -11.92 -14.41
C ARG D 144 -58.07 -11.60 -15.43
N GLN D 145 -57.42 -10.44 -15.29
CA GLN D 145 -56.35 -10.11 -16.22
C GLN D 145 -55.14 -11.02 -16.03
N LEU D 146 -54.87 -11.43 -14.79
CA LEU D 146 -53.79 -12.39 -14.56
C LEU D 146 -54.12 -13.73 -15.21
N ALA D 147 -55.35 -14.21 -15.01
CA ALA D 147 -55.72 -15.49 -15.60
C ALA D 147 -55.69 -15.44 -17.12
N GLU D 148 -55.98 -14.28 -17.71
CA GLU D 148 -55.93 -14.16 -19.16
C GLU D 148 -54.54 -14.43 -19.70
N LEU D 149 -53.49 -14.17 -18.90
CA LEU D 149 -52.12 -14.34 -19.39
C LEU D 149 -51.77 -15.79 -19.65
N VAL D 150 -52.40 -16.73 -18.93
CA VAL D 150 -52.11 -18.15 -19.16
C VAL D 150 -53.22 -18.84 -19.92
N GLY D 151 -54.31 -18.14 -20.21
CA GLY D 151 -55.35 -18.68 -21.06
C GLY D 151 -56.37 -19.49 -20.28
N PRO D 152 -57.52 -19.77 -20.89
CA PRO D 152 -58.56 -20.52 -20.17
C PRO D 152 -58.15 -21.94 -19.80
N THR D 153 -57.12 -22.51 -20.44
CA THR D 153 -56.64 -23.84 -20.08
C THR D 153 -55.48 -23.81 -19.10
N GLY D 154 -55.19 -22.64 -18.53
CA GLY D 154 -54.06 -22.51 -17.63
C GLY D 154 -54.32 -23.09 -16.26
N ALA D 155 -53.25 -23.15 -15.48
CA ALA D 155 -53.31 -23.57 -14.09
C ALA D 155 -52.62 -22.52 -13.23
N PHE D 156 -52.94 -22.53 -11.94
CA PHE D 156 -52.40 -21.61 -10.96
C PHE D 156 -51.65 -22.37 -9.88
N VAL D 157 -50.44 -21.93 -9.57
CA VAL D 157 -49.60 -22.53 -8.52
C VAL D 157 -49.27 -21.44 -7.51
N SER D 158 -49.68 -21.64 -6.25
CA SER D 158 -49.40 -20.70 -5.16
C SER D 158 -48.14 -21.16 -4.43
N ASP D 159 -47.05 -20.36 -4.52
CA ASP D 159 -45.77 -20.79 -3.95
C ASP D 159 -45.14 -19.76 -3.02
N GLY D 160 -45.88 -18.74 -2.61
CA GLY D 160 -45.37 -17.78 -1.65
C GLY D 160 -46.16 -17.86 -0.36
N PHE D 161 -45.62 -18.57 0.64
CA PHE D 161 -46.39 -18.77 1.85
C PHE D 161 -46.61 -17.48 2.62
N GLY D 162 -45.64 -16.56 2.57
CA GLY D 162 -45.69 -15.35 3.36
C GLY D 162 -46.86 -14.44 3.07
N VAL D 163 -47.58 -14.66 1.97
CA VAL D 163 -48.68 -13.80 1.57
C VAL D 163 -50.03 -14.53 1.61
N VAL D 164 -50.08 -15.78 2.11
CA VAL D 164 -51.34 -16.52 2.00
C VAL D 164 -52.33 -16.18 3.10
N HIS D 165 -51.93 -15.36 4.07
CA HIS D 165 -52.82 -14.99 5.16
C HIS D 165 -53.68 -13.78 4.85
N ARG D 166 -53.49 -13.14 3.70
CA ARG D 166 -54.25 -11.97 3.32
C ARG D 166 -54.86 -12.18 1.94
N LYS D 167 -56.00 -11.52 1.70
CA LYS D 167 -56.63 -11.58 0.39
C LYS D 167 -55.90 -10.62 -0.55
N GLN D 168 -55.16 -11.17 -1.50
CA GLN D 168 -54.56 -10.42 -2.58
C GLN D 168 -54.96 -11.05 -3.90
N ALA D 169 -55.03 -10.22 -4.95
CA ALA D 169 -55.52 -10.70 -6.23
C ALA D 169 -54.70 -11.88 -6.74
N SER D 170 -53.37 -11.81 -6.61
CA SER D 170 -52.49 -12.81 -7.19
C SER D 170 -52.35 -14.06 -6.33
N VAL D 171 -52.92 -14.05 -5.13
CA VAL D 171 -52.78 -15.13 -4.17
C VAL D 171 -54.11 -15.84 -3.93
N TYR D 172 -55.20 -15.06 -3.88
CA TYR D 172 -56.50 -15.54 -3.49
C TYR D 172 -57.49 -15.49 -4.64
N ASP D 173 -57.77 -14.31 -5.16
CA ASP D 173 -58.85 -14.19 -6.13
C ASP D 173 -58.55 -14.95 -7.42
N VAL D 174 -57.29 -14.94 -7.88
CA VAL D 174 -57.00 -15.63 -9.14
C VAL D 174 -57.11 -17.14 -8.99
N ALA D 175 -56.99 -17.66 -7.77
CA ALA D 175 -57.15 -19.11 -7.55
C ALA D 175 -58.60 -19.57 -7.71
N THR D 176 -59.56 -18.64 -7.70
CA THR D 176 -60.94 -19.03 -7.99
C THR D 176 -61.21 -19.13 -9.48
N LEU D 177 -60.28 -18.71 -10.33
CA LEU D 177 -60.50 -18.63 -11.76
C LEU D 177 -59.83 -19.76 -12.54
N LEU D 178 -58.93 -20.50 -11.93
CA LEU D 178 -58.13 -21.50 -12.62
C LEU D 178 -57.99 -22.74 -11.72
N PRO D 179 -57.76 -23.91 -12.32
CA PRO D 179 -57.29 -25.05 -11.53
C PRO D 179 -56.12 -24.62 -10.66
N HIS D 180 -56.16 -24.94 -9.37
CA HIS D 180 -55.31 -24.29 -8.39
C HIS D 180 -54.58 -25.32 -7.53
N TYR D 181 -53.31 -25.02 -7.24
CA TYR D 181 -52.41 -25.98 -6.62
C TYR D 181 -51.47 -25.25 -5.68
N ALA D 182 -51.08 -25.94 -4.61
CA ALA D 182 -49.99 -25.46 -3.77
C ALA D 182 -48.65 -25.83 -4.38
N GLY D 183 -47.76 -24.84 -4.52
CA GLY D 183 -46.42 -25.10 -4.98
C GLY D 183 -45.61 -25.82 -3.92
N THR D 184 -44.37 -26.17 -4.29
CA THR D 184 -43.51 -26.97 -3.41
CA THR D 184 -43.52 -26.97 -3.41
C THR D 184 -43.36 -26.32 -2.03
N LEU D 185 -43.15 -25.00 -1.99
CA LEU D 185 -42.92 -24.34 -0.70
C LEU D 185 -44.18 -24.27 0.15
N VAL D 186 -45.31 -23.92 -0.47
CA VAL D 186 -46.56 -23.82 0.27
C VAL D 186 -47.00 -25.20 0.75
N ALA D 187 -46.86 -26.22 -0.09
CA ALA D 187 -47.19 -27.58 0.31
C ALA D 187 -46.32 -28.05 1.48
N GLU D 188 -45.02 -27.77 1.42
CA GLU D 188 -44.13 -28.15 2.53
CA GLU D 188 -44.16 -28.17 2.53
C GLU D 188 -44.50 -27.42 3.81
N GLU D 189 -44.78 -26.11 3.71
CA GLU D 189 -45.10 -25.36 4.91
C GLU D 189 -46.39 -25.85 5.55
N ILE D 190 -47.38 -26.20 4.73
CA ILE D 190 -48.62 -26.78 5.26
C ILE D 190 -48.34 -28.11 5.94
N ALA D 191 -47.51 -28.95 5.32
CA ALA D 191 -47.20 -30.25 5.92
C ALA D 191 -46.48 -30.10 7.24
N VAL D 192 -45.68 -29.04 7.40
CA VAL D 192 -45.05 -28.76 8.68
C VAL D 192 -46.08 -28.28 9.69
N LEU D 193 -46.86 -27.26 9.32
CA LEU D 193 -47.79 -26.67 10.28
C LEU D 193 -48.85 -27.67 10.72
N GLU D 194 -49.15 -28.65 9.86
CA GLU D 194 -50.09 -29.69 10.28
C GLU D 194 -49.51 -30.57 11.37
N GLN D 195 -48.19 -30.82 11.37
CA GLN D 195 -47.59 -31.53 12.49
C GLN D 195 -47.57 -30.72 13.77
N LEU D 196 -47.93 -29.44 13.71
CA LEU D 196 -48.01 -28.58 14.89
C LEU D 196 -49.43 -28.30 15.33
N THR D 197 -50.44 -28.59 14.51
CA THR D 197 -51.83 -28.39 14.89
C THR D 197 -52.63 -29.68 15.00
N GLY D 198 -52.35 -30.68 14.16
CA GLY D 198 -53.11 -31.91 14.18
C GLY D 198 -52.24 -33.15 14.12
N SER D 199 -52.76 -34.22 14.71
CA SER D 199 -52.10 -35.54 14.71
C SER D 199 -50.61 -35.44 15.05
N THR D 200 -50.32 -34.66 16.08
CA THR D 200 -48.94 -34.37 16.46
C THR D 200 -48.35 -35.53 17.25
N LYS D 201 -47.18 -36.03 16.82
CA LYS D 201 -46.46 -37.02 17.59
C LYS D 201 -46.07 -36.45 18.96
N ARG D 202 -46.37 -37.20 20.02
CA ARG D 202 -46.28 -36.67 21.37
C ARG D 202 -45.13 -37.30 22.16
N PRO D 203 -44.59 -36.60 23.18
CA PRO D 203 -44.99 -35.28 23.68
C PRO D 203 -44.73 -34.13 22.71
N TYR D 204 -45.64 -33.17 22.71
CA TYR D 204 -45.54 -31.97 21.89
C TYR D 204 -45.21 -30.80 22.81
N ALA D 205 -43.99 -30.26 22.68
CA ALA D 205 -43.51 -29.17 23.51
C ALA D 205 -43.43 -27.89 22.69
N VAL D 206 -43.96 -26.80 23.25
CA VAL D 206 -43.94 -25.48 22.62
C VAL D 206 -43.12 -24.56 23.51
N VAL D 207 -42.25 -23.76 22.91
CA VAL D 207 -41.43 -22.77 23.61
C VAL D 207 -41.68 -21.42 22.96
N LEU D 208 -42.17 -20.47 23.76
CA LEU D 208 -42.50 -19.15 23.25
C LEU D 208 -41.76 -18.10 24.04
N GLY D 209 -41.08 -17.20 23.34
CA GLY D 209 -40.42 -16.05 23.95
C GLY D 209 -40.89 -14.73 23.37
N GLY D 210 -40.01 -13.75 23.32
CA GLY D 210 -40.39 -12.42 22.90
C GLY D 210 -40.89 -11.60 24.06
N SER D 211 -41.18 -10.33 23.77
CA SER D 211 -41.39 -9.32 24.83
C SER D 211 -42.86 -9.15 25.25
N LYS D 212 -43.81 -9.39 24.35
CA LYS D 212 -45.21 -9.04 24.58
C LYS D 212 -46.10 -10.27 24.56
N VAL D 213 -46.90 -10.44 25.61
CA VAL D 213 -47.86 -11.53 25.64
C VAL D 213 -48.86 -11.38 24.50
N SER D 214 -49.29 -10.15 24.23
CA SER D 214 -50.32 -9.92 23.21
C SER D 214 -49.88 -10.41 21.83
N ASP D 215 -48.56 -10.44 21.56
CA ASP D 215 -48.11 -10.91 20.25
C ASP D 215 -48.23 -12.42 20.12
N LYS D 216 -48.20 -13.15 21.24
CA LYS D 216 -48.27 -14.60 21.21
C LYS D 216 -49.60 -15.14 21.73
N LEU D 217 -50.53 -14.26 22.12
CA LEU D 217 -51.73 -14.72 22.80
C LEU D 217 -52.56 -15.66 21.92
N GLY D 218 -52.75 -15.29 20.65
CA GLY D 218 -53.51 -16.14 19.75
C GLY D 218 -52.92 -17.54 19.64
N VAL D 219 -51.59 -17.62 19.51
CA VAL D 219 -50.94 -18.92 19.40
C VAL D 219 -51.06 -19.69 20.71
N ILE D 220 -50.89 -19.02 21.84
CA ILE D 220 -51.02 -19.70 23.13
C ILE D 220 -52.42 -20.28 23.30
N GLU D 221 -53.44 -19.49 22.97
CA GLU D 221 -54.81 -19.96 23.17
C GLU D 221 -55.11 -21.16 22.30
N SER D 222 -54.58 -21.17 21.07
CA SER D 222 -54.81 -22.28 20.16
C SER D 222 -54.03 -23.51 20.59
N LEU D 223 -52.75 -23.35 20.89
CA LEU D 223 -51.90 -24.51 21.16
C LEU D 223 -52.10 -25.04 22.58
N ALA D 224 -52.69 -24.25 23.48
CA ALA D 224 -52.87 -24.71 24.85
C ALA D 224 -53.75 -25.95 24.95
N THR D 225 -54.60 -26.20 23.95
CA THR D 225 -55.44 -27.38 23.93
C THR D 225 -54.86 -28.48 23.07
N LYS D 226 -53.67 -28.26 22.52
CA LYS D 226 -53.02 -29.19 21.62
C LYS D 226 -51.67 -29.69 22.13
N ALA D 227 -50.88 -28.81 22.74
CA ALA D 227 -49.55 -29.17 23.19
C ALA D 227 -49.58 -29.76 24.59
N ASP D 228 -48.57 -30.58 24.89
CA ASP D 228 -48.40 -31.10 26.24
C ASP D 228 -47.75 -30.08 27.17
N SER D 229 -46.93 -29.18 26.64
CA SER D 229 -46.31 -28.14 27.43
C SER D 229 -46.17 -26.91 26.57
N ILE D 230 -46.30 -25.75 27.19
CA ILE D 230 -45.96 -24.47 26.57
C ILE D 230 -45.04 -23.75 27.54
N VAL D 231 -43.76 -23.67 27.19
CA VAL D 231 -42.77 -22.96 27.99
C VAL D 231 -42.83 -21.48 27.64
N ILE D 232 -42.91 -20.62 28.66
CA ILE D 232 -43.00 -19.18 28.48
C ILE D 232 -41.70 -18.56 28.97
N GLY D 233 -40.94 -17.96 28.06
CA GLY D 233 -39.78 -17.19 28.46
C GLY D 233 -39.74 -15.83 27.81
N GLY D 234 -38.56 -15.27 27.68
CA GLY D 234 -38.46 -13.93 27.12
C GLY D 234 -39.03 -12.87 28.06
N GLY D 235 -39.19 -11.68 27.49
CA GLY D 235 -39.73 -10.58 28.28
C GLY D 235 -41.16 -10.81 28.71
N MET D 236 -41.92 -11.61 27.95
CA MET D 236 -43.33 -11.76 28.30
C MET D 236 -43.57 -12.61 29.53
N CYS D 237 -42.56 -13.38 29.99
CA CYS D 237 -42.80 -14.23 31.16
C CYS D 237 -43.10 -13.41 32.40
N PHE D 238 -42.64 -12.15 32.47
CA PHE D 238 -42.89 -11.39 33.69
C PHE D 238 -44.34 -10.97 33.82
N THR D 239 -45.08 -10.89 32.71
CA THR D 239 -46.50 -10.63 32.81
C THR D 239 -47.24 -11.84 33.39
N PHE D 240 -46.78 -13.06 33.03
CA PHE D 240 -47.34 -14.25 33.64
C PHE D 240 -47.00 -14.34 35.12
N LEU D 241 -45.75 -14.02 35.47
CA LEU D 241 -45.37 -14.04 36.89
C LEU D 241 -46.17 -13.01 37.68
N ALA D 242 -46.43 -11.85 37.09
CA ALA D 242 -47.27 -10.86 37.77
C ALA D 242 -48.70 -11.37 37.94
N ALA D 243 -49.22 -12.10 36.95
CA ALA D 243 -50.57 -12.65 37.07
C ALA D 243 -50.67 -13.66 38.21
N GLN D 244 -49.56 -14.29 38.58
CA GLN D 244 -49.57 -15.16 39.76
C GLN D 244 -49.42 -14.41 41.06
N GLY D 245 -49.33 -13.09 41.01
CA GLY D 245 -49.22 -12.28 42.21
C GLY D 245 -47.82 -11.96 42.64
N PHE D 246 -46.81 -12.32 41.85
CA PHE D 246 -45.43 -12.01 42.19
C PHE D 246 -45.05 -10.64 41.68
N SER D 247 -44.23 -9.92 42.45
CA SER D 247 -43.67 -8.66 41.99
CA SER D 247 -43.67 -8.66 42.00
C SER D 247 -42.53 -8.94 41.03
N VAL D 248 -42.38 -8.08 40.03
CA VAL D 248 -41.38 -8.32 38.99
C VAL D 248 -40.40 -7.15 38.87
N GLY D 249 -40.25 -6.36 39.92
CA GLY D 249 -39.24 -5.33 39.94
C GLY D 249 -39.45 -4.32 38.82
N LYS D 250 -38.37 -4.01 38.11
CA LYS D 250 -38.44 -3.08 36.99
C LYS D 250 -38.60 -3.80 35.65
N SER D 251 -39.01 -5.07 35.67
CA SER D 251 -39.14 -5.87 34.45
C SER D 251 -40.32 -5.39 33.59
N LEU D 252 -40.28 -5.79 32.31
CA LEU D 252 -41.37 -5.55 31.39
C LEU D 252 -42.67 -6.13 31.94
N LEU D 253 -43.74 -5.34 31.86
CA LEU D 253 -45.06 -5.76 32.36
C LEU D 253 -46.14 -5.22 31.44
N GLU D 254 -46.83 -6.11 30.73
CA GLU D 254 -47.91 -5.72 29.83
C GLU D 254 -49.20 -5.73 30.65
N THR D 255 -49.50 -4.58 31.25
CA THR D 255 -50.61 -4.50 32.20
C THR D 255 -51.92 -4.99 31.59
N GLU D 256 -52.18 -4.64 30.32
CA GLU D 256 -53.44 -5.02 29.70
C GLU D 256 -53.59 -6.53 29.51
N MET D 257 -52.53 -7.30 29.71
CA MET D 257 -52.57 -8.74 29.53
C MET D 257 -52.49 -9.52 30.83
N VAL D 258 -52.35 -8.84 31.97
CA VAL D 258 -52.19 -9.55 33.24
C VAL D 258 -53.39 -10.43 33.53
N ASP D 259 -54.60 -9.89 33.34
CA ASP D 259 -55.81 -10.63 33.68
C ASP D 259 -56.02 -11.80 32.72
N THR D 260 -55.69 -11.61 31.45
CA THR D 260 -55.71 -12.72 30.50
C THR D 260 -54.75 -13.81 30.92
N CYS D 261 -53.53 -13.44 31.33
CA CYS D 261 -52.55 -14.43 31.78
C CYS D 261 -53.07 -15.20 32.98
N ARG D 262 -53.75 -14.52 33.90
CA ARG D 262 -54.33 -15.22 35.04
C ARG D 262 -55.35 -16.26 34.58
N ARG D 263 -56.24 -15.88 33.65
CA ARG D 263 -57.21 -16.83 33.12
CA ARG D 263 -57.22 -16.84 33.13
C ARG D 263 -56.54 -18.01 32.45
N LEU D 264 -55.54 -17.74 31.62
CA LEU D 264 -54.82 -18.83 30.95
C LEU D 264 -54.16 -19.76 31.96
N LEU D 265 -53.53 -19.21 32.99
CA LEU D 265 -52.85 -20.04 33.97
C LEU D 265 -53.85 -20.86 34.76
N ASP D 266 -55.05 -20.33 34.99
CA ASP D 266 -56.06 -21.07 35.73
C ASP D 266 -56.71 -22.15 34.88
N THR D 267 -56.74 -21.96 33.57
CA THR D 267 -57.39 -22.89 32.65
C THR D 267 -56.43 -23.99 32.21
N TYR D 268 -55.16 -23.66 32.03
CA TYR D 268 -54.18 -24.57 31.48
C TYR D 268 -53.08 -24.84 32.51
N VAL D 269 -53.51 -25.28 33.70
CA VAL D 269 -52.60 -25.43 34.83
CA VAL D 269 -52.59 -25.41 34.83
C VAL D 269 -51.45 -26.36 34.50
N ASP D 270 -51.72 -27.43 33.74
CA ASP D 270 -50.71 -28.42 33.47
C ASP D 270 -49.86 -28.11 32.25
N VAL D 271 -50.32 -27.21 31.38
CA VAL D 271 -49.65 -26.98 30.11
C VAL D 271 -48.63 -25.86 30.21
N LEU D 272 -49.01 -24.72 30.80
CA LEU D 272 -48.12 -23.55 30.83
C LEU D 272 -47.02 -23.73 31.86
N ARG D 273 -45.77 -23.48 31.43
CA ARG D 273 -44.59 -23.61 32.26
C ARG D 273 -43.88 -22.27 32.32
N LEU D 274 -43.63 -21.77 33.52
CA LEU D 274 -42.93 -20.52 33.68
C LEU D 274 -41.54 -20.74 34.24
N PRO D 275 -40.62 -19.77 34.06
CA PRO D 275 -39.30 -19.91 34.67
C PRO D 275 -39.38 -19.98 36.19
N VAL D 276 -38.43 -20.71 36.79
CA VAL D 276 -38.28 -20.71 38.24
C VAL D 276 -37.16 -19.80 38.70
N ASP D 277 -36.34 -19.28 37.80
CA ASP D 277 -35.31 -18.33 38.17
C ASP D 277 -35.03 -17.44 36.97
N ILE D 278 -34.34 -16.33 37.24
CA ILE D 278 -34.27 -15.20 36.32
C ILE D 278 -32.87 -14.60 36.45
N VAL D 279 -32.26 -14.23 35.33
CA VAL D 279 -31.05 -13.42 35.36
C VAL D 279 -31.49 -11.97 35.25
N ALA D 280 -31.25 -11.20 36.31
CA ALA D 280 -31.73 -9.84 36.43
C ALA D 280 -30.57 -8.85 36.53
N ALA D 281 -30.86 -7.57 36.29
CA ALA D 281 -29.83 -6.55 36.32
C ALA D 281 -30.46 -5.22 36.74
N ASP D 282 -29.61 -4.29 37.17
CA ASP D 282 -30.14 -3.03 37.68
C ASP D 282 -30.42 -2.00 36.58
N ARG D 283 -30.07 -2.30 35.34
CA ARG D 283 -30.30 -1.37 34.24
C ARG D 283 -30.20 -2.15 32.94
N PHE D 284 -30.67 -1.54 31.85
CA PHE D 284 -30.65 -2.19 30.53
C PHE D 284 -29.33 -1.81 29.86
N ALA D 285 -28.34 -2.69 29.97
CA ALA D 285 -27.02 -2.43 29.40
C ALA D 285 -26.26 -3.74 29.35
N ALA D 286 -25.41 -3.89 28.33
CA ALA D 286 -24.70 -5.14 28.18
C ALA D 286 -23.75 -5.40 29.34
N ASP D 287 -23.22 -4.35 29.96
CA ASP D 287 -22.27 -4.47 31.05
C ASP D 287 -22.92 -4.43 32.43
N ALA D 288 -24.25 -4.46 32.52
CA ALA D 288 -24.88 -4.50 33.83
C ALA D 288 -24.64 -5.86 34.48
N ALA D 289 -24.33 -5.84 35.77
CA ALA D 289 -23.97 -7.06 36.48
C ALA D 289 -25.14 -8.05 36.50
N PRO D 290 -24.97 -9.27 36.00
CA PRO D 290 -26.06 -10.25 36.07
C PRO D 290 -26.22 -10.76 37.49
N GLN D 291 -27.48 -10.89 37.91
CA GLN D 291 -27.81 -11.43 39.23
C GLN D 291 -28.90 -12.48 39.05
N THR D 292 -28.62 -13.70 39.50
CA THR D 292 -29.61 -14.77 39.41
C THR D 292 -30.52 -14.70 40.64
N VAL D 293 -31.82 -14.61 40.39
CA VAL D 293 -32.81 -14.43 41.46
C VAL D 293 -33.93 -15.43 41.21
N PRO D 294 -34.64 -15.85 42.25
CA PRO D 294 -35.80 -16.73 42.03
C PRO D 294 -36.92 -15.97 41.32
N ALA D 295 -37.66 -16.68 40.48
CA ALA D 295 -38.72 -16.04 39.71
C ALA D 295 -39.77 -15.42 40.62
N ASP D 296 -39.97 -16.00 41.80
CA ASP D 296 -40.94 -15.49 42.76
C ASP D 296 -40.32 -14.56 43.79
N ALA D 297 -39.08 -14.11 43.56
CA ALA D 297 -38.43 -13.17 44.46
C ALA D 297 -37.51 -12.22 43.67
N ILE D 298 -38.04 -11.66 42.59
CA ILE D 298 -37.30 -10.64 41.84
C ILE D 298 -37.24 -9.37 42.67
N PRO D 299 -36.05 -8.83 42.94
CA PRO D 299 -35.98 -7.61 43.76
C PRO D 299 -36.60 -6.42 43.07
N ASP D 300 -37.09 -5.49 43.88
CA ASP D 300 -37.84 -4.35 43.36
C ASP D 300 -37.02 -3.49 42.41
N ASP D 301 -35.69 -3.47 42.57
CA ASP D 301 -34.86 -2.56 41.81
C ASP D 301 -34.21 -3.19 40.57
N LEU D 302 -34.48 -4.46 40.28
CA LEU D 302 -33.89 -5.12 39.13
C LEU D 302 -34.93 -5.41 38.05
N MET D 303 -34.46 -5.54 36.82
CA MET D 303 -35.27 -6.02 35.72
C MET D 303 -34.75 -7.38 35.26
N GLY D 304 -35.67 -8.30 34.97
CA GLY D 304 -35.28 -9.60 34.41
C GLY D 304 -34.94 -9.47 32.94
N LEU D 305 -33.77 -9.98 32.57
CA LEU D 305 -33.29 -9.93 31.19
C LEU D 305 -33.02 -11.29 30.58
N ASP D 306 -33.13 -12.38 31.35
CA ASP D 306 -32.96 -13.72 30.81
C ASP D 306 -33.62 -14.69 31.78
N ILE D 307 -33.93 -15.88 31.29
CA ILE D 307 -34.30 -16.97 32.20
C ILE D 307 -33.03 -17.51 32.84
N GLY D 308 -33.15 -17.99 34.08
CA GLY D 308 -31.99 -18.38 34.86
C GLY D 308 -31.57 -19.82 34.57
N PRO D 309 -30.45 -20.21 35.18
CA PRO D 309 -29.86 -21.53 34.87
C PRO D 309 -30.70 -22.70 35.34
N GLY D 310 -31.44 -22.55 36.45
CA GLY D 310 -32.32 -23.64 36.86
C GLY D 310 -33.46 -23.83 35.90
N SER D 311 -33.97 -22.74 35.32
CA SER D 311 -34.99 -22.82 34.29
C SER D 311 -34.46 -23.48 33.02
N VAL D 312 -33.24 -23.09 32.60
CA VAL D 312 -32.66 -23.72 31.42
C VAL D 312 -32.55 -25.23 31.61
N LYS D 313 -32.07 -25.65 32.78
CA LYS D 313 -31.94 -27.09 33.04
C LYS D 313 -33.31 -27.77 33.03
N ARG D 314 -34.31 -27.16 33.68
CA ARG D 314 -35.65 -27.73 33.70
C ARG D 314 -36.23 -27.85 32.30
N PHE D 315 -36.17 -26.76 31.52
CA PHE D 315 -36.73 -26.79 30.17
C PHE D 315 -35.93 -27.71 29.25
N THR D 316 -34.62 -27.80 29.45
CA THR D 316 -33.83 -28.74 28.64
C THR D 316 -34.27 -30.18 28.90
N ALA D 317 -34.47 -30.53 30.17
CA ALA D 317 -34.87 -31.90 30.49
C ALA D 317 -36.24 -32.22 29.89
N LEU D 318 -37.16 -31.26 29.96
CA LEU D 318 -38.47 -31.43 29.33
C LEU D 318 -38.33 -31.61 27.82
N LEU D 319 -37.55 -30.75 27.17
CA LEU D 319 -37.41 -30.82 25.72
C LEU D 319 -36.76 -32.13 25.28
N SER D 320 -35.89 -32.69 26.12
CA SER D 320 -35.23 -33.95 25.79
CA SER D 320 -35.23 -33.95 25.76
C SER D 320 -36.19 -35.13 25.72
N ASN D 321 -37.40 -34.97 26.25
CA ASN D 321 -38.43 -36.00 26.20
C ASN D 321 -39.45 -35.77 25.09
N ALA D 322 -39.35 -34.68 24.34
CA ALA D 322 -40.37 -34.32 23.38
C ALA D 322 -40.15 -35.00 22.04
N GLU D 323 -41.25 -35.36 21.37
CA GLU D 323 -41.16 -35.86 20.01
C GLU D 323 -41.35 -34.75 18.97
N THR D 324 -42.10 -33.71 19.33
CA THR D 324 -42.37 -32.58 18.46
C THR D 324 -42.08 -31.32 19.26
N ILE D 325 -41.33 -30.38 18.68
CA ILE D 325 -40.99 -29.12 19.33
C ILE D 325 -41.31 -27.98 18.39
N PHE D 326 -42.02 -26.96 18.89
CA PHE D 326 -42.17 -25.69 18.18
C PHE D 326 -41.61 -24.59 19.06
N TRP D 327 -40.72 -23.77 18.50
CA TRP D 327 -40.07 -22.70 19.24
C TRP D 327 -40.19 -21.39 18.47
N ASN D 328 -40.70 -20.35 19.13
CA ASN D 328 -40.71 -19.02 18.55
C ASN D 328 -40.41 -18.00 19.65
N GLY D 329 -39.24 -17.37 19.57
CA GLY D 329 -38.97 -16.19 20.38
C GLY D 329 -37.82 -16.36 21.35
N PRO D 330 -36.96 -15.34 21.45
CA PRO D 330 -35.80 -15.43 22.35
CA PRO D 330 -35.81 -15.45 22.35
C PRO D 330 -36.23 -15.54 23.82
N MET D 331 -35.37 -16.14 24.61
CA MET D 331 -35.62 -16.34 26.03
C MET D 331 -35.17 -15.15 26.87
N GLY D 332 -34.38 -14.26 26.28
CA GLY D 332 -33.85 -13.12 26.98
C GLY D 332 -33.13 -12.22 25.99
N VAL D 333 -32.36 -11.28 26.51
CA VAL D 333 -31.68 -10.30 25.67
C VAL D 333 -30.37 -10.89 25.16
N PHE D 334 -30.46 -11.81 24.20
CA PHE D 334 -29.31 -12.59 23.76
C PHE D 334 -28.29 -11.74 22.99
N GLU D 335 -28.67 -10.54 22.56
CA GLU D 335 -27.70 -9.65 21.94
C GLU D 335 -26.59 -9.27 22.91
N PHE D 336 -26.86 -9.34 24.21
CA PHE D 336 -25.86 -9.07 25.24
C PHE D 336 -25.37 -10.40 25.80
N PRO D 337 -24.08 -10.73 25.69
CA PRO D 337 -23.62 -12.08 26.12
C PRO D 337 -24.04 -12.47 27.53
N ALA D 338 -24.04 -11.53 28.48
CA ALA D 338 -24.40 -11.88 29.86
C ALA D 338 -25.83 -12.36 29.98
N PHE D 339 -26.69 -12.02 29.01
CA PHE D 339 -28.11 -12.35 29.07
C PHE D 339 -28.52 -13.23 27.91
N ALA D 340 -27.56 -14.00 27.40
CA ALA D 340 -27.78 -14.88 26.25
C ALA D 340 -27.90 -16.34 26.61
N ALA D 341 -27.56 -16.75 27.83
CA ALA D 341 -27.47 -18.17 28.14
C ALA D 341 -28.82 -18.87 28.05
N GLY D 342 -29.91 -18.17 28.38
CA GLY D 342 -31.21 -18.80 28.31
C GLY D 342 -31.60 -19.16 26.89
N THR D 343 -31.32 -18.26 25.94
CA THR D 343 -31.63 -18.54 24.54
C THR D 343 -30.67 -19.56 23.96
N LYS D 344 -29.38 -19.43 24.24
CA LYS D 344 -28.42 -20.41 23.76
C LYS D 344 -28.73 -21.80 24.33
N GLY D 345 -29.03 -21.87 25.62
CA GLY D 345 -29.29 -23.17 26.23
C GLY D 345 -30.53 -23.83 25.67
N LEU D 346 -31.59 -23.06 25.44
CA LEU D 346 -32.81 -23.66 24.89
C LEU D 346 -32.61 -24.06 23.44
N ALA D 347 -31.94 -23.22 22.64
CA ALA D 347 -31.70 -23.60 21.25
C ALA D 347 -30.84 -24.85 21.18
N GLU D 348 -29.82 -24.94 22.04
CA GLU D 348 -28.99 -26.14 22.09
C GLU D 348 -29.79 -27.35 22.55
N ALA D 349 -30.72 -27.19 23.50
CA ALA D 349 -31.54 -28.32 23.93
C ALA D 349 -32.40 -28.85 22.79
N ILE D 350 -32.96 -27.94 22.00
CA ILE D 350 -33.81 -28.34 20.88
C ILE D 350 -32.97 -29.05 19.81
N ALA D 351 -31.79 -28.51 19.50
CA ALA D 351 -30.92 -29.15 18.52
C ALA D 351 -30.51 -30.54 18.99
N ALA D 352 -30.23 -30.69 20.29
CA ALA D 352 -29.86 -31.99 20.81
C ALA D 352 -31.01 -32.98 20.68
N ALA D 353 -32.24 -32.53 21.01
CA ALA D 353 -33.40 -33.40 20.88
C ALA D 353 -33.64 -33.79 19.43
N THR D 354 -33.42 -32.85 18.50
CA THR D 354 -33.57 -33.13 17.08
C THR D 354 -32.55 -34.16 16.61
N GLY D 355 -31.29 -34.04 17.09
CA GLY D 355 -30.29 -35.04 16.78
C GLY D 355 -30.63 -36.44 17.26
N LYS D 356 -31.53 -36.56 18.24
CA LYS D 356 -32.00 -37.85 18.73
C LYS D 356 -33.36 -38.25 18.16
N GLY D 357 -33.90 -37.49 17.23
CA GLY D 357 -35.09 -37.91 16.49
C GLY D 357 -36.29 -37.01 16.62
N ALA D 358 -36.25 -35.96 17.44
CA ALA D 358 -37.40 -35.07 17.56
C ALA D 358 -37.61 -34.29 16.27
N PHE D 359 -38.88 -33.94 16.01
CA PHE D 359 -39.23 -33.05 14.91
C PHE D 359 -39.38 -31.65 15.47
N SER D 360 -38.51 -30.74 15.04
CA SER D 360 -38.44 -29.41 15.64
C SER D 360 -38.66 -28.33 14.58
N VAL D 361 -39.46 -27.33 14.94
CA VAL D 361 -39.79 -26.24 14.04
C VAL D 361 -39.47 -24.93 14.76
N VAL D 362 -38.72 -24.06 14.09
CA VAL D 362 -38.38 -22.74 14.60
C VAL D 362 -39.14 -21.70 13.78
N GLY D 363 -39.86 -20.82 14.46
CA GLY D 363 -40.58 -19.76 13.80
C GLY D 363 -40.13 -18.41 14.32
N GLY D 364 -40.24 -17.38 13.47
CA GLY D 364 -39.93 -16.02 13.88
C GLY D 364 -38.57 -15.53 13.45
N GLY D 365 -38.50 -14.29 12.95
CA GLY D 365 -37.21 -13.73 12.56
C GLY D 365 -36.24 -13.56 13.70
N ASP D 366 -36.76 -13.24 14.90
CA ASP D 366 -35.87 -13.08 16.06
CA ASP D 366 -35.86 -13.09 16.04
C ASP D 366 -35.27 -14.42 16.47
N SER D 367 -36.05 -15.50 16.39
N SER D 367 -36.05 -15.50 16.39
CA SER D 367 -35.53 -16.83 16.71
CA SER D 367 -35.50 -16.82 16.73
C SER D 367 -34.44 -17.22 15.73
C SER D 367 -34.44 -17.24 15.73
N ALA D 368 -34.68 -16.97 14.43
CA ALA D 368 -33.68 -17.31 13.43
C ALA D 368 -32.42 -16.48 13.61
N ALA D 369 -32.57 -15.19 13.93
CA ALA D 369 -31.42 -14.34 14.16
C ALA D 369 -30.62 -14.81 15.38
N ALA D 370 -31.31 -15.31 16.40
CA ALA D 370 -30.62 -15.82 17.58
C ALA D 370 -29.85 -17.10 17.23
N VAL D 371 -30.46 -18.02 16.50
CA VAL D 371 -29.76 -19.23 16.09
C VAL D 371 -28.47 -18.89 15.36
N ARG D 372 -28.54 -17.94 14.44
CA ARG D 372 -27.36 -17.58 13.65
C ARG D 372 -26.35 -16.80 14.47
N ALA D 373 -26.80 -15.86 15.30
CA ALA D 373 -25.86 -15.06 16.10
C ALA D 373 -25.13 -15.92 17.11
N LEU D 374 -25.80 -16.93 17.66
CA LEU D 374 -25.23 -17.81 18.66
C LEU D 374 -24.50 -19.01 18.05
N GLY D 375 -24.47 -19.12 16.72
CA GLY D 375 -23.69 -20.16 16.07
C GLY D 375 -24.20 -21.57 16.26
N ILE D 376 -25.50 -21.76 16.43
CA ILE D 376 -26.09 -23.09 16.54
C ILE D 376 -26.37 -23.60 15.13
N PRO D 377 -25.81 -24.74 14.73
CA PRO D 377 -26.00 -25.20 13.34
C PRO D 377 -27.46 -25.39 13.02
N GLU D 378 -27.85 -24.94 11.83
CA GLU D 378 -29.25 -25.02 11.42
C GLU D 378 -29.70 -26.45 11.21
N SER D 379 -28.77 -27.38 10.97
CA SER D 379 -29.10 -28.79 10.89
C SER D 379 -29.72 -29.31 12.18
N GLY D 380 -29.54 -28.59 13.30
CA GLY D 380 -30.17 -28.97 14.56
C GLY D 380 -31.66 -28.70 14.63
N PHE D 381 -32.25 -28.22 13.54
CA PHE D 381 -33.67 -27.95 13.52
C PHE D 381 -34.27 -28.56 12.28
N SER D 382 -35.42 -29.23 12.44
CA SER D 382 -36.01 -29.90 11.29
C SER D 382 -36.47 -28.91 10.24
N HIS D 383 -37.01 -27.76 10.69
CA HIS D 383 -37.61 -26.81 9.78
C HIS D 383 -37.47 -25.43 10.41
N ILE D 384 -36.82 -24.51 9.73
CA ILE D 384 -36.78 -23.12 10.15
C ILE D 384 -37.71 -22.35 9.23
N SER D 385 -38.83 -21.91 9.79
CA SER D 385 -39.92 -21.36 9.00
C SER D 385 -39.64 -19.91 8.65
N THR D 386 -39.85 -19.56 7.39
CA THR D 386 -39.73 -18.19 6.91
C THR D 386 -41.09 -17.55 6.65
N GLY D 387 -42.18 -18.20 7.07
CA GLY D 387 -43.53 -17.73 6.80
C GLY D 387 -43.95 -16.50 7.58
N GLY D 388 -43.17 -16.10 8.58
CA GLY D 388 -43.45 -14.86 9.31
C GLY D 388 -44.86 -14.83 9.89
N GLY D 389 -45.56 -13.72 9.66
CA GLY D 389 -46.89 -13.56 10.20
C GLY D 389 -47.89 -14.59 9.72
N ALA D 390 -47.78 -15.04 8.47
CA ALA D 390 -48.70 -16.04 7.95
C ALA D 390 -48.61 -17.34 8.74
N SER D 391 -47.40 -17.77 9.08
CA SER D 391 -47.24 -19.02 9.80
C SER D 391 -47.82 -18.92 11.20
N LEU D 392 -47.68 -17.76 11.84
CA LEU D 392 -48.23 -17.57 13.17
C LEU D 392 -49.76 -17.62 13.15
N GLU D 393 -50.38 -16.96 12.17
CA GLU D 393 -51.84 -16.97 12.07
C GLU D 393 -52.37 -18.37 11.75
N TYR D 394 -51.61 -19.18 11.01
CA TYR D 394 -52.02 -20.56 10.81
C TYR D 394 -52.12 -21.30 12.15
N LEU D 395 -51.10 -21.14 13.00
CA LEU D 395 -51.09 -21.83 14.28
C LEU D 395 -52.15 -21.32 15.23
N GLU D 396 -52.70 -20.13 14.97
CA GLU D 396 -53.77 -19.59 15.80
C GLU D 396 -55.13 -20.20 15.51
N GLY D 397 -55.23 -21.06 14.50
CA GLY D 397 -56.49 -21.65 14.13
C GLY D 397 -57.29 -20.88 13.11
N LYS D 398 -56.72 -19.81 12.55
CA LYS D 398 -57.41 -19.03 11.53
C LYS D 398 -57.34 -19.75 10.19
N ALA D 399 -58.44 -19.67 9.44
CA ALA D 399 -58.47 -20.16 8.07
C ALA D 399 -57.81 -19.11 7.19
N LEU D 400 -56.60 -19.42 6.69
CA LEU D 400 -55.90 -18.43 5.87
C LEU D 400 -56.51 -18.40 4.47
N PRO D 401 -56.90 -17.23 3.96
CA PRO D 401 -57.62 -17.20 2.66
C PRO D 401 -56.83 -17.82 1.52
N GLY D 402 -55.52 -17.60 1.47
CA GLY D 402 -54.69 -18.19 0.43
C GLY D 402 -54.51 -19.69 0.54
N ILE D 403 -54.85 -20.28 1.67
CA ILE D 403 -54.85 -21.73 1.82
C ILE D 403 -56.24 -22.30 1.59
N GLU D 404 -57.24 -21.69 2.20
CA GLU D 404 -58.61 -22.14 2.03
C GLU D 404 -59.00 -22.18 0.56
N VAL D 405 -58.61 -21.16 -0.20
CA VAL D 405 -59.04 -21.08 -1.59
C VAL D 405 -58.48 -22.25 -2.38
N LEU D 406 -57.33 -22.78 -1.97
CA LEU D 406 -56.70 -23.89 -2.68
C LEU D 406 -57.40 -25.21 -2.42
N GLY D 407 -58.19 -25.32 -1.35
CA GLY D 407 -58.94 -26.53 -1.09
C GLY D 407 -60.27 -26.60 -1.78
N ARG D 408 -60.69 -25.53 -2.44
CA ARG D 408 -61.96 -25.52 -3.14
C ARG D 408 -61.88 -26.44 -4.35
N PRO D 409 -63.02 -26.98 -4.80
CA PRO D 409 -63.01 -27.84 -5.98
C PRO D 409 -62.41 -27.13 -7.19
N GLN D 410 -61.80 -27.91 -8.07
CA GLN D 410 -61.25 -27.35 -9.30
C GLN D 410 -62.40 -26.94 -10.22
N PRO D 411 -62.25 -25.83 -10.97
CA PRO D 411 -63.25 -25.34 -11.94
C PRO D 411 -63.81 -26.42 -12.84
#